data_6NYR
#
_entry.id   6NYR
#
_cell.length_a   65.403
_cell.length_b   172.620
_cell.length_c   92.333
_cell.angle_alpha   90.00
_cell.angle_beta   94.79
_cell.angle_gamma   90.00
#
_symmetry.space_group_name_H-M   'P 1 21 1'
#
loop_
_entity.id
_entity.type
_entity.pdbx_description
1 polymer Crov588
2 non-polymer GLYCEROL
3 water water
#
_entity_poly.entity_id   1
_entity_poly.type   'polypeptide(L)'
_entity_poly.pdbx_seq_one_letter_code
;MEKYTIKETILTFNNEFNDPLDKYYKILSNPKIDTIEFGEKFNQEIDHLIPSNIKVIKFGWTSEFNKDVNFLTESLTEIY
YGIYKNHSLEELQNLPKSLLKLKLGDVFNQEIVENVLPGGLTHLTFGEEFNQKIVENVLPGGLTHLTFGEEFNQKIVENV
LPNSLTHLSFGDCFNQKITENVLPNSLTYLEFGRNFNQKITENVLPNSLTHLTFGWYFNQQITENVLPNSLTYLEFGRNF
NQQITENVLPNSLTYLEFGRNFNQQITENVLPNSLTHITFGNNFNQIITENVLPNSLTHLTFGNNFNQIITENVLPNSLT
HLTFGDDFNQIITENVLPNSLTHLTFGDDFNQIITENVLPNSLTHLTFGDDFNQIITENVLPNSLVHLSFGCEFNQEIAE
KVLPNSLTYLELGHNFNQKIIENVLPNGLVHLSFGCKFNQEIVENVLPDSLTHLSFGHCFNQKITENVLPNSLTYLELGH
NFNQKIIENVLPDRLTYLELGHDFNQKIMENVLPNSLTHLIFGTSFNQNLTENVLPNSLTHLTFGTCFNQKIIENVLPNS
LTHLEFGPKFNQKITENVLPNSLTHLTFGTSFNQKITENVLPNGLTYLTFGLRFNQKITENVLPCSLTHLTFGWYFNQEL
TENVLPDTLKVLKIYYGNKDIILKNIDTSKIKFKIEYFNKN
;
_entity_poly.pdbx_strand_id   A,B
#
loop_
_chem_comp.id
_chem_comp.type
_chem_comp.name
_chem_comp.formula
GOL non-polymer GLYCEROL 'C3 H8 O3'
#
# COMPACT_ATOMS: atom_id res chain seq x y z
N MET A 1 26.36 -7.38 -0.11
CA MET A 1 25.57 -7.35 1.16
C MET A 1 26.10 -8.40 2.15
N GLU A 2 26.94 -9.32 1.67
CA GLU A 2 27.69 -10.24 2.55
C GLU A 2 28.98 -10.59 1.81
N LYS A 3 29.98 -9.69 1.91
CA LYS A 3 31.22 -9.83 1.16
C LYS A 3 32.23 -8.75 1.52
N TYR A 4 33.42 -8.78 0.90
CA TYR A 4 34.31 -7.63 0.85
C TYR A 4 34.30 -7.14 -0.61
N THR A 5 34.76 -5.91 -0.84
CA THR A 5 34.77 -5.34 -2.18
C THR A 5 36.01 -4.50 -2.46
N ILE A 6 36.53 -4.64 -3.68
CA ILE A 6 37.73 -3.93 -4.13
C ILE A 6 37.34 -2.87 -5.15
N LYS A 7 37.81 -1.63 -4.92
CA LYS A 7 37.57 -0.51 -5.85
C LYS A 7 38.86 0.27 -6.03
N GLU A 8 39.38 0.36 -7.26
CA GLU A 8 40.66 1.05 -7.50
C GLU A 8 41.76 0.45 -6.64
N THR A 9 42.28 1.21 -5.71
CA THR A 9 43.29 0.71 -4.77
C THR A 9 42.74 0.32 -3.41
N ILE A 10 41.52 0.71 -3.11
CA ILE A 10 40.94 0.56 -1.79
C ILE A 10 40.16 -0.75 -1.73
N LEU A 11 40.56 -1.62 -0.81
CA LEU A 11 39.76 -2.78 -0.41
C LEU A 11 38.95 -2.43 0.82
N THR A 12 37.63 -2.66 0.75
CA THR A 12 36.71 -2.37 1.83
C THR A 12 36.07 -3.69 2.28
N PHE A 13 36.26 -4.05 3.54
CA PHE A 13 35.56 -5.20 4.09
C PHE A 13 34.09 -4.85 4.34
N ASN A 14 33.28 -5.88 4.61
CA ASN A 14 31.87 -5.67 4.90
C ASN A 14 31.75 -4.83 6.17
N ASN A 15 30.64 -4.10 6.29
CA ASN A 15 30.41 -3.36 7.52
C ASN A 15 30.05 -4.30 8.66
N GLU A 16 29.75 -5.56 8.34
CA GLU A 16 29.45 -6.58 9.35
C GLU A 16 30.57 -7.60 9.46
N PHE A 17 31.68 -7.37 8.75
CA PHE A 17 32.76 -8.34 8.66
C PHE A 17 33.56 -8.34 9.96
N ASN A 18 33.61 -9.50 10.62
CA ASN A 18 34.33 -9.67 11.87
C ASN A 18 34.86 -11.11 11.86
N ASP A 19 35.84 -11.36 11.01
CA ASP A 19 36.48 -12.66 10.92
C ASP A 19 37.99 -12.52 11.02
N PRO A 20 38.67 -13.49 11.65
CA PRO A 20 40.14 -13.43 11.70
C PRO A 20 40.73 -13.36 10.31
N LEU A 21 41.90 -12.70 10.21
CA LEU A 21 42.53 -12.42 8.94
C LEU A 21 43.55 -13.46 8.51
N ASP A 22 43.73 -14.53 9.29
CA ASP A 22 44.83 -15.45 9.04
C ASP A 22 44.84 -15.97 7.61
N LYS A 23 43.67 -16.09 6.99
CA LYS A 23 43.55 -16.69 5.67
C LYS A 23 43.46 -15.68 4.54
N TYR A 24 43.47 -14.37 4.86
CA TYR A 24 43.31 -13.33 3.86
C TYR A 24 44.63 -12.76 3.37
N TYR A 25 45.76 -13.25 3.88
CA TYR A 25 47.06 -12.72 3.47
C TYR A 25 47.18 -12.68 1.96
N LYS A 26 46.81 -13.78 1.29
CA LYS A 26 46.83 -13.81 -0.16
C LYS A 26 45.98 -12.69 -0.75
N ILE A 27 44.74 -12.56 -0.27
CA ILE A 27 43.85 -11.54 -0.81
C ILE A 27 44.45 -10.15 -0.58
N LEU A 28 45.04 -9.93 0.59
CA LEU A 28 45.53 -8.61 0.96
C LEU A 28 46.88 -8.28 0.33
N SER A 29 47.56 -9.25 -0.27
CA SER A 29 48.83 -9.01 -0.92
C SER A 29 48.69 -8.57 -2.38
N ASN A 30 47.46 -8.39 -2.86
CA ASN A 30 47.23 -7.97 -4.24
C ASN A 30 47.93 -6.64 -4.51
N PRO A 31 48.90 -6.58 -5.43
CA PRO A 31 49.75 -5.39 -5.53
C PRO A 31 49.05 -4.12 -6.01
N LYS A 32 47.77 -4.13 -6.36
CA LYS A 32 47.12 -2.90 -6.80
C LYS A 32 46.31 -2.22 -5.70
N ILE A 33 46.28 -2.77 -4.48
CA ILE A 33 45.53 -2.16 -3.38
C ILE A 33 46.52 -1.45 -2.47
N ASP A 34 46.21 -0.18 -2.16
CA ASP A 34 47.01 0.62 -1.26
C ASP A 34 46.47 0.67 0.15
N THR A 35 45.16 0.54 0.31
CA THR A 35 44.51 0.80 1.57
C THR A 35 43.58 -0.34 1.94
N ILE A 36 43.32 -0.46 3.24
CA ILE A 36 42.28 -1.34 3.77
C ILE A 36 41.30 -0.45 4.52
N GLU A 37 40.02 -0.66 4.26
CA GLU A 37 38.95 0.00 5.01
C GLU A 37 38.22 -1.04 5.83
N PHE A 38 38.28 -0.91 7.15
CA PHE A 38 37.52 -1.75 8.06
C PHE A 38 36.23 -1.05 8.46
N GLY A 39 35.27 -1.84 8.94
CA GLY A 39 33.95 -1.33 9.22
C GLY A 39 33.58 -1.31 10.69
N GLU A 40 32.27 -1.36 10.96
CA GLU A 40 31.79 -1.24 12.34
C GLU A 40 32.19 -2.45 13.17
N LYS A 41 31.94 -3.65 12.66
CA LYS A 41 31.97 -4.84 13.48
C LYS A 41 33.35 -5.48 13.61
N PHE A 42 34.31 -5.12 12.75
CA PHE A 42 35.59 -5.78 12.79
C PHE A 42 36.30 -5.53 14.11
N ASN A 43 36.71 -6.62 14.78
CA ASN A 43 37.42 -6.54 16.05
C ASN A 43 38.29 -7.80 16.18
N GLN A 44 39.36 -7.85 15.39
CA GLN A 44 40.29 -8.98 15.41
C GLN A 44 41.71 -8.45 15.33
N GLU A 45 42.67 -9.26 15.78
CA GLU A 45 44.07 -8.90 15.71
C GLU A 45 44.46 -8.53 14.29
N ILE A 46 45.38 -7.57 14.17
CA ILE A 46 45.91 -7.18 12.87
C ILE A 46 47.42 -7.04 12.91
N ASP A 47 48.03 -7.47 14.02
CA ASP A 47 49.45 -7.27 14.23
C ASP A 47 50.30 -7.81 13.09
N HIS A 48 50.43 -9.13 12.99
CA HIS A 48 51.30 -9.76 12.00
C HIS A 48 50.54 -10.26 10.78
N LEU A 49 49.35 -9.73 10.53
CA LEU A 49 48.45 -10.27 9.51
C LEU A 49 48.22 -9.28 8.37
N ILE A 50 49.15 -8.36 8.16
CA ILE A 50 48.98 -7.32 7.15
C ILE A 50 50.21 -7.29 6.24
N PRO A 51 50.09 -7.64 4.97
CA PRO A 51 51.26 -7.55 4.08
C PRO A 51 51.68 -6.09 3.92
N SER A 52 52.89 -5.90 3.40
CA SER A 52 53.50 -4.58 3.37
C SER A 52 53.14 -3.77 2.14
N ASN A 53 52.27 -4.29 1.28
CA ASN A 53 51.80 -3.50 0.15
C ASN A 53 50.77 -2.44 0.56
N ILE A 54 50.04 -2.66 1.64
CA ILE A 54 49.01 -1.72 2.07
C ILE A 54 49.64 -0.68 2.98
N LYS A 55 49.43 0.58 2.64
CA LYS A 55 50.05 1.70 3.34
C LYS A 55 49.06 2.53 4.13
N VAL A 56 47.76 2.25 4.01
CA VAL A 56 46.70 3.02 4.65
C VAL A 56 45.73 2.05 5.28
N ILE A 57 45.41 2.24 6.56
CA ILE A 57 44.43 1.44 7.27
C ILE A 57 43.41 2.41 7.85
N LYS A 58 42.22 2.42 7.27
CA LYS A 58 41.13 3.30 7.67
C LYS A 58 40.07 2.46 8.37
N PHE A 59 39.71 2.83 9.60
CA PHE A 59 38.83 2.00 10.41
C PHE A 59 37.37 2.42 10.38
N GLY A 60 37.06 3.69 10.13
CA GLY A 60 35.67 4.12 10.15
C GLY A 60 35.20 4.45 11.55
N TRP A 61 34.56 5.62 11.70
CA TRP A 61 34.48 6.26 13.00
C TRP A 61 33.70 5.46 14.04
N THR A 62 32.81 4.56 13.62
CA THR A 62 32.03 3.78 14.58
C THR A 62 32.62 2.41 14.85
N SER A 63 33.85 2.15 14.39
CA SER A 63 34.43 0.82 14.50
C SER A 63 34.49 0.33 15.95
N GLU A 64 34.24 -0.97 16.11
CA GLU A 64 34.27 -1.63 17.42
C GLU A 64 35.64 -2.22 17.75
N PHE A 65 36.67 -1.85 16.99
CA PHE A 65 38.02 -2.39 17.18
C PHE A 65 38.66 -1.81 18.44
N ASN A 66 39.13 -2.71 19.32
CA ASN A 66 40.01 -2.32 20.43
C ASN A 66 40.93 -3.50 20.75
N LYS A 67 41.90 -3.74 19.88
CA LYS A 67 42.95 -4.71 20.12
C LYS A 67 44.28 -3.98 20.32
N ASP A 68 45.15 -4.55 21.16
CA ASP A 68 46.51 -4.04 21.25
C ASP A 68 47.20 -4.17 19.90
N VAL A 69 47.86 -3.11 19.46
CA VAL A 69 48.47 -3.04 18.15
C VAL A 69 49.90 -2.52 18.34
N ASN A 70 50.88 -3.41 18.15
CA ASN A 70 52.27 -3.05 18.38
C ASN A 70 53.23 -3.41 17.26
N PHE A 71 52.76 -4.03 16.18
CA PHE A 71 53.65 -4.47 15.11
C PHE A 71 53.06 -4.13 13.74
N LEU A 72 52.82 -2.84 13.51
CA LEU A 72 52.41 -2.41 12.19
C LEU A 72 53.57 -2.52 11.21
N THR A 73 53.23 -2.75 9.94
CA THR A 73 54.23 -2.78 8.89
C THR A 73 55.06 -1.51 8.90
N GLU A 74 56.35 -1.65 8.62
CA GLU A 74 57.23 -0.49 8.54
C GLU A 74 57.13 0.19 7.17
N SER A 75 56.07 -0.15 6.42
CA SER A 75 55.68 0.57 5.21
C SER A 75 54.34 1.28 5.36
N LEU A 76 53.66 1.11 6.49
CA LEU A 76 52.47 1.91 6.77
C LEU A 76 52.83 3.40 6.78
N THR A 77 52.01 4.21 6.12
CA THR A 77 52.13 5.66 6.19
C THR A 77 50.92 6.33 6.81
N GLU A 78 49.78 5.66 6.89
CA GLU A 78 48.56 6.25 7.41
C GLU A 78 47.77 5.20 8.17
N ILE A 79 47.21 5.60 9.31
CA ILE A 79 46.24 4.76 10.01
C ILE A 79 45.31 5.66 10.80
N TYR A 80 44.01 5.35 10.73
CA TYR A 80 42.97 6.14 11.37
C TYR A 80 42.12 5.21 12.22
N TYR A 81 42.07 5.48 13.52
CA TYR A 81 41.36 4.63 14.46
C TYR A 81 39.98 5.22 14.78
N GLY A 82 39.13 4.39 15.39
CA GLY A 82 37.73 4.68 15.58
C GLY A 82 37.36 4.94 17.02
N ILE A 83 36.07 4.74 17.31
CA ILE A 83 35.48 5.27 18.53
C ILE A 83 35.86 4.47 19.77
N TYR A 84 36.08 3.16 19.62
CA TYR A 84 36.30 2.30 20.78
C TYR A 84 37.77 1.98 21.03
N LYS A 85 38.68 2.51 20.21
CA LYS A 85 40.08 2.16 20.31
C LYS A 85 40.80 3.02 21.36
N ASN A 86 41.53 2.35 22.24
CA ASN A 86 42.39 2.99 23.23
C ASN A 86 43.85 2.80 22.82
N HIS A 87 44.74 3.50 23.50
CA HIS A 87 46.17 3.32 23.32
C HIS A 87 46.89 3.39 24.66
N SER A 88 47.95 2.59 24.79
CA SER A 88 48.99 2.83 25.78
C SER A 88 50.11 3.63 25.11
N LEU A 89 50.90 4.32 25.93
CA LEU A 89 52.01 5.07 25.37
C LEU A 89 53.05 4.15 24.72
N GLU A 90 53.24 2.96 25.27
CA GLU A 90 54.05 1.95 24.59
C GLU A 90 53.55 1.72 23.17
N GLU A 91 52.25 1.50 23.00
CA GLU A 91 51.69 1.31 21.67
C GLU A 91 52.10 2.43 20.72
N LEU A 92 51.98 3.68 21.18
CA LEU A 92 52.30 4.81 20.32
C LEU A 92 53.78 4.85 20.00
N GLN A 93 54.62 4.50 20.98
CA GLN A 93 56.06 4.43 20.78
C GLN A 93 56.43 3.33 19.81
N ASN A 94 55.58 2.31 19.69
CA ASN A 94 55.81 1.22 18.76
C ASN A 94 55.23 1.46 17.37
N LEU A 95 54.55 2.59 17.15
CA LEU A 95 54.13 2.95 15.81
C LEU A 95 55.35 3.01 14.88
N PRO A 96 55.19 2.60 13.63
CA PRO A 96 56.34 2.57 12.72
C PRO A 96 56.79 3.98 12.33
N LYS A 97 58.11 4.11 12.16
CA LYS A 97 58.71 5.40 11.81
C LYS A 97 58.36 5.84 10.39
N SER A 98 57.71 4.98 9.60
CA SER A 98 57.23 5.40 8.29
C SER A 98 55.95 6.23 8.37
N LEU A 99 55.29 6.25 9.53
CA LEU A 99 53.94 6.83 9.60
C LEU A 99 53.98 8.33 9.34
N LEU A 100 53.07 8.77 8.47
CA LEU A 100 52.92 10.18 8.15
C LEU A 100 51.61 10.78 8.63
N LYS A 101 50.55 9.98 8.68
CA LYS A 101 49.21 10.46 8.99
C LYS A 101 48.58 9.54 10.02
N LEU A 102 48.03 10.14 11.08
CA LEU A 102 47.54 9.37 12.21
C LEU A 102 46.33 10.04 12.82
N LYS A 103 45.27 9.27 13.02
CA LYS A 103 44.18 9.64 13.91
C LYS A 103 44.16 8.65 15.07
N LEU A 104 44.31 9.17 16.29
CA LEU A 104 44.27 8.35 17.48
C LEU A 104 42.85 7.87 17.77
N GLY A 105 42.76 6.75 18.48
CA GLY A 105 41.47 6.28 18.96
C GLY A 105 40.82 7.28 19.89
N ASP A 106 39.49 7.22 19.96
CA ASP A 106 38.74 8.20 20.72
C ASP A 106 38.77 7.96 22.23
N VAL A 107 39.13 6.77 22.67
CA VAL A 107 39.25 6.55 24.11
C VAL A 107 40.53 7.17 24.66
N PHE A 108 41.60 7.19 23.87
CA PHE A 108 42.90 7.59 24.38
C PHE A 108 42.81 8.94 25.07
N ASN A 109 43.36 9.02 26.27
CA ASN A 109 43.30 10.23 27.06
C ASN A 109 44.39 10.21 28.12
N GLN A 110 45.65 10.07 27.68
CA GLN A 110 46.81 10.09 28.56
C GLN A 110 47.81 11.11 28.02
N GLU A 111 48.58 11.70 28.93
CA GLU A 111 49.52 12.74 28.54
C GLU A 111 50.61 12.14 27.65
N ILE A 112 50.74 12.66 26.44
CA ILE A 112 51.82 12.28 25.53
C ILE A 112 53.02 13.15 25.83
N VAL A 113 54.16 12.53 26.11
CA VAL A 113 55.38 13.26 26.40
C VAL A 113 56.35 13.21 25.22
N GLU A 114 57.53 13.78 25.40
CA GLU A 114 58.51 13.88 24.33
C GLU A 114 58.91 12.50 23.80
N ASN A 115 59.18 12.47 22.50
CA ASN A 115 59.73 11.28 21.84
C ASN A 115 58.78 10.09 21.94
N VAL A 116 57.50 10.33 21.72
CA VAL A 116 56.50 9.26 21.64
C VAL A 116 55.90 9.17 20.25
N LEU A 117 55.27 10.25 19.77
CA LEU A 117 54.66 10.24 18.45
C LEU A 117 55.75 10.09 17.38
N PRO A 118 55.44 9.39 16.28
CA PRO A 118 56.43 9.24 15.21
C PRO A 118 57.00 10.58 14.76
N GLY A 119 58.33 10.63 14.64
CA GLY A 119 59.00 11.89 14.38
C GLY A 119 58.70 12.49 13.03
N GLY A 120 58.50 11.65 12.02
CA GLY A 120 58.24 12.12 10.68
C GLY A 120 56.80 12.43 10.36
N LEU A 121 55.92 12.28 11.36
CA LEU A 121 54.49 12.47 11.14
C LEU A 121 54.18 13.86 10.62
N THR A 122 53.22 13.94 9.69
CA THR A 122 52.77 15.20 9.13
C THR A 122 51.33 15.53 9.45
N HIS A 123 50.48 14.53 9.69
CA HIS A 123 49.06 14.72 9.91
C HIS A 123 48.67 14.02 11.20
N LEU A 124 48.23 14.79 12.19
CA LEU A 124 47.82 14.26 13.48
C LEU A 124 46.40 14.73 13.80
N THR A 125 45.55 13.79 14.19
CA THR A 125 44.18 14.08 14.63
C THR A 125 43.95 13.37 15.95
N PHE A 126 43.54 14.12 16.97
CA PHE A 126 43.28 13.55 18.28
C PHE A 126 41.87 12.96 18.34
N GLY A 127 41.72 11.95 19.20
CA GLY A 127 40.43 11.32 19.41
C GLY A 127 39.48 12.20 20.21
N GLU A 128 38.23 11.73 20.27
CA GLU A 128 37.18 12.52 20.91
C GLU A 128 37.54 12.88 22.34
N GLU A 129 38.00 11.90 23.12
CA GLU A 129 38.13 12.10 24.56
C GLU A 129 39.47 12.68 25.00
N PHE A 130 40.43 12.81 24.08
CA PHE A 130 41.73 13.32 24.49
C PHE A 130 41.60 14.74 25.03
N ASN A 131 42.16 14.96 26.21
CA ASN A 131 42.12 16.27 26.85
C ASN A 131 43.26 16.36 27.87
N GLN A 132 44.50 16.17 27.40
CA GLN A 132 45.68 16.21 28.24
C GLN A 132 46.62 17.31 27.73
N LYS A 133 47.48 17.77 28.64
CA LYS A 133 48.36 18.89 28.34
C LYS A 133 49.43 18.49 27.32
N ILE A 134 49.85 19.46 26.53
CA ILE A 134 50.88 19.26 25.52
C ILE A 134 51.94 20.33 25.72
N VAL A 135 53.18 19.90 25.97
CA VAL A 135 54.27 20.85 26.18
C VAL A 135 55.25 20.81 25.01
N GLU A 136 56.41 21.43 25.21
CA GLU A 136 57.34 21.68 24.11
C GLU A 136 57.97 20.39 23.63
N ASN A 137 58.17 20.30 22.32
CA ASN A 137 58.79 19.14 21.68
C ASN A 137 58.03 17.85 21.94
N VAL A 138 56.71 17.93 21.95
CA VAL A 138 55.85 16.75 21.98
C VAL A 138 55.36 16.41 20.59
N LEU A 139 54.87 17.41 19.87
CA LEU A 139 54.37 17.20 18.52
C LEU A 139 55.54 17.00 17.56
N PRO A 140 55.42 16.06 16.62
CA PRO A 140 56.50 15.88 15.62
C PRO A 140 56.91 17.20 15.00
N GLY A 141 58.22 17.35 14.78
CA GLY A 141 58.78 18.62 14.38
C GLY A 141 58.37 19.09 13.01
N GLY A 142 57.94 18.19 12.14
CA GLY A 142 57.50 18.55 10.82
C GLY A 142 56.00 18.41 10.60
N LEU A 143 55.23 18.48 11.68
CA LEU A 143 53.78 18.40 11.57
C LEU A 143 53.25 19.56 10.72
N THR A 144 52.31 19.24 9.82
CA THR A 144 51.63 20.25 9.01
C THR A 144 50.15 20.38 9.34
N HIS A 145 49.47 19.29 9.66
CA HIS A 145 48.03 19.30 9.92
C HIS A 145 47.78 18.77 11.31
N LEU A 146 47.10 19.57 12.14
CA LEU A 146 46.76 19.19 13.50
C LEU A 146 45.28 19.48 13.76
N THR A 147 44.54 18.46 14.19
CA THR A 147 43.13 18.57 14.50
C THR A 147 42.89 18.03 15.90
N PHE A 148 42.24 18.82 16.74
CA PHE A 148 41.87 18.37 18.07
C PHE A 148 40.46 17.77 18.07
N GLY A 149 40.21 16.89 19.03
CA GLY A 149 38.91 16.28 19.20
C GLY A 149 37.97 17.11 20.05
N GLU A 150 36.83 16.50 20.39
CA GLU A 150 35.76 17.25 21.03
C GLU A 150 36.19 17.80 22.38
N GLU A 151 36.87 16.99 23.19
CA GLU A 151 37.02 17.26 24.61
C GLU A 151 38.27 18.09 24.93
N PHE A 152 39.16 18.28 23.96
CA PHE A 152 40.41 18.96 24.27
C PHE A 152 40.15 20.40 24.70
N ASN A 153 40.63 20.74 25.89
CA ASN A 153 40.54 22.11 26.38
C ASN A 153 41.72 22.36 27.33
N GLN A 154 42.93 22.32 26.78
CA GLN A 154 44.15 22.58 27.55
C GLN A 154 44.89 23.76 26.92
N LYS A 155 45.65 24.47 27.74
CA LYS A 155 46.37 25.64 27.25
C LYS A 155 47.41 25.23 26.21
N ILE A 156 47.61 26.11 25.22
CA ILE A 156 48.67 25.99 24.23
C ILE A 156 49.55 27.23 24.37
N VAL A 157 50.82 27.01 24.72
CA VAL A 157 51.75 28.11 24.94
C VAL A 157 52.80 28.15 23.83
N GLU A 158 53.76 29.06 23.97
CA GLU A 158 54.75 29.31 22.93
C GLU A 158 55.61 28.08 22.67
N ASN A 159 55.92 27.86 21.40
CA ASN A 159 56.86 26.84 20.93
C ASN A 159 56.38 25.41 21.17
N VAL A 160 55.09 25.19 21.40
CA VAL A 160 54.56 23.83 21.42
C VAL A 160 54.10 23.40 20.04
N LEU A 161 53.53 24.32 19.26
CA LEU A 161 53.11 24.02 17.91
C LEU A 161 54.31 24.07 16.97
N PRO A 162 54.52 23.05 16.14
CA PRO A 162 55.67 23.09 15.23
C PRO A 162 55.63 24.32 14.34
N ASN A 163 56.81 24.87 14.06
CA ASN A 163 56.90 26.01 13.15
C ASN A 163 56.66 25.61 11.69
N SER A 164 56.24 24.37 11.45
CA SER A 164 55.92 23.88 10.12
C SER A 164 54.42 23.73 9.90
N LEU A 165 53.61 23.99 10.92
CA LEU A 165 52.18 23.72 10.86
C LEU A 165 51.48 24.68 9.91
N THR A 166 50.64 24.14 9.03
CA THR A 166 49.82 24.93 8.13
C THR A 166 48.33 24.87 8.45
N HIS A 167 47.86 23.79 9.05
CA HIS A 167 46.42 23.57 9.27
C HIS A 167 46.19 23.22 10.72
N LEU A 168 45.36 24.01 11.40
CA LEU A 168 45.03 23.80 12.80
C LEU A 168 43.52 23.90 12.99
N SER A 169 42.92 22.87 13.58
CA SER A 169 41.49 22.82 13.81
C SER A 169 41.24 22.41 15.26
N PHE A 170 40.57 23.28 16.01
CA PHE A 170 40.17 22.96 17.38
C PHE A 170 38.80 22.32 17.41
N GLY A 171 38.56 21.54 18.46
CA GLY A 171 37.29 20.87 18.64
C GLY A 171 36.32 21.67 19.49
N ASP A 172 35.24 21.00 19.90
CA ASP A 172 34.10 21.69 20.48
C ASP A 172 34.46 22.40 21.79
N CYS A 173 35.28 21.77 22.62
CA CYS A 173 35.47 22.23 23.98
C CYS A 173 36.62 23.21 24.12
N PHE A 174 37.50 23.32 23.13
CA PHE A 174 38.63 24.21 23.27
C PHE A 174 38.15 25.63 23.50
N ASN A 175 38.62 26.23 24.60
CA ASN A 175 38.31 27.62 24.92
C ASN A 175 39.39 28.18 25.84
N GLN A 176 40.62 28.27 25.33
CA GLN A 176 41.71 28.87 26.07
C GLN A 176 42.28 30.05 25.28
N LYS A 177 42.81 31.03 26.01
CA LYS A 177 43.39 32.21 25.38
C LYS A 177 44.56 31.80 24.49
N ILE A 178 44.69 32.52 23.37
CA ILE A 178 45.81 32.36 22.46
C ILE A 178 46.57 33.68 22.45
N THR A 179 47.83 33.64 22.89
CA THR A 179 48.62 34.86 23.05
C THR A 179 49.68 34.97 21.95
N GLU A 180 50.55 35.98 22.09
CA GLU A 180 51.53 36.33 21.07
C GLU A 180 52.54 35.22 20.86
N ASN A 181 52.86 34.96 19.59
CA ASN A 181 53.88 34.01 19.17
C ASN A 181 53.53 32.57 19.50
N VAL A 182 52.25 32.26 19.68
CA VAL A 182 51.82 30.88 19.89
C VAL A 182 51.53 30.19 18.57
N LEU A 183 50.84 30.89 17.66
CA LEU A 183 50.51 30.35 16.36
C LEU A 183 51.72 30.45 15.43
N PRO A 184 52.10 29.37 14.76
CA PRO A 184 53.30 29.42 13.92
C PRO A 184 53.17 30.39 12.76
N ASN A 185 54.31 30.92 12.33
CA ASN A 185 54.39 31.86 11.22
C ASN A 185 54.04 31.21 9.88
N SER A 186 53.91 29.90 9.84
CA SER A 186 53.55 29.15 8.65
C SER A 186 52.07 28.85 8.52
N LEU A 187 51.27 29.17 9.54
CA LEU A 187 49.88 28.74 9.57
C LEU A 187 49.06 29.47 8.52
N THR A 188 48.21 28.73 7.81
CA THR A 188 47.37 29.27 6.76
C THR A 188 45.88 29.04 6.99
N TYR A 189 45.50 27.90 7.58
N TYR A 189 45.50 27.91 7.60
CA TYR A 189 44.11 27.58 7.90
CA TYR A 189 44.11 27.61 7.89
C TYR A 189 43.98 27.47 9.41
C TYR A 189 43.96 27.46 9.40
N LEU A 190 43.08 28.27 9.99
CA LEU A 190 42.79 28.21 11.42
C LEU A 190 41.28 28.07 11.60
N GLU A 191 40.85 27.03 12.30
CA GLU A 191 39.44 26.82 12.60
C GLU A 191 39.26 26.63 14.10
N PHE A 192 38.47 27.50 14.72
CA PHE A 192 38.04 27.33 16.09
C PHE A 192 36.73 26.56 16.15
N GLY A 193 36.51 25.91 17.28
CA GLY A 193 35.34 25.07 17.48
C GLY A 193 34.24 25.77 18.26
N ARG A 194 33.28 24.96 18.70
CA ARG A 194 32.05 25.48 19.30
C ARG A 194 32.33 26.54 20.36
N ASN A 195 33.11 26.17 21.37
CA ASN A 195 33.15 26.94 22.62
C ASN A 195 34.23 28.01 22.66
N PHE A 196 35.05 28.15 21.63
CA PHE A 196 36.08 29.17 21.68
C PHE A 196 35.43 30.56 21.68
N ASN A 197 35.61 31.30 22.77
CA ASN A 197 35.07 32.65 22.91
C ASN A 197 36.09 33.45 23.72
N GLN A 198 37.26 33.66 23.12
CA GLN A 198 38.41 34.29 23.77
C GLN A 198 38.85 35.47 22.92
N LYS A 199 39.28 36.54 23.58
CA LYS A 199 39.75 37.71 22.85
C LYS A 199 40.93 37.35 21.96
N ILE A 200 41.02 38.02 20.83
CA ILE A 200 42.16 37.92 19.92
C ILE A 200 42.75 39.32 19.75
N THR A 201 44.00 39.49 20.16
CA THR A 201 44.65 40.79 20.12
C THR A 201 45.64 40.84 18.97
N GLU A 202 46.34 41.97 18.87
CA GLU A 202 47.32 42.18 17.82
C GLU A 202 48.49 41.23 17.98
N ASN A 203 49.16 40.95 16.86
CA ASN A 203 50.36 40.12 16.82
C ASN A 203 50.09 38.70 17.33
N VAL A 204 48.84 38.27 17.30
CA VAL A 204 48.47 36.91 17.63
C VAL A 204 48.25 36.06 16.39
N LEU A 205 47.54 36.60 15.40
CA LEU A 205 47.35 35.89 14.14
C LEU A 205 48.57 36.11 13.24
N PRO A 206 49.15 35.03 12.69
CA PRO A 206 50.39 35.18 11.93
C PRO A 206 50.18 35.83 10.58
N ASN A 207 51.29 36.29 10.01
CA ASN A 207 51.30 37.03 8.75
C ASN A 207 50.99 36.18 7.54
N SER A 208 50.72 34.89 7.73
CA SER A 208 50.49 33.97 6.63
C SER A 208 49.09 33.40 6.57
N LEU A 209 48.22 33.77 7.51
CA LEU A 209 46.91 33.14 7.60
C LEU A 209 46.03 33.60 6.44
N THR A 210 45.39 32.64 5.77
CA THR A 210 44.49 32.92 4.66
C THR A 210 43.04 32.60 4.97
N HIS A 211 42.77 31.61 5.81
CA HIS A 211 41.41 31.15 6.09
C HIS A 211 41.20 31.15 7.60
N LEU A 212 40.20 31.90 8.07
CA LEU A 212 39.89 31.98 9.49
C LEU A 212 38.41 31.69 9.67
N THR A 213 38.11 30.66 10.47
CA THR A 213 36.74 30.24 10.74
C THR A 213 36.51 30.24 12.24
N PHE A 214 35.47 30.94 12.68
CA PHE A 214 35.04 30.90 14.07
C PHE A 214 33.86 29.95 14.22
N GLY A 215 33.58 29.62 15.48
CA GLY A 215 32.51 28.70 15.81
C GLY A 215 31.37 29.31 16.61
N TRP A 216 30.50 28.43 17.12
CA TRP A 216 29.23 28.82 17.72
C TRP A 216 29.33 30.00 18.66
N TYR A 217 30.19 29.92 19.67
CA TYR A 217 30.12 30.87 20.77
C TYR A 217 31.05 32.07 20.62
N PHE A 218 31.90 32.12 19.60
CA PHE A 218 32.81 33.25 19.49
C PHE A 218 32.04 34.55 19.34
N ASN A 219 32.32 35.50 20.25
CA ASN A 219 31.64 36.80 20.19
C ASN A 219 32.49 37.87 20.87
N GLN A 220 33.69 38.09 20.37
CA GLN A 220 34.58 39.13 20.85
C GLN A 220 34.82 40.13 19.73
N GLN A 221 35.06 41.38 20.09
CA GLN A 221 35.34 42.38 19.08
C GLN A 221 36.64 42.07 18.33
N ILE A 222 36.68 42.49 17.08
CA ILE A 222 37.88 42.43 16.25
C ILE A 222 38.35 43.86 16.02
N THR A 223 39.53 44.18 16.55
CA THR A 223 40.10 45.51 16.54
C THR A 223 41.03 45.67 15.34
N GLU A 224 41.44 46.92 15.10
CA GLU A 224 42.37 47.22 14.02
C GLU A 224 43.64 46.38 14.16
N ASN A 225 44.18 45.97 13.02
CA ASN A 225 45.49 45.32 12.95
C ASN A 225 45.53 44.00 13.72
N VAL A 226 44.38 43.37 13.92
CA VAL A 226 44.33 42.02 14.47
C VAL A 226 44.31 40.99 13.36
N LEU A 227 43.57 41.27 12.28
CA LEU A 227 43.45 40.37 11.14
C LEU A 227 44.61 40.62 10.17
N PRO A 228 45.35 39.58 9.80
CA PRO A 228 46.53 39.81 8.94
C PRO A 228 46.14 40.18 7.52
N ASN A 229 47.05 40.90 6.86
CA ASN A 229 46.83 41.35 5.48
C ASN A 229 46.90 40.21 4.47
N SER A 230 47.08 38.97 4.91
CA SER A 230 47.04 37.82 4.01
C SER A 230 45.67 37.16 3.97
N LEU A 231 44.79 37.47 4.92
CA LEU A 231 43.51 36.78 5.01
C LEU A 231 42.67 37.00 3.76
N THR A 232 42.18 35.90 3.19
CA THR A 232 41.23 35.96 2.08
C THR A 232 39.86 35.42 2.44
N TYR A 233 39.76 34.56 3.44
CA TYR A 233 38.52 33.88 3.80
C TYR A 233 38.26 34.11 5.28
N LEU A 234 37.07 34.62 5.61
CA LEU A 234 36.67 34.87 6.99
C LEU A 234 35.23 34.41 7.19
N GLU A 235 35.03 33.46 8.09
CA GLU A 235 33.71 32.93 8.39
C GLU A 235 33.45 33.01 9.88
N PHE A 236 32.43 33.78 10.27
CA PHE A 236 32.04 33.88 11.67
C PHE A 236 31.07 32.77 12.06
N GLY A 237 30.90 32.60 13.36
CA GLY A 237 30.02 31.59 13.90
C GLY A 237 28.66 32.13 14.30
N ARG A 238 27.87 31.25 14.92
CA ARG A 238 26.48 31.57 15.21
C ARG A 238 26.36 32.89 15.97
N ASN A 239 27.12 33.03 17.06
CA ASN A 239 26.86 34.08 18.04
C ASN A 239 27.62 35.38 17.79
N PHE A 240 28.55 35.42 16.84
CA PHE A 240 29.32 36.64 16.64
C PHE A 240 28.38 37.79 16.26
N ASN A 241 28.41 38.85 17.05
CA ASN A 241 27.55 40.01 16.82
C ASN A 241 28.21 41.27 17.40
N GLN A 242 29.38 41.60 16.88
CA GLN A 242 30.10 42.81 17.29
C GLN A 242 30.23 43.75 16.11
N GLN A 243 30.29 45.05 16.40
CA GLN A 243 30.48 46.03 15.33
C GLN A 243 31.86 45.90 14.71
N ILE A 244 31.90 46.06 13.39
CA ILE A 244 33.12 46.06 12.60
C ILE A 244 33.31 47.47 12.08
N THR A 245 34.34 48.15 12.58
CA THR A 245 34.59 49.54 12.23
C THR A 245 35.60 49.62 11.09
N GLU A 246 36.09 50.81 10.80
CA GLU A 246 37.02 51.02 9.70
C GLU A 246 38.35 50.32 9.97
N ASN A 247 38.95 49.81 8.90
CA ASN A 247 40.34 49.35 8.91
C ASN A 247 40.57 48.15 9.82
N VAL A 248 39.57 47.30 10.02
CA VAL A 248 39.74 46.04 10.76
C VAL A 248 39.72 44.84 9.81
N LEU A 249 38.89 44.90 8.77
CA LEU A 249 38.93 43.83 7.76
C LEU A 249 40.07 44.10 6.80
N PRO A 250 40.96 43.13 6.56
CA PRO A 250 42.12 43.38 5.69
C PRO A 250 41.70 43.58 4.24
N ASN A 251 42.56 44.27 3.51
CA ASN A 251 42.34 44.65 2.12
C ASN A 251 42.57 43.51 1.13
N SER A 252 42.77 42.29 1.64
CA SER A 252 42.96 41.11 0.81
C SER A 252 41.77 40.16 0.83
N LEU A 253 40.76 40.47 1.65
CA LEU A 253 39.65 39.54 1.86
C LEU A 253 38.79 39.39 0.60
N THR A 254 38.51 38.14 0.24
CA THR A 254 37.64 37.84 -0.90
C THR A 254 36.33 37.18 -0.51
N TYR A 255 36.30 36.39 0.57
CA TYR A 255 35.09 35.73 1.03
C TYR A 255 34.79 36.14 2.46
N LEU A 256 33.56 36.60 2.70
CA LEU A 256 33.13 37.01 4.04
C LEU A 256 31.77 36.37 4.32
N GLU A 257 31.68 35.60 5.40
CA GLU A 257 30.43 34.97 5.80
C GLU A 257 30.15 35.29 7.25
N PHE A 258 28.96 35.84 7.51
CA PHE A 258 28.49 36.03 8.87
C PHE A 258 27.64 34.84 9.31
N GLY A 259 27.54 34.66 10.62
CA GLY A 259 26.72 33.62 11.20
C GLY A 259 25.34 34.14 11.58
N ARG A 260 24.61 33.29 12.30
CA ARG A 260 23.20 33.57 12.58
C ARG A 260 22.97 34.97 13.15
N ASN A 261 23.71 35.33 14.20
CA ASN A 261 23.30 36.43 15.06
C ASN A 261 23.84 37.79 14.66
N PHE A 262 24.76 37.88 13.70
CA PHE A 262 25.31 39.19 13.36
C PHE A 262 24.20 40.09 12.83
N ASN A 263 24.01 41.25 13.47
CA ASN A 263 22.96 42.18 13.11
C ASN A 263 23.41 43.60 13.47
N GLN A 264 24.57 44.00 12.95
CA GLN A 264 25.13 45.31 13.21
C GLN A 264 25.12 46.15 11.93
N GLN A 265 25.02 47.46 12.11
CA GLN A 265 25.13 48.37 10.99
C GLN A 265 26.54 48.31 10.39
N ILE A 266 26.61 48.39 9.07
CA ILE A 266 27.89 48.45 8.35
C ILE A 266 27.96 49.79 7.64
N THR A 267 28.91 50.62 8.02
CA THR A 267 29.09 51.94 7.43
C THR A 267 30.13 51.84 6.30
N GLU A 268 30.59 53.00 5.82
CA GLU A 268 31.50 53.06 4.69
C GLU A 268 32.92 52.73 5.14
N ASN A 269 33.72 52.25 4.18
CA ASN A 269 35.13 51.94 4.43
C ASN A 269 35.30 50.82 5.45
N VAL A 270 34.29 49.96 5.58
CA VAL A 270 34.39 48.78 6.44
C VAL A 270 34.58 47.51 5.63
N LEU A 271 33.83 47.34 4.57
CA LEU A 271 33.95 46.20 3.68
C LEU A 271 35.05 46.47 2.66
N PRO A 272 36.16 45.74 2.71
CA PRO A 272 37.25 46.01 1.75
C PRO A 272 36.80 45.77 0.32
N ASN A 273 37.29 46.62 -0.58
CA ASN A 273 36.88 46.55 -1.99
C ASN A 273 37.30 45.24 -2.65
N SER A 274 38.14 44.43 -2.01
CA SER A 274 38.57 43.17 -2.59
C SER A 274 37.50 42.08 -2.51
N LEU A 275 36.50 42.25 -1.65
CA LEU A 275 35.54 41.18 -1.43
C LEU A 275 34.74 40.86 -2.69
N THR A 276 34.70 39.58 -3.04
CA THR A 276 33.87 39.09 -4.14
C THR A 276 32.61 38.37 -3.66
N HIS A 277 32.68 37.69 -2.51
CA HIS A 277 31.56 36.93 -1.99
C HIS A 277 31.20 37.41 -0.58
N ILE A 278 29.94 37.78 -0.39
CA ILE A 278 29.40 38.12 0.93
C ILE A 278 28.17 37.28 1.19
N THR A 279 28.15 36.61 2.34
CA THR A 279 26.97 35.90 2.82
C THR A 279 26.60 36.42 4.19
N PHE A 280 25.33 36.76 4.37
CA PHE A 280 24.81 37.17 5.66
C PHE A 280 24.14 35.99 6.34
N GLY A 281 24.04 36.08 7.67
CA GLY A 281 23.38 35.06 8.46
C GLY A 281 21.90 35.36 8.62
N ASN A 282 21.24 34.50 9.39
CA ASN A 282 19.78 34.54 9.48
C ASN A 282 19.28 35.90 9.94
N ASN A 283 19.95 36.51 10.93
CA ASN A 283 19.36 37.64 11.63
C ASN A 283 19.73 39.00 11.07
N PHE A 284 20.68 39.10 10.14
CA PHE A 284 21.09 40.40 9.67
C PHE A 284 19.90 41.12 9.02
N ASN A 285 19.61 42.32 9.50
CA ASN A 285 18.45 43.07 9.02
C ASN A 285 18.71 44.57 9.20
N GLN A 286 19.87 45.03 8.76
CA GLN A 286 20.25 46.42 8.83
C GLN A 286 20.26 47.04 7.42
N ILE A 287 19.93 48.32 7.36
CA ILE A 287 19.91 49.02 6.08
C ILE A 287 21.33 49.11 5.53
N ILE A 288 21.48 48.87 4.23
CA ILE A 288 22.74 49.06 3.52
C ILE A 288 22.57 50.28 2.61
N THR A 289 23.45 51.25 2.77
CA THR A 289 23.34 52.51 2.05
C THR A 289 24.40 52.59 0.94
N GLU A 290 24.74 53.80 0.51
CA GLU A 290 25.19 54.00 -0.87
C GLU A 290 26.55 53.39 -1.16
N ASN A 291 27.59 53.84 -0.46
CA ASN A 291 28.94 53.42 -0.80
C ASN A 291 29.51 52.48 0.25
N VAL A 292 28.73 51.47 0.60
CA VAL A 292 29.09 50.52 1.65
C VAL A 292 29.60 49.21 1.07
N LEU A 293 28.91 48.69 0.06
CA LEU A 293 29.28 47.40 -0.51
C LEU A 293 30.54 47.55 -1.36
N PRO A 294 31.45 46.58 -1.32
CA PRO A 294 32.68 46.69 -2.12
C PRO A 294 32.36 46.69 -3.60
N ASN A 295 33.30 47.26 -4.36
CA ASN A 295 33.12 47.41 -5.80
C ASN A 295 33.55 46.18 -6.59
N SER A 296 34.15 45.19 -5.94
CA SER A 296 34.47 43.92 -6.57
C SER A 296 33.39 42.86 -6.40
N LEU A 297 32.39 43.11 -5.55
CA LEU A 297 31.42 42.10 -5.17
C LEU A 297 30.75 41.48 -6.38
N THR A 298 30.81 40.15 -6.47
CA THR A 298 30.10 39.41 -7.49
C THR A 298 28.97 38.58 -6.95
N HIS A 299 29.07 38.10 -5.71
CA HIS A 299 28.08 37.21 -5.11
C HIS A 299 27.61 37.78 -3.79
N LEU A 300 26.29 37.90 -3.64
CA LEU A 300 25.68 38.48 -2.45
C LEU A 300 24.50 37.62 -2.03
N THR A 301 24.56 37.10 -0.80
CA THR A 301 23.51 36.26 -0.24
C THR A 301 23.03 36.89 1.05
N PHE A 302 21.74 37.23 1.11
CA PHE A 302 21.13 37.72 2.33
C PHE A 302 20.56 36.55 3.15
N GLY A 303 20.44 36.79 4.46
CA GLY A 303 19.82 35.82 5.35
C GLY A 303 18.31 35.96 5.41
N ASN A 304 17.68 35.05 6.16
CA ASN A 304 16.23 34.92 6.09
C ASN A 304 15.50 36.14 6.63
N ASN A 305 16.11 36.88 7.56
CA ASN A 305 15.43 38.02 8.17
C ASN A 305 15.66 39.34 7.44
N PHE A 306 16.64 39.43 6.54
CA PHE A 306 16.92 40.71 5.90
C PHE A 306 15.70 41.21 5.15
N ASN A 307 15.31 42.46 5.42
CA ASN A 307 14.14 43.03 4.77
C ASN A 307 14.20 44.56 4.78
N GLN A 308 15.37 45.10 4.45
CA GLN A 308 15.57 46.54 4.36
C GLN A 308 15.63 46.96 2.89
N ILE A 309 15.06 48.13 2.60
CA ILE A 309 14.95 48.58 1.22
C ILE A 309 16.33 48.84 0.64
N ILE A 310 16.47 48.56 -0.66
CA ILE A 310 17.71 48.79 -1.40
C ILE A 310 17.41 49.85 -2.46
N THR A 311 18.07 51.00 -2.35
CA THR A 311 17.82 52.11 -3.24
C THR A 311 18.92 52.21 -4.29
N GLU A 312 18.93 53.30 -5.05
CA GLU A 312 19.88 53.46 -6.14
C GLU A 312 21.31 53.50 -5.63
N ASN A 313 22.23 53.04 -6.50
N ASN A 313 22.24 53.09 -6.50
CA ASN A 313 23.66 53.15 -6.25
CA ASN A 313 23.67 53.19 -6.23
C ASN A 313 24.04 52.55 -4.91
C ASN A 313 24.04 52.54 -4.89
N VAL A 314 23.35 51.46 -4.55
CA VAL A 314 23.69 50.66 -3.39
C VAL A 314 24.35 49.36 -3.83
N LEU A 315 23.75 48.66 -4.79
CA LEU A 315 24.35 47.46 -5.36
C LEU A 315 25.41 47.84 -6.36
N PRO A 316 26.63 47.31 -6.24
CA PRO A 316 27.70 47.70 -7.17
C PRO A 316 27.48 47.11 -8.56
N ASN A 317 28.17 47.70 -9.52
CA ASN A 317 28.03 47.29 -10.92
C ASN A 317 28.81 46.02 -11.23
N SER A 318 29.53 45.46 -10.26
CA SER A 318 30.18 44.18 -10.41
C SER A 318 29.29 42.99 -10.08
N LEU A 319 28.17 43.22 -9.39
CA LEU A 319 27.38 42.12 -8.87
C LEU A 319 26.77 41.29 -9.98
N THR A 320 26.98 39.97 -9.91
CA THR A 320 26.41 39.03 -10.87
C THR A 320 25.37 38.11 -10.25
N HIS A 321 25.50 37.80 -8.96
CA HIS A 321 24.61 36.86 -8.29
C HIS A 321 24.03 37.52 -7.05
N LEU A 322 22.69 37.55 -6.97
CA LEU A 322 21.98 38.09 -5.83
C LEU A 322 20.93 37.10 -5.36
N THR A 323 20.94 36.79 -4.07
CA THR A 323 20.01 35.82 -3.49
C THR A 323 19.39 36.40 -2.23
N PHE A 324 18.07 36.48 -2.20
CA PHE A 324 17.34 36.99 -1.06
C PHE A 324 16.90 35.86 -0.16
N GLY A 325 16.67 36.19 1.11
CA GLY A 325 16.20 35.23 2.08
C GLY A 325 14.69 35.25 2.19
N ASP A 326 14.20 34.56 3.23
CA ASP A 326 12.77 34.34 3.40
C ASP A 326 12.00 35.65 3.47
N ASP A 327 12.50 36.61 4.24
CA ASP A 327 11.68 37.75 4.67
C ASP A 327 11.67 38.93 3.70
N PHE A 328 12.58 38.99 2.74
CA PHE A 328 12.70 40.19 1.92
C PHE A 328 11.44 40.42 1.10
N ASN A 329 10.86 41.62 1.21
CA ASN A 329 9.66 41.96 0.47
C ASN A 329 9.57 43.47 0.29
N GLN A 330 10.68 44.09 -0.11
CA GLN A 330 10.72 45.52 -0.34
C GLN A 330 10.55 45.83 -1.81
N ILE A 331 9.95 47.00 -2.08
CA ILE A 331 9.77 47.43 -3.46
C ILE A 331 11.15 47.61 -4.10
N ILE A 332 11.27 47.21 -5.35
CA ILE A 332 12.49 47.40 -6.14
C ILE A 332 12.08 48.25 -7.34
N THR A 333 12.59 49.49 -7.39
CA THR A 333 12.29 50.38 -8.50
C THR A 333 13.42 50.33 -9.52
N GLU A 334 13.54 51.38 -10.33
CA GLU A 334 14.18 51.26 -11.65
C GLU A 334 15.68 51.02 -11.55
N ASN A 335 16.42 51.96 -11.00
CA ASN A 335 17.89 51.93 -11.10
C ASN A 335 18.52 51.35 -9.84
N VAL A 336 18.04 50.20 -9.40
CA VAL A 336 18.53 49.52 -8.20
C VAL A 336 19.36 48.30 -8.55
N LEU A 337 18.80 47.39 -9.36
CA LEU A 337 19.52 46.19 -9.74
C LEU A 337 20.57 46.54 -10.79
N PRO A 338 21.85 46.27 -10.55
CA PRO A 338 22.87 46.72 -11.49
C PRO A 338 22.76 45.99 -12.82
N ASN A 339 23.35 46.59 -13.85
CA ASN A 339 23.27 46.07 -15.21
C ASN A 339 24.21 44.88 -15.42
N SER A 340 24.92 44.46 -14.39
CA SER A 340 25.77 43.29 -14.44
C SER A 340 25.06 42.02 -13.97
N LEU A 341 23.91 42.15 -13.33
CA LEU A 341 23.28 41.04 -12.65
C LEU A 341 22.78 40.00 -13.64
N THR A 342 23.20 38.75 -13.45
CA THR A 342 22.73 37.64 -14.28
C THR A 342 21.83 36.67 -13.52
N HIS A 343 22.00 36.55 -12.21
CA HIS A 343 21.27 35.58 -11.40
C HIS A 343 20.57 36.31 -10.27
N LEU A 344 19.25 36.18 -10.21
CA LEU A 344 18.43 36.80 -9.17
C LEU A 344 17.51 35.75 -8.59
N THR A 345 17.58 35.55 -7.28
CA THR A 345 16.77 34.55 -6.60
C THR A 345 16.05 35.24 -5.45
N PHE A 346 14.73 35.13 -5.43
CA PHE A 346 13.94 35.67 -4.34
C PHE A 346 13.62 34.57 -3.33
N GLY A 347 13.20 35.00 -2.14
CA GLY A 347 12.83 34.11 -1.06
C GLY A 347 11.32 33.98 -0.93
N ASP A 348 10.91 33.40 0.20
CA ASP A 348 9.51 33.01 0.36
C ASP A 348 8.58 34.21 0.28
N ASP A 349 8.93 35.31 0.92
CA ASP A 349 7.98 36.39 1.16
C ASP A 349 7.84 37.38 0.01
N PHE A 350 8.82 37.47 -0.89
CA PHE A 350 8.79 38.52 -1.89
C PHE A 350 7.52 38.42 -2.73
N ASN A 351 6.77 39.53 -2.80
CA ASN A 351 5.52 39.56 -3.55
C ASN A 351 5.14 41.00 -3.87
N GLN A 352 6.06 41.74 -4.50
CA GLN A 352 5.82 43.10 -4.95
C GLN A 352 5.75 43.17 -6.46
N ILE A 353 4.92 44.10 -6.96
CA ILE A 353 4.85 44.34 -8.40
C ILE A 353 6.24 44.71 -8.90
N ILE A 354 6.55 44.28 -10.12
CA ILE A 354 7.81 44.60 -10.78
C ILE A 354 7.50 45.28 -12.10
N THR A 355 7.97 46.52 -12.26
CA THR A 355 7.58 47.36 -13.37
C THR A 355 8.64 47.31 -14.47
N GLU A 356 8.60 48.29 -15.37
CA GLU A 356 9.20 48.15 -16.70
C GLU A 356 10.71 47.90 -16.68
N ASN A 357 11.47 48.90 -16.25
CA ASN A 357 12.92 48.82 -16.37
C ASN A 357 13.56 48.61 -15.00
N VAL A 358 13.04 47.65 -14.25
CA VAL A 358 13.63 47.27 -12.97
C VAL A 358 14.61 46.13 -13.14
N LEU A 359 14.22 45.08 -13.84
CA LEU A 359 15.07 43.93 -14.07
C LEU A 359 16.12 44.30 -15.12
N PRO A 360 17.41 44.15 -14.82
CA PRO A 360 18.43 44.60 -15.77
C PRO A 360 18.48 43.73 -17.01
N ASN A 361 19.01 44.32 -18.08
CA ASN A 361 19.04 43.63 -19.37
C ASN A 361 20.16 42.58 -19.46
N SER A 362 20.88 42.36 -18.37
CA SER A 362 21.86 41.29 -18.30
C SER A 362 21.30 40.03 -17.65
N LEU A 363 20.09 40.09 -17.10
CA LEU A 363 19.55 38.99 -16.31
C LEU A 363 19.30 37.77 -17.20
N THR A 364 19.90 36.64 -16.82
CA THR A 364 19.67 35.38 -17.50
C THR A 364 18.86 34.39 -16.68
N HIS A 365 18.90 34.50 -15.35
CA HIS A 365 18.26 33.53 -14.47
C HIS A 365 17.45 34.28 -13.42
N LEU A 366 16.14 34.02 -13.40
CA LEU A 366 15.22 34.66 -12.47
C LEU A 366 14.41 33.58 -11.77
N THR A 367 14.57 33.47 -10.45
CA THR A 367 13.87 32.49 -9.64
C THR A 367 13.05 33.23 -8.60
N PHE A 368 11.73 33.00 -8.62
CA PHE A 368 10.84 33.55 -7.63
C PHE A 368 10.67 32.58 -6.47
N GLY A 369 10.17 33.11 -5.35
CA GLY A 369 9.92 32.31 -4.17
C GLY A 369 8.46 31.93 -4.03
N ASP A 370 8.13 31.43 -2.84
CA ASP A 370 6.80 30.89 -2.58
C ASP A 370 5.70 31.87 -2.97
N ASP A 371 5.79 33.10 -2.49
CA ASP A 371 4.61 33.96 -2.43
C ASP A 371 4.40 34.85 -3.64
N PHE A 372 5.41 35.04 -4.49
CA PHE A 372 5.26 35.97 -5.60
C PHE A 372 4.03 35.62 -6.42
N ASN A 373 3.15 36.61 -6.64
CA ASN A 373 1.88 36.39 -7.31
C ASN A 373 1.35 37.71 -7.82
N GLN A 374 2.13 38.41 -8.63
CA GLN A 374 1.72 39.67 -9.24
C GLN A 374 1.66 39.50 -10.75
N ILE A 375 0.83 40.30 -11.41
CA ILE A 375 0.79 40.26 -12.86
C ILE A 375 2.14 40.72 -13.40
N ILE A 376 2.58 40.11 -14.50
CA ILE A 376 3.78 40.54 -15.21
C ILE A 376 3.33 40.98 -16.60
N THR A 377 3.56 42.24 -16.91
CA THR A 377 3.11 42.83 -18.16
C THR A 377 4.23 42.82 -19.19
N GLU A 378 4.03 43.54 -20.29
CA GLU A 378 5.04 43.62 -21.33
C GLU A 378 6.22 44.47 -20.89
N ASN A 379 7.41 44.11 -21.41
CA ASN A 379 8.63 44.86 -21.19
C ASN A 379 9.09 44.84 -19.74
N VAL A 380 8.64 43.85 -18.97
CA VAL A 380 9.08 43.69 -17.60
C VAL A 380 10.22 42.69 -17.56
N LEU A 381 9.97 41.48 -18.06
CA LEU A 381 11.01 40.47 -18.15
C LEU A 381 12.01 40.89 -19.23
N PRO A 382 13.30 40.89 -18.94
CA PRO A 382 14.28 41.39 -19.92
C PRO A 382 14.52 40.39 -21.04
N ASN A 383 15.07 40.90 -22.13
CA ASN A 383 15.27 40.10 -23.33
C ASN A 383 16.51 39.21 -23.28
N SER A 384 17.24 39.22 -22.18
CA SER A 384 18.35 38.31 -21.97
C SER A 384 17.96 37.06 -21.18
N LEU A 385 16.75 36.99 -20.66
CA LEU A 385 16.38 35.93 -19.73
C LEU A 385 16.24 34.60 -20.46
N VAL A 386 16.95 33.59 -19.96
CA VAL A 386 16.85 32.25 -20.51
C VAL A 386 16.13 31.29 -19.56
N HIS A 387 16.14 31.56 -18.25
CA HIS A 387 15.70 30.62 -17.24
C HIS A 387 14.76 31.34 -16.28
N LEU A 388 13.52 30.90 -16.22
CA LEU A 388 12.49 31.54 -15.39
C LEU A 388 11.77 30.46 -14.59
N SER A 389 11.81 30.59 -13.26
CA SER A 389 11.19 29.65 -12.35
C SER A 389 10.23 30.40 -11.43
N PHE A 390 8.97 29.99 -11.42
CA PHE A 390 7.96 30.53 -10.52
C PHE A 390 7.79 29.63 -9.29
N GLY A 391 7.38 30.26 -8.18
CA GLY A 391 7.14 29.56 -6.94
C GLY A 391 5.72 29.02 -6.83
N CYS A 392 5.36 28.64 -5.59
CA CYS A 392 4.13 27.87 -5.40
C CYS A 392 2.90 28.69 -5.71
N GLU A 393 2.90 29.98 -5.36
CA GLU A 393 1.67 30.74 -5.31
C GLU A 393 1.44 31.62 -6.54
N PHE A 394 2.40 31.71 -7.46
CA PHE A 394 2.16 32.45 -8.69
C PHE A 394 1.02 31.79 -9.46
N ASN A 395 0.00 32.59 -9.79
CA ASN A 395 -1.17 32.09 -10.50
C ASN A 395 -1.85 33.23 -11.22
N GLN A 396 -1.08 33.99 -11.99
CA GLN A 396 -1.57 35.13 -12.75
C GLN A 396 -1.52 34.82 -14.24
N GLU A 397 -2.37 35.50 -15.00
CA GLU A 397 -2.41 35.31 -16.45
C GLU A 397 -1.09 35.79 -17.07
N ILE A 398 -0.65 35.07 -18.10
CA ILE A 398 0.56 35.41 -18.85
C ILE A 398 0.09 35.72 -20.27
N ALA A 399 0.14 37.00 -20.63
CA ALA A 399 -0.39 37.46 -21.90
C ALA A 399 0.69 37.34 -22.98
N GLU A 400 0.40 37.86 -24.17
CA GLU A 400 1.21 37.56 -25.33
C GLU A 400 2.68 37.97 -25.21
N LYS A 401 2.95 39.27 -25.16
CA LYS A 401 4.31 39.76 -25.24
C LYS A 401 5.00 39.85 -23.88
N VAL A 402 4.69 38.93 -22.99
CA VAL A 402 5.25 38.96 -21.63
C VAL A 402 6.56 38.19 -21.55
N LEU A 403 6.57 36.94 -22.00
CA LEU A 403 7.76 36.12 -21.92
C LEU A 403 8.73 36.51 -23.04
N PRO A 404 10.01 36.70 -22.73
CA PRO A 404 10.96 37.12 -23.78
C PRO A 404 11.28 36.00 -24.77
N ASN A 405 11.61 36.40 -26.00
CA ASN A 405 12.00 35.44 -27.01
C ASN A 405 13.23 34.63 -26.62
N SER A 406 14.07 35.13 -25.72
CA SER A 406 15.28 34.43 -25.37
C SER A 406 15.05 33.26 -24.41
N LEU A 407 13.84 33.11 -23.88
CA LEU A 407 13.59 32.10 -22.85
C LEU A 407 13.73 30.71 -23.42
N THR A 408 14.54 29.88 -22.76
CA THR A 408 14.64 28.46 -23.10
C THR A 408 14.06 27.54 -22.03
N TYR A 409 13.93 28.00 -20.79
CA TYR A 409 13.51 27.17 -19.68
C TYR A 409 12.43 27.89 -18.88
N LEU A 410 11.23 27.33 -18.86
CA LEU A 410 10.13 27.87 -18.07
C LEU A 410 9.61 26.79 -17.14
N GLU A 411 9.62 27.09 -15.84
CA GLU A 411 9.05 26.21 -14.82
C GLU A 411 7.94 26.96 -14.11
N LEU A 412 6.71 26.43 -14.21
CA LEU A 412 5.57 26.98 -13.50
C LEU A 412 5.35 26.20 -12.21
N GLY A 413 4.88 26.90 -11.18
CA GLY A 413 4.84 26.38 -9.84
C GLY A 413 3.55 25.69 -9.46
N HIS A 414 3.44 25.34 -8.17
CA HIS A 414 2.36 24.51 -7.68
C HIS A 414 0.99 25.00 -8.12
N ASN A 415 0.70 26.28 -7.92
CA ASN A 415 -0.67 26.76 -8.06
C ASN A 415 -1.02 27.26 -9.45
N PHE A 416 -0.06 27.37 -10.36
CA PHE A 416 -0.37 27.97 -11.66
C PHE A 416 -1.41 27.11 -12.38
N ASN A 417 -2.52 27.74 -12.75
CA ASN A 417 -3.58 27.04 -13.48
C ASN A 417 -4.38 28.06 -14.29
N GLN A 418 -3.68 28.88 -15.07
CA GLN A 418 -4.31 29.81 -15.99
C GLN A 418 -4.23 29.27 -17.41
N LYS A 419 -5.11 29.77 -18.27
CA LYS A 419 -5.10 29.32 -19.65
C LYS A 419 -3.83 29.81 -20.33
N ILE A 420 -3.33 29.04 -21.29
CA ILE A 420 -2.16 29.41 -22.08
C ILE A 420 -2.59 29.35 -23.55
N ILE A 421 -2.60 30.50 -24.20
CA ILE A 421 -3.05 30.56 -25.59
C ILE A 421 -1.87 30.82 -26.50
N GLU A 422 -2.13 30.99 -27.79
CA GLU A 422 -1.05 31.08 -28.76
C GLU A 422 -0.30 32.40 -28.60
N ASN A 423 0.96 32.37 -29.03
CA ASN A 423 1.88 33.51 -28.89
C ASN A 423 2.03 33.99 -27.45
N VAL A 424 1.93 33.08 -26.49
CA VAL A 424 2.37 33.34 -25.12
C VAL A 424 3.76 32.75 -24.91
N LEU A 425 3.92 31.47 -25.24
CA LEU A 425 5.19 30.79 -25.07
C LEU A 425 6.11 31.13 -26.24
N PRO A 426 7.34 31.58 -25.98
CA PRO A 426 8.20 32.04 -27.07
C PRO A 426 8.74 30.91 -27.92
N ASN A 427 8.80 31.14 -29.22
CA ASN A 427 9.57 30.27 -30.10
C ASN A 427 11.02 30.29 -29.65
N GLY A 428 11.57 29.11 -29.35
CA GLY A 428 12.88 28.98 -28.73
C GLY A 428 12.85 28.29 -27.39
N LEU A 429 11.67 28.21 -26.74
CA LEU A 429 11.56 27.48 -25.49
C LEU A 429 11.93 26.01 -25.69
N VAL A 430 12.80 25.51 -24.83
CA VAL A 430 13.29 24.14 -24.91
C VAL A 430 12.70 23.28 -23.81
N HIS A 431 12.59 23.81 -22.59
CA HIS A 431 12.10 23.07 -21.44
C HIS A 431 10.87 23.76 -20.88
N LEU A 432 9.77 23.02 -20.76
CA LEU A 432 8.54 23.54 -20.19
C LEU A 432 8.04 22.55 -19.14
N SER A 433 7.79 23.04 -17.94
CA SER A 433 7.43 22.20 -16.81
C SER A 433 6.23 22.82 -16.10
N PHE A 434 5.14 22.06 -16.00
CA PHE A 434 3.94 22.50 -15.30
C PHE A 434 3.90 21.88 -13.91
N GLY A 435 3.40 22.67 -12.95
CA GLY A 435 3.33 22.24 -11.57
C GLY A 435 2.08 21.44 -11.26
N CYS A 436 1.82 21.29 -9.96
CA CYS A 436 0.76 20.41 -9.49
C CYS A 436 -0.57 20.72 -10.16
N LYS A 437 -1.01 21.98 -10.07
CA LYS A 437 -2.40 22.31 -10.33
C LYS A 437 -2.75 22.59 -11.78
N PHE A 438 -1.78 22.73 -12.68
CA PHE A 438 -2.13 23.10 -14.05
C PHE A 438 -3.02 22.04 -14.69
N ASN A 439 -4.14 22.49 -15.25
CA ASN A 439 -5.12 21.60 -15.85
C ASN A 439 -6.04 22.36 -16.78
N GLN A 440 -5.45 23.08 -17.74
CA GLN A 440 -6.18 23.79 -18.78
C GLN A 440 -5.91 23.14 -20.13
N GLU A 441 -6.84 23.34 -21.06
CA GLU A 441 -6.70 22.77 -22.39
C GLU A 441 -5.48 23.35 -23.08
N ILE A 442 -4.80 22.51 -23.86
CA ILE A 442 -3.69 22.94 -24.71
C ILE A 442 -4.08 22.61 -26.15
N VAL A 443 -4.48 23.63 -26.90
CA VAL A 443 -4.86 23.49 -28.30
C VAL A 443 -3.60 23.61 -29.15
N GLU A 444 -3.75 23.61 -30.47
CA GLU A 444 -2.55 23.58 -31.31
C GLU A 444 -1.99 24.98 -31.49
N ASN A 445 -0.74 25.03 -31.97
CA ASN A 445 0.03 26.26 -32.14
C ASN A 445 0.21 27.01 -30.83
N VAL A 446 0.10 26.30 -29.71
CA VAL A 446 0.40 26.86 -28.39
C VAL A 446 1.82 26.50 -27.95
N LEU A 447 2.15 25.22 -28.03
CA LEU A 447 3.49 24.77 -27.66
C LEU A 447 4.45 25.07 -28.79
N PRO A 448 5.54 25.80 -28.55
CA PRO A 448 6.48 26.11 -29.63
C PRO A 448 7.16 24.85 -30.15
N ASP A 449 7.30 24.78 -31.48
CA ASP A 449 7.91 23.61 -32.10
C ASP A 449 9.36 23.41 -31.66
N SER A 450 10.00 24.45 -31.11
CA SER A 450 11.36 24.30 -30.62
C SER A 450 11.45 23.43 -29.37
N LEU A 451 10.34 23.31 -28.63
CA LEU A 451 10.34 22.61 -27.35
C LEU A 451 10.75 21.15 -27.52
N THR A 452 11.62 20.70 -26.61
CA THR A 452 12.04 19.30 -26.57
C THR A 452 11.58 18.56 -25.33
N HIS A 453 11.46 19.23 -24.19
CA HIS A 453 11.08 18.59 -22.94
C HIS A 453 9.78 19.19 -22.43
N LEU A 454 8.80 18.33 -22.17
CA LEU A 454 7.50 18.74 -21.63
C LEU A 454 7.11 17.77 -20.53
N SER A 455 6.76 18.30 -19.36
CA SER A 455 6.32 17.49 -18.24
C SER A 455 5.14 18.17 -17.56
N PHE A 456 4.17 17.36 -17.14
CA PHE A 456 2.97 17.84 -16.49
C PHE A 456 2.94 17.37 -15.04
N GLY A 457 2.20 18.12 -14.22
CA GLY A 457 2.09 17.83 -12.80
C GLY A 457 0.89 16.95 -12.47
N HIS A 458 0.54 16.95 -11.18
CA HIS A 458 -0.44 15.98 -10.68
C HIS A 458 -1.77 16.10 -11.40
N CYS A 459 -2.23 17.32 -11.66
CA CYS A 459 -3.64 17.52 -12.00
C CYS A 459 -3.94 17.47 -13.50
N PHE A 460 -2.96 17.69 -14.36
CA PHE A 460 -3.27 17.78 -15.78
C PHE A 460 -3.98 16.53 -16.27
N ASN A 461 -5.15 16.71 -16.86
CA ASN A 461 -5.96 15.60 -17.34
C ASN A 461 -6.85 16.07 -18.50
N GLN A 462 -6.25 16.75 -19.46
CA GLN A 462 -6.95 17.23 -20.64
C GLN A 462 -6.55 16.42 -21.86
N LYS A 463 -7.44 16.37 -22.85
CA LYS A 463 -7.14 15.68 -24.09
C LYS A 463 -5.96 16.33 -24.80
N ILE A 464 -5.21 15.51 -25.54
CA ILE A 464 -4.13 15.98 -26.40
C ILE A 464 -4.47 15.49 -27.80
N THR A 465 -4.86 16.42 -28.67
CA THR A 465 -5.29 16.09 -30.02
C THR A 465 -4.14 16.33 -31.00
N GLU A 466 -4.46 16.35 -32.29
CA GLU A 466 -3.43 16.33 -33.32
C GLU A 466 -2.66 17.65 -33.40
N ASN A 467 -1.41 17.54 -33.87
CA ASN A 467 -0.52 18.68 -34.11
C ASN A 467 -0.52 19.66 -32.93
N VAL A 468 -0.78 19.15 -31.73
CA VAL A 468 -0.64 19.96 -30.52
C VAL A 468 0.78 19.92 -30.01
N LEU A 469 1.37 18.74 -29.95
CA LEU A 469 2.71 18.57 -29.40
C LEU A 469 3.74 19.06 -30.41
N PRO A 470 4.79 19.75 -29.94
CA PRO A 470 5.76 20.32 -30.88
C PRO A 470 6.56 19.25 -31.61
N ASN A 471 7.08 19.65 -32.78
CA ASN A 471 7.77 18.71 -33.66
C ASN A 471 9.06 18.19 -33.05
N SER A 472 9.76 19.00 -32.27
CA SER A 472 11.07 18.64 -31.74
C SER A 472 11.00 17.88 -30.42
N LEU A 473 9.81 17.57 -29.92
CA LEU A 473 9.68 16.97 -28.60
C LEU A 473 10.37 15.63 -28.53
N THR A 474 11.29 15.48 -27.57
CA THR A 474 11.92 14.20 -27.30
C THR A 474 11.47 13.55 -26.01
N TYR A 475 10.89 14.33 -25.09
CA TYR A 475 10.62 13.88 -23.72
C TYR A 475 9.23 14.36 -23.32
N LEU A 476 8.37 13.41 -22.95
CA LEU A 476 7.01 13.71 -22.51
C LEU A 476 6.74 12.94 -21.24
N GLU A 477 6.51 13.68 -20.15
CA GLU A 477 6.15 13.09 -18.86
C GLU A 477 4.76 13.56 -18.48
N LEU A 478 3.84 12.62 -18.33
CA LEU A 478 2.48 12.91 -17.90
C LEU A 478 2.34 12.56 -16.42
N GLY A 479 1.42 13.26 -15.75
CA GLY A 479 1.36 13.26 -14.31
C GLY A 479 0.35 12.30 -13.74
N HIS A 480 0.15 12.42 -12.42
CA HIS A 480 -0.65 11.47 -11.67
C HIS A 480 -2.02 11.25 -12.29
N ASN A 481 -2.72 12.35 -12.62
CA ASN A 481 -4.12 12.26 -12.96
C ASN A 481 -4.39 12.10 -14.44
N PHE A 482 -3.39 12.17 -15.30
CA PHE A 482 -3.65 12.08 -16.73
C PHE A 482 -4.23 10.72 -17.07
N ASN A 483 -5.40 10.71 -17.70
CA ASN A 483 -6.07 9.48 -18.08
C ASN A 483 -6.98 9.73 -19.28
N GLN A 484 -6.40 10.24 -20.36
CA GLN A 484 -7.12 10.47 -21.61
C GLN A 484 -6.55 9.58 -22.70
N LYS A 485 -7.40 9.22 -23.65
CA LYS A 485 -6.98 8.44 -24.81
C LYS A 485 -5.90 9.17 -25.59
N ILE A 486 -4.87 8.43 -25.99
CA ILE A 486 -3.83 8.93 -26.89
C ILE A 486 -4.03 8.28 -28.26
N ILE A 487 -4.23 9.11 -29.28
CA ILE A 487 -4.71 8.68 -30.58
C ILE A 487 -3.58 8.78 -31.61
N GLU A 488 -3.86 8.23 -32.80
CA GLU A 488 -2.98 8.39 -33.96
C GLU A 488 -2.66 9.85 -34.21
N ASN A 489 -1.41 10.11 -34.58
CA ASN A 489 -0.97 11.43 -35.02
C ASN A 489 -1.07 12.46 -33.90
N VAL A 490 -0.78 12.04 -32.68
CA VAL A 490 -0.66 12.95 -31.55
C VAL A 490 0.79 13.06 -31.07
N LEU A 491 1.45 11.93 -30.87
CA LEU A 491 2.84 11.93 -30.44
C LEU A 491 3.75 12.23 -31.62
N PRO A 492 4.62 13.23 -31.51
CA PRO A 492 5.45 13.63 -32.66
C PRO A 492 6.53 12.60 -32.97
N ASP A 493 7.18 12.83 -34.13
CA ASP A 493 8.03 11.84 -34.74
C ASP A 493 9.43 11.76 -34.15
N ARG A 494 9.83 12.68 -33.28
CA ARG A 494 11.14 12.61 -32.65
C ARG A 494 11.06 12.21 -31.17
N LEU A 495 9.88 11.84 -30.69
CA LEU A 495 9.73 11.46 -29.29
C LEU A 495 10.49 10.16 -29.00
N THR A 496 11.42 10.24 -28.05
CA THR A 496 12.15 9.06 -27.60
C THR A 496 11.73 8.60 -26.21
N TYR A 497 11.23 9.49 -25.36
CA TYR A 497 10.90 9.16 -23.98
C TYR A 497 9.47 9.56 -23.70
N LEU A 498 8.68 8.59 -23.23
CA LEU A 498 7.28 8.83 -22.86
C LEU A 498 7.03 8.15 -21.52
N GLU A 499 6.70 8.94 -20.51
CA GLU A 499 6.39 8.42 -19.18
C GLU A 499 4.93 8.73 -18.88
N LEU A 500 4.15 7.68 -18.65
CA LEU A 500 2.75 7.78 -18.28
C LEU A 500 2.64 7.76 -16.76
N GLY A 501 1.60 8.41 -16.25
CA GLY A 501 1.47 8.65 -14.83
C GLY A 501 0.62 7.60 -14.12
N HIS A 502 0.35 7.90 -12.83
CA HIS A 502 -0.31 6.95 -11.96
C HIS A 502 -1.62 6.44 -12.57
N ASP A 503 -2.48 7.37 -13.01
CA ASP A 503 -3.85 7.02 -13.33
C ASP A 503 -4.03 6.51 -14.76
N PHE A 504 -3.05 6.72 -15.65
CA PHE A 504 -3.28 6.39 -17.05
C PHE A 504 -3.62 4.91 -17.20
N ASN A 505 -4.77 4.64 -17.83
CA ASN A 505 -5.19 3.26 -18.03
C ASN A 505 -6.12 3.18 -19.24
N GLN A 506 -5.65 3.66 -20.40
CA GLN A 506 -6.41 3.61 -21.63
C GLN A 506 -5.74 2.66 -22.62
N LYS A 507 -6.55 2.07 -23.50
CA LYS A 507 -6.01 1.22 -24.55
C LYS A 507 -5.16 2.03 -25.52
N ILE A 508 -4.10 1.40 -26.01
CA ILE A 508 -3.20 1.98 -27.01
C ILE A 508 -3.33 1.15 -28.28
N MET A 509 -3.76 1.79 -29.37
CA MET A 509 -3.94 1.09 -30.64
C MET A 509 -2.63 1.18 -31.45
N GLU A 510 -2.69 0.84 -32.73
CA GLU A 510 -1.48 0.41 -33.43
C GLU A 510 -0.53 1.55 -33.80
N ASN A 511 -1.02 2.55 -34.53
CA ASN A 511 -0.14 3.64 -34.99
C ASN A 511 -0.28 4.88 -34.11
N VAL A 512 -0.01 4.67 -32.82
CA VAL A 512 -0.03 5.74 -31.83
C VAL A 512 1.38 6.09 -31.35
N LEU A 513 2.17 5.07 -31.01
CA LEU A 513 3.51 5.29 -30.47
C LEU A 513 4.51 5.42 -31.61
N PRO A 514 5.22 6.54 -31.71
CA PRO A 514 6.04 6.78 -32.90
C PRO A 514 7.24 5.85 -32.99
N ASN A 515 7.69 5.63 -34.22
CA ASN A 515 8.85 4.76 -34.47
C ASN A 515 10.16 5.42 -34.09
N SER A 516 10.10 6.50 -33.32
CA SER A 516 11.29 7.09 -32.71
C SER A 516 11.39 6.77 -31.22
N LEU A 517 10.35 6.21 -30.61
CA LEU A 517 10.31 6.00 -29.17
C LEU A 517 11.23 4.85 -28.77
N THR A 518 12.16 5.13 -27.87
CA THR A 518 13.06 4.12 -27.33
C THR A 518 12.70 3.70 -25.92
N HIS A 519 12.13 4.61 -25.13
CA HIS A 519 11.84 4.37 -23.72
C HIS A 519 10.37 4.56 -23.44
N LEU A 520 9.72 3.54 -22.84
CA LEU A 520 8.32 3.62 -22.48
C LEU A 520 8.17 3.21 -21.03
N ILE A 521 7.48 4.03 -20.26
CA ILE A 521 7.29 3.83 -18.82
C ILE A 521 5.80 3.88 -18.53
N PHE A 522 5.24 2.77 -18.05
CA PHE A 522 3.86 2.75 -17.62
C PHE A 522 3.76 3.07 -16.14
N GLY A 523 2.70 3.79 -15.77
CA GLY A 523 2.45 4.13 -14.40
C GLY A 523 1.75 3.04 -13.62
N THR A 524 1.38 3.38 -12.39
CA THR A 524 0.80 2.42 -11.46
C THR A 524 -0.36 1.66 -12.08
N SER A 525 -1.29 2.38 -12.71
CA SER A 525 -2.60 1.83 -12.99
C SER A 525 -2.72 1.12 -14.33
N PHE A 526 -1.78 1.33 -15.25
CA PHE A 526 -1.95 0.77 -16.58
C PHE A 526 -2.11 -0.74 -16.51
N ASN A 527 -3.20 -1.26 -17.05
CA ASN A 527 -3.43 -2.70 -17.07
C ASN A 527 -4.31 -3.06 -18.28
N GLN A 528 -3.92 -2.60 -19.46
CA GLN A 528 -4.62 -2.91 -20.69
C GLN A 528 -3.79 -3.86 -21.54
N ASN A 529 -4.46 -4.82 -22.18
CA ASN A 529 -3.75 -5.78 -23.02
C ASN A 529 -3.07 -5.07 -24.19
N LEU A 530 -1.83 -5.47 -24.47
CA LEU A 530 -1.08 -4.93 -25.60
C LEU A 530 -1.15 -5.96 -26.73
N THR A 531 -1.52 -5.49 -27.92
CA THR A 531 -1.71 -6.35 -29.07
C THR A 531 -0.57 -6.15 -30.06
N GLU A 532 -0.73 -6.73 -31.26
CA GLU A 532 0.36 -6.79 -32.22
C GLU A 532 0.57 -5.44 -32.89
N ASN A 533 1.84 -5.15 -33.21
CA ASN A 533 2.22 -3.92 -33.91
C ASN A 533 1.69 -2.68 -33.20
N VAL A 534 1.61 -2.74 -31.88
CA VAL A 534 1.31 -1.57 -31.05
C VAL A 534 2.58 -0.91 -30.53
N LEU A 535 3.49 -1.71 -29.99
CA LEU A 535 4.77 -1.20 -29.49
C LEU A 535 5.73 -1.00 -30.67
N PRO A 536 6.34 0.18 -30.79
CA PRO A 536 7.10 0.49 -32.01
C PRO A 536 8.41 -0.29 -32.08
N ASN A 537 8.91 -0.43 -33.31
CA ASN A 537 10.09 -1.24 -33.57
C ASN A 537 11.40 -0.54 -33.20
N SER A 538 11.34 0.65 -32.63
CA SER A 538 12.52 1.34 -32.13
C SER A 538 12.71 1.18 -30.63
N LEU A 539 11.77 0.54 -29.95
CA LEU A 539 11.73 0.57 -28.50
C LEU A 539 12.76 -0.38 -27.90
N THR A 540 13.61 0.17 -27.02
CA THR A 540 14.62 -0.60 -26.33
C THR A 540 14.34 -0.81 -24.85
N HIS A 541 13.58 0.08 -24.22
CA HIS A 541 13.35 0.04 -22.79
C HIS A 541 11.85 0.06 -22.53
N LEU A 542 11.35 -0.96 -21.82
CA LEU A 542 9.94 -1.08 -21.50
C LEU A 542 9.81 -1.40 -20.02
N THR A 543 9.11 -0.55 -19.28
CA THR A 543 8.91 -0.72 -17.86
C THR A 543 7.42 -0.73 -17.56
N PHE A 544 6.93 -1.82 -16.98
CA PHE A 544 5.54 -1.91 -16.58
C PHE A 544 5.38 -1.45 -15.13
N GLY A 545 4.21 -0.87 -14.85
CA GLY A 545 3.91 -0.32 -13.55
C GLY A 545 3.32 -1.35 -12.60
N THR A 546 2.81 -0.85 -11.48
CA THR A 546 2.32 -1.72 -10.42
C THR A 546 1.32 -2.74 -10.95
N CYS A 547 0.30 -2.29 -11.67
CA CYS A 547 -0.88 -3.11 -11.89
C CYS A 547 -0.85 -3.96 -13.16
N PHE A 548 0.05 -3.71 -14.10
CA PHE A 548 -0.04 -4.42 -15.37
C PHE A 548 0.05 -5.93 -15.15
N ASN A 549 -1.02 -6.64 -15.48
CA ASN A 549 -1.04 -8.10 -15.36
C ASN A 549 -1.86 -8.71 -16.49
N GLN A 550 -1.48 -8.43 -17.73
CA GLN A 550 -2.11 -9.01 -18.90
C GLN A 550 -1.15 -10.00 -19.55
N LYS A 551 -1.71 -11.01 -20.20
CA LYS A 551 -0.87 -11.97 -20.90
C LYS A 551 -0.31 -11.32 -22.16
N ILE A 552 0.98 -11.58 -22.42
CA ILE A 552 1.65 -11.10 -23.61
C ILE A 552 1.84 -12.29 -24.54
N ILE A 553 1.31 -12.18 -25.76
CA ILE A 553 1.43 -13.25 -26.74
C ILE A 553 2.50 -12.88 -27.75
N GLU A 554 2.66 -13.71 -28.78
CA GLU A 554 3.72 -13.52 -29.75
C GLU A 554 3.54 -12.26 -30.56
N ASN A 555 4.68 -11.70 -30.99
CA ASN A 555 4.72 -10.55 -31.89
C ASN A 555 4.08 -9.32 -31.27
N VAL A 556 4.15 -9.22 -29.95
CA VAL A 556 3.75 -8.02 -29.22
C VAL A 556 4.95 -7.19 -28.80
N LEU A 557 5.94 -7.84 -28.17
CA LEU A 557 7.17 -7.17 -27.77
C LEU A 557 8.07 -6.97 -28.99
N PRO A 558 8.53 -5.76 -29.26
CA PRO A 558 9.24 -5.50 -30.51
C PRO A 558 10.62 -6.13 -30.54
N ASN A 559 11.11 -6.32 -31.76
CA ASN A 559 12.38 -6.99 -32.00
C ASN A 559 13.59 -6.11 -31.71
N SER A 560 13.38 -4.88 -31.26
CA SER A 560 14.44 -3.99 -30.83
C SER A 560 14.66 -3.99 -29.32
N LEU A 561 13.76 -4.61 -28.56
CA LEU A 561 13.74 -4.43 -27.12
C LEU A 561 14.95 -5.09 -26.47
N THR A 562 15.62 -4.34 -25.60
CA THR A 562 16.77 -4.86 -24.86
C THR A 562 16.52 -4.94 -23.36
N HIS A 563 15.72 -4.04 -22.80
CA HIS A 563 15.52 -3.94 -21.35
C HIS A 563 14.02 -4.02 -21.05
N LEU A 564 13.64 -5.06 -20.32
CA LEU A 564 12.24 -5.27 -19.95
C LEU A 564 12.11 -5.44 -18.45
N GLU A 565 11.25 -4.63 -17.84
CA GLU A 565 10.98 -4.69 -16.40
C GLU A 565 9.48 -4.84 -16.19
N PHE A 566 9.07 -5.98 -15.65
CA PHE A 566 7.71 -6.18 -15.20
C PHE A 566 7.52 -5.62 -13.79
N GLY A 567 6.28 -5.24 -13.49
CA GLY A 567 5.97 -4.65 -12.20
C GLY A 567 5.51 -5.64 -11.16
N PRO A 568 5.21 -5.13 -9.96
CA PRO A 568 4.81 -6.01 -8.85
C PRO A 568 3.79 -7.09 -9.19
N LYS A 569 2.69 -6.73 -9.87
CA LYS A 569 1.55 -7.62 -10.00
C LYS A 569 1.57 -8.49 -11.25
N PHE A 570 2.56 -8.34 -12.14
CA PHE A 570 2.58 -9.17 -13.33
C PHE A 570 2.83 -10.63 -12.97
N ASN A 571 1.93 -11.51 -13.37
CA ASN A 571 2.06 -12.93 -13.05
C ASN A 571 1.37 -13.78 -14.12
N GLN A 572 1.84 -13.68 -15.36
CA GLN A 572 1.28 -14.42 -16.47
C GLN A 572 2.31 -15.35 -17.08
N LYS A 573 1.81 -16.45 -17.65
CA LYS A 573 2.68 -17.40 -18.33
C LYS A 573 3.41 -16.72 -19.48
N ILE A 574 4.67 -17.07 -19.66
CA ILE A 574 5.45 -16.63 -20.81
C ILE A 574 5.90 -17.89 -21.55
N THR A 575 5.50 -18.01 -22.82
CA THR A 575 5.78 -19.19 -23.61
C THR A 575 6.81 -18.88 -24.71
N GLU A 576 7.04 -19.86 -25.60
CA GLU A 576 8.04 -19.70 -26.64
C GLU A 576 7.75 -18.48 -27.52
N ASN A 577 8.82 -17.84 -27.96
CA ASN A 577 8.76 -16.84 -29.03
C ASN A 577 7.96 -15.60 -28.62
N VAL A 578 7.89 -15.34 -27.31
CA VAL A 578 7.21 -14.14 -26.80
C VAL A 578 8.20 -13.05 -26.44
N LEU A 579 9.27 -13.41 -25.75
CA LEU A 579 10.36 -12.49 -25.47
C LEU A 579 11.22 -12.35 -26.72
N PRO A 580 11.49 -11.12 -27.19
CA PRO A 580 12.29 -10.96 -28.41
C PRO A 580 13.72 -11.40 -28.18
N ASN A 581 14.36 -11.84 -29.27
CA ASN A 581 15.73 -12.33 -29.19
C ASN A 581 16.72 -11.21 -28.91
N SER A 582 16.32 -9.96 -29.12
CA SER A 582 17.18 -8.82 -28.82
C SER A 582 17.39 -8.59 -27.33
N LEU A 583 16.53 -9.15 -26.48
CA LEU A 583 16.53 -8.80 -25.07
C LEU A 583 17.85 -9.15 -24.42
N THR A 584 18.39 -8.22 -23.62
CA THR A 584 19.59 -8.46 -22.83
C THR A 584 19.35 -8.34 -21.34
N HIS A 585 18.38 -7.53 -20.90
CA HIS A 585 18.10 -7.32 -19.49
C HIS A 585 16.62 -7.57 -19.22
N LEU A 586 16.33 -8.53 -18.34
CA LEU A 586 14.97 -8.87 -17.98
C LEU A 586 14.83 -8.89 -16.46
N THR A 587 13.82 -8.17 -15.95
CA THR A 587 13.55 -8.11 -14.52
C THR A 587 12.07 -8.39 -14.28
N PHE A 588 11.78 -9.43 -13.50
CA PHE A 588 10.41 -9.71 -13.06
C PHE A 588 10.11 -8.99 -11.76
N GLY A 589 8.84 -8.67 -11.56
CA GLY A 589 8.40 -7.98 -10.36
C GLY A 589 8.13 -8.94 -9.22
N THR A 590 7.62 -8.36 -8.13
CA THR A 590 7.54 -9.08 -6.86
C THR A 590 6.78 -10.40 -6.98
N SER A 591 5.65 -10.39 -7.70
CA SER A 591 4.69 -11.49 -7.60
C SER A 591 4.78 -12.50 -8.73
N PHE A 592 5.68 -12.34 -9.69
CA PHE A 592 5.79 -13.31 -10.77
C PHE A 592 6.24 -14.66 -10.22
N ASN A 593 5.47 -15.71 -10.52
CA ASN A 593 5.78 -17.05 -10.05
C ASN A 593 5.22 -18.08 -11.01
N GLN A 594 5.69 -18.05 -12.26
CA GLN A 594 5.25 -18.98 -13.29
C GLN A 594 6.40 -19.88 -13.71
N LYS A 595 6.05 -21.08 -14.17
CA LYS A 595 7.04 -22.04 -14.64
C LYS A 595 7.64 -21.56 -15.95
N ILE A 596 8.96 -21.71 -16.07
CA ILE A 596 9.68 -21.31 -17.27
C ILE A 596 10.28 -22.55 -17.90
N THR A 597 9.83 -22.86 -19.11
CA THR A 597 10.29 -24.04 -19.83
C THR A 597 11.43 -23.64 -20.78
N GLU A 598 11.92 -24.62 -21.55
CA GLU A 598 13.06 -24.37 -22.42
C GLU A 598 12.64 -23.53 -23.63
N ASN A 599 13.61 -22.81 -24.18
CA ASN A 599 13.42 -22.02 -25.40
C ASN A 599 12.47 -20.84 -25.20
N VAL A 600 12.39 -20.33 -23.97
CA VAL A 600 11.56 -19.19 -23.63
C VAL A 600 12.39 -17.94 -23.39
N LEU A 601 13.43 -18.05 -22.59
CA LEU A 601 14.32 -16.91 -22.31
C LEU A 601 15.29 -16.75 -23.48
N PRO A 602 15.35 -15.57 -24.10
CA PRO A 602 16.31 -15.37 -25.20
C PRO A 602 17.73 -15.74 -24.78
N ASN A 603 18.40 -16.51 -25.64
CA ASN A 603 19.74 -16.99 -25.30
C ASN A 603 20.75 -15.86 -25.16
N GLY A 604 20.52 -14.74 -25.84
CA GLY A 604 21.41 -13.61 -25.74
C GLY A 604 21.24 -12.76 -24.51
N LEU A 605 20.29 -13.12 -23.66
CA LEU A 605 20.05 -12.40 -22.41
C LEU A 605 21.28 -12.51 -21.52
N THR A 606 21.71 -11.37 -20.98
CA THR A 606 22.86 -11.33 -20.09
C THR A 606 22.50 -11.11 -18.63
N TYR A 607 21.42 -10.39 -18.36
CA TYR A 607 21.01 -10.06 -17.00
C TYR A 607 19.59 -10.54 -16.77
N LEU A 608 19.42 -11.41 -15.78
CA LEU A 608 18.12 -11.97 -15.43
C LEU A 608 17.88 -11.79 -13.95
N THR A 609 16.76 -11.16 -13.60
CA THR A 609 16.40 -10.95 -12.20
C THR A 609 14.98 -11.42 -11.97
N PHE A 610 14.82 -12.42 -11.12
CA PHE A 610 13.52 -12.85 -10.62
C PHE A 610 13.16 -12.04 -9.38
N GLY A 611 11.86 -11.90 -9.13
CA GLY A 611 11.35 -11.11 -8.03
C GLY A 611 11.18 -11.90 -6.75
N LEU A 612 10.42 -11.30 -5.83
CA LEU A 612 10.36 -11.81 -4.45
C LEU A 612 9.80 -13.22 -4.39
N ARG A 613 8.69 -13.46 -5.08
CA ARG A 613 7.91 -14.67 -4.89
C ARG A 613 8.25 -15.81 -5.84
N PHE A 614 9.17 -15.61 -6.78
CA PHE A 614 9.48 -16.65 -7.74
C PHE A 614 10.13 -17.85 -7.05
N ASN A 615 9.64 -19.05 -7.36
CA ASN A 615 10.09 -20.27 -6.69
C ASN A 615 9.71 -21.49 -7.52
N GLN A 616 10.17 -21.53 -8.77
CA GLN A 616 9.94 -22.65 -9.67
C GLN A 616 11.27 -23.29 -10.04
N LYS A 617 11.26 -24.61 -10.23
CA LYS A 617 12.48 -25.33 -10.53
C LYS A 617 13.08 -24.85 -11.85
N ILE A 618 14.41 -24.83 -11.91
CA ILE A 618 15.14 -24.49 -13.13
C ILE A 618 15.79 -25.75 -13.66
N THR A 619 15.38 -26.18 -14.85
CA THR A 619 15.90 -27.37 -15.49
C THR A 619 16.87 -26.98 -16.60
N GLU A 620 17.40 -28.00 -17.28
CA GLU A 620 18.44 -27.78 -18.28
C GLU A 620 17.89 -27.04 -19.49
N ASN A 621 18.78 -26.29 -20.14
CA ASN A 621 18.46 -25.57 -21.38
C ASN A 621 17.32 -24.57 -21.19
N VAL A 622 17.12 -24.13 -19.96
CA VAL A 622 16.14 -23.09 -19.66
C VAL A 622 16.80 -21.72 -19.57
N LEU A 623 17.93 -21.64 -18.89
CA LEU A 623 18.60 -20.36 -18.70
C LEU A 623 19.35 -19.96 -19.97
N PRO A 624 19.40 -18.67 -20.30
CA PRO A 624 20.04 -18.25 -21.55
C PRO A 624 21.52 -18.60 -21.60
N CYS A 625 21.99 -18.95 -22.81
CA CYS A 625 23.36 -19.37 -23.01
C CYS A 625 24.38 -18.22 -22.91
N SER A 626 23.94 -16.97 -22.92
CA SER A 626 24.83 -15.84 -22.76
C SER A 626 24.79 -15.25 -21.38
N LEU A 627 23.99 -15.81 -20.48
CA LEU A 627 23.69 -15.15 -19.22
C LEU A 627 24.93 -15.02 -18.37
N THR A 628 25.14 -13.82 -17.81
CA THR A 628 26.27 -13.53 -16.96
C THR A 628 25.90 -13.19 -15.52
N HIS A 629 24.67 -12.71 -15.28
CA HIS A 629 24.27 -12.22 -13.97
C HIS A 629 22.86 -12.71 -13.69
N LEU A 630 22.73 -13.64 -12.74
CA LEU A 630 21.46 -14.27 -12.39
C LEU A 630 21.13 -13.93 -10.95
N THR A 631 19.96 -13.32 -10.74
CA THR A 631 19.53 -12.90 -9.42
C THR A 631 18.17 -13.51 -9.10
N PHE A 632 18.09 -14.18 -7.96
CA PHE A 632 16.85 -14.73 -7.44
C PHE A 632 16.36 -13.91 -6.26
N GLY A 633 15.09 -14.10 -5.92
CA GLY A 633 14.44 -13.33 -4.89
C GLY A 633 14.43 -14.03 -3.54
N TRP A 634 13.74 -13.37 -2.59
CA TRP A 634 13.70 -13.85 -1.21
C TRP A 634 13.19 -15.28 -1.13
N TYR A 635 12.08 -15.57 -1.79
CA TYR A 635 11.38 -16.83 -1.59
C TYR A 635 11.88 -17.98 -2.47
N PHE A 636 12.89 -17.75 -3.29
CA PHE A 636 13.38 -18.81 -4.17
C PHE A 636 14.06 -19.90 -3.35
N ASN A 637 13.59 -21.13 -3.52
CA ASN A 637 13.97 -22.25 -2.65
C ASN A 637 14.04 -23.53 -3.46
N GLN A 638 14.92 -23.57 -4.47
CA GLN A 638 15.05 -24.72 -5.34
C GLN A 638 16.52 -25.10 -5.48
N GLU A 639 16.77 -26.40 -5.61
CA GLU A 639 18.13 -26.88 -5.82
C GLU A 639 18.63 -26.48 -7.20
N LEU A 640 19.78 -25.83 -7.25
CA LEU A 640 20.49 -25.60 -8.51
C LEU A 640 21.55 -26.67 -8.67
N THR A 641 21.68 -27.17 -9.90
CA THR A 641 22.73 -28.11 -10.25
C THR A 641 23.68 -27.43 -11.23
N GLU A 642 24.90 -27.96 -11.31
CA GLU A 642 25.91 -27.33 -12.15
C GLU A 642 25.57 -27.46 -13.63
N ASN A 643 24.87 -28.52 -14.01
CA ASN A 643 24.48 -28.74 -15.40
C ASN A 643 23.31 -27.87 -15.85
N VAL A 644 22.78 -27.03 -14.95
CA VAL A 644 21.63 -26.18 -15.25
C VAL A 644 22.10 -24.75 -15.47
N LEU A 645 23.22 -24.40 -14.87
CA LEU A 645 23.77 -23.04 -14.98
C LEU A 645 24.62 -22.92 -16.23
N PRO A 646 24.45 -21.86 -17.03
CA PRO A 646 25.30 -21.70 -18.22
C PRO A 646 26.74 -21.39 -17.85
N ASP A 647 27.65 -21.82 -18.73
CA ASP A 647 29.07 -21.66 -18.49
C ASP A 647 29.50 -20.20 -18.47
N THR A 648 28.72 -19.31 -19.08
CA THR A 648 29.07 -17.90 -19.09
C THR A 648 28.86 -17.24 -17.73
N LEU A 649 28.16 -17.88 -16.80
CA LEU A 649 27.75 -17.20 -15.58
C LEU A 649 28.95 -16.62 -14.83
N LYS A 650 28.80 -15.38 -14.39
CA LYS A 650 29.81 -14.69 -13.59
C LYS A 650 29.37 -14.43 -12.16
N VAL A 651 28.10 -14.10 -11.94
CA VAL A 651 27.62 -13.75 -10.61
C VAL A 651 26.25 -14.37 -10.38
N LEU A 652 26.12 -15.09 -9.26
CA LEU A 652 24.85 -15.64 -8.81
C LEU A 652 24.46 -14.93 -7.52
N LYS A 653 23.31 -14.28 -7.52
CA LYS A 653 22.81 -13.54 -6.35
C LYS A 653 21.70 -14.35 -5.68
N ILE A 654 21.86 -14.59 -4.38
CA ILE A 654 21.08 -15.58 -3.65
C ILE A 654 20.76 -15.06 -2.25
N TYR A 655 19.61 -15.47 -1.73
CA TYR A 655 19.26 -15.19 -0.35
C TYR A 655 20.07 -16.13 0.55
N TYR A 656 20.83 -15.55 1.48
CA TYR A 656 21.66 -16.36 2.36
C TYR A 656 20.86 -17.45 3.05
N GLY A 657 19.66 -17.11 3.54
CA GLY A 657 18.90 -18.05 4.34
C GLY A 657 18.66 -19.39 3.68
N ASN A 658 18.63 -19.42 2.35
CA ASN A 658 18.33 -20.65 1.62
C ASN A 658 19.56 -21.25 0.93
N LYS A 659 20.75 -20.70 1.19
CA LYS A 659 21.94 -21.15 0.47
C LYS A 659 22.09 -22.67 0.59
N ASP A 660 21.95 -23.20 1.82
CA ASP A 660 22.18 -24.62 2.04
C ASP A 660 21.27 -25.49 1.18
N ILE A 661 20.10 -24.97 0.81
CA ILE A 661 19.19 -25.73 -0.05
C ILE A 661 19.53 -25.51 -1.52
N ILE A 662 19.92 -24.29 -1.88
CA ILE A 662 20.16 -23.98 -3.28
C ILE A 662 21.48 -24.58 -3.75
N LEU A 663 22.48 -24.60 -2.88
CA LEU A 663 23.82 -25.05 -3.23
C LEU A 663 24.12 -26.45 -2.70
N LYS A 664 23.08 -27.19 -2.32
CA LYS A 664 23.25 -28.56 -1.88
C LYS A 664 24.16 -29.34 -2.81
N ASN A 665 23.88 -29.29 -4.11
CA ASN A 665 24.58 -30.08 -5.12
C ASN A 665 25.60 -29.26 -5.89
N ILE A 666 26.29 -28.34 -5.23
CA ILE A 666 27.25 -27.47 -5.90
C ILE A 666 28.47 -27.32 -5.02
N ASP A 667 29.61 -27.82 -5.48
CA ASP A 667 30.89 -27.60 -4.79
C ASP A 667 31.28 -26.14 -4.98
N THR A 668 31.02 -25.32 -3.97
CA THR A 668 31.37 -23.91 -4.05
C THR A 668 32.87 -23.71 -4.26
N SER A 669 33.68 -24.75 -4.04
CA SER A 669 35.13 -24.66 -4.15
C SER A 669 35.64 -25.05 -5.53
N LYS A 670 34.74 -25.27 -6.50
CA LYS A 670 35.13 -25.66 -7.84
C LYS A 670 34.38 -24.90 -8.93
N ILE A 671 33.56 -23.91 -8.55
CA ILE A 671 32.79 -23.18 -9.55
C ILE A 671 33.63 -22.06 -10.15
N LYS A 672 33.23 -21.62 -11.35
CA LYS A 672 33.91 -20.53 -12.04
C LYS A 672 33.25 -19.18 -11.78
N PHE A 673 32.08 -19.15 -11.16
CA PHE A 673 31.35 -17.92 -10.92
C PHE A 673 31.42 -17.54 -9.45
N LYS A 674 30.96 -16.32 -9.18
CA LYS A 674 30.99 -15.71 -7.85
C LYS A 674 29.57 -15.66 -7.30
N ILE A 675 29.43 -15.97 -6.01
CA ILE A 675 28.12 -16.03 -5.35
C ILE A 675 27.99 -14.82 -4.44
N GLU A 676 26.94 -14.04 -4.65
CA GLU A 676 26.61 -12.90 -3.81
C GLU A 676 25.38 -13.23 -2.98
N TYR A 677 25.47 -13.04 -1.67
CA TYR A 677 24.34 -13.28 -0.78
C TYR A 677 23.69 -11.95 -0.38
N PHE A 678 22.39 -12.01 -0.11
CA PHE A 678 21.68 -10.87 0.45
C PHE A 678 20.87 -11.33 1.67
N ASN A 679 20.49 -10.35 2.49
CA ASN A 679 19.76 -10.56 3.72
C ASN A 679 18.34 -9.98 3.59
N LYS A 680 17.54 -10.20 4.64
CA LYS A 680 16.28 -9.49 4.80
C LYS A 680 16.45 -8.20 5.59
N ASN A 681 17.50 -8.10 6.41
CA ASN A 681 17.94 -6.83 6.98
C ASN A 681 19.22 -7.06 7.79
N GLU B 2 -28.42 10.78 -6.21
CA GLU B 2 -29.60 10.37 -6.96
C GLU B 2 -29.38 10.42 -8.47
N LYS B 3 -28.95 9.30 -9.02
CA LYS B 3 -28.61 9.18 -10.42
C LYS B 3 -28.66 7.69 -10.74
N TYR B 4 -28.23 7.32 -11.94
CA TYR B 4 -28.22 5.93 -12.36
C TYR B 4 -26.84 5.30 -12.22
N THR B 5 -26.84 3.96 -12.21
CA THR B 5 -25.62 3.16 -12.18
C THR B 5 -25.85 2.02 -13.16
N ILE B 6 -24.89 1.75 -14.03
CA ILE B 6 -25.04 0.74 -15.06
C ILE B 6 -24.06 -0.40 -14.78
N LYS B 7 -24.58 -1.63 -14.78
CA LYS B 7 -23.73 -2.81 -14.66
C LYS B 7 -24.17 -3.78 -15.75
N GLU B 8 -23.26 -4.06 -16.69
CA GLU B 8 -23.56 -4.90 -17.83
C GLU B 8 -24.78 -4.33 -18.54
N THR B 9 -25.92 -5.02 -18.46
CA THR B 9 -27.12 -4.55 -19.15
C THR B 9 -28.11 -3.86 -18.23
N ILE B 10 -27.94 -3.96 -16.92
CA ILE B 10 -28.94 -3.44 -15.99
C ILE B 10 -28.57 -2.01 -15.60
N LEU B 11 -29.46 -1.07 -15.91
CA LEU B 11 -29.38 0.28 -15.37
C LEU B 11 -30.26 0.32 -14.12
N THR B 12 -29.68 0.72 -13.00
CA THR B 12 -30.36 0.79 -11.72
C THR B 12 -30.34 2.23 -11.24
N PHE B 13 -31.53 2.81 -11.05
CA PHE B 13 -31.61 4.12 -10.43
C PHE B 13 -31.33 3.99 -8.93
N ASN B 14 -31.02 5.12 -8.29
CA ASN B 14 -30.77 5.12 -6.86
C ASN B 14 -32.05 4.75 -6.10
N ASN B 15 -31.86 4.29 -4.86
CA ASN B 15 -32.99 3.98 -3.99
C ASN B 15 -33.75 5.22 -3.55
N GLU B 16 -33.19 6.42 -3.79
CA GLU B 16 -33.82 7.68 -3.45
C GLU B 16 -34.22 8.50 -4.68
N PHE B 17 -34.22 7.90 -5.87
CA PHE B 17 -34.26 8.67 -7.10
C PHE B 17 -35.48 9.59 -7.21
N ASN B 18 -36.62 9.03 -7.61
CA ASN B 18 -37.86 9.79 -7.77
C ASN B 18 -37.67 11.14 -8.45
N ASP B 19 -37.32 11.13 -9.74
CA ASP B 19 -37.29 12.31 -10.59
C ASP B 19 -38.01 11.96 -11.89
N PRO B 20 -38.76 12.90 -12.47
CA PRO B 20 -39.39 12.60 -13.77
C PRO B 20 -38.34 12.21 -14.81
N LEU B 21 -38.77 11.36 -15.75
CA LEU B 21 -37.87 10.77 -16.73
C LEU B 21 -37.80 11.54 -18.03
N ASP B 22 -38.47 12.71 -18.12
CA ASP B 22 -38.62 13.40 -19.40
C ASP B 22 -37.29 13.66 -20.09
N LYS B 23 -36.22 13.86 -19.33
CA LYS B 23 -34.93 14.21 -19.90
C LYS B 23 -33.98 13.02 -20.03
N TYR B 24 -34.40 11.83 -19.59
CA TYR B 24 -33.52 10.66 -19.56
C TYR B 24 -33.63 9.79 -20.80
N TYR B 25 -34.50 10.12 -21.75
CA TYR B 25 -34.66 9.29 -22.93
C TYR B 25 -33.32 8.97 -23.57
N LYS B 26 -32.46 9.97 -23.70
CA LYS B 26 -31.13 9.74 -24.27
C LYS B 26 -30.37 8.70 -23.45
N ILE B 27 -30.33 8.87 -22.13
CA ILE B 27 -29.58 7.94 -21.28
C ILE B 27 -30.16 6.54 -21.40
N LEU B 28 -31.49 6.43 -21.43
CA LEU B 28 -32.15 5.13 -21.40
C LEU B 28 -32.18 4.44 -22.77
N SER B 29 -31.83 5.14 -23.84
CA SER B 29 -31.81 4.53 -25.17
C SER B 29 -30.49 3.84 -25.50
N ASN B 30 -29.55 3.79 -24.57
CA ASN B 30 -28.26 3.15 -24.78
C ASN B 30 -28.42 1.68 -25.12
N PRO B 31 -27.96 1.23 -26.29
CA PRO B 31 -28.22 -0.17 -26.68
C PRO B 31 -27.53 -1.20 -25.80
N LYS B 32 -26.79 -0.79 -24.77
CA LYS B 32 -26.15 -1.75 -23.89
C LYS B 32 -27.00 -2.11 -22.68
N ILE B 33 -28.12 -1.42 -22.46
CA ILE B 33 -29.01 -1.71 -21.35
C ILE B 33 -30.32 -2.29 -21.89
N ASP B 34 -30.71 -3.45 -21.35
CA ASP B 34 -31.99 -4.06 -21.67
C ASP B 34 -33.03 -3.84 -20.57
N THR B 35 -32.60 -3.62 -19.33
CA THR B 35 -33.50 -3.60 -18.19
C THR B 35 -33.35 -2.31 -17.40
N ILE B 36 -34.41 -1.92 -16.70
CA ILE B 36 -34.39 -0.83 -15.76
C ILE B 36 -34.78 -1.35 -14.39
N GLU B 37 -34.02 -0.96 -13.37
CA GLU B 37 -34.36 -1.25 -11.97
C GLU B 37 -34.72 0.05 -11.28
N PHE B 38 -35.97 0.16 -10.83
CA PHE B 38 -36.40 1.28 -10.01
C PHE B 38 -36.33 0.90 -8.53
N GLY B 39 -36.31 1.92 -7.67
CA GLY B 39 -36.09 1.74 -6.26
C GLY B 39 -37.32 2.05 -5.42
N GLU B 40 -37.06 2.39 -4.15
CA GLU B 40 -38.14 2.57 -3.19
C GLU B 40 -38.92 3.85 -3.47
N LYS B 41 -38.21 4.96 -3.69
CA LYS B 41 -38.84 6.27 -3.68
C LYS B 41 -39.44 6.68 -5.02
N PHE B 42 -39.05 6.02 -6.11
CA PHE B 42 -39.52 6.44 -7.44
C PHE B 42 -41.03 6.31 -7.55
N ASN B 43 -41.68 7.41 -7.93
CA ASN B 43 -43.13 7.45 -8.15
C ASN B 43 -43.40 8.54 -9.19
N GLN B 44 -43.06 8.24 -10.44
CA GLN B 44 -43.25 9.17 -11.55
C GLN B 44 -43.79 8.40 -12.75
N GLU B 45 -44.45 9.13 -13.64
CA GLU B 45 -44.98 8.53 -14.86
C GLU B 45 -43.88 7.84 -15.63
N ILE B 46 -44.22 6.73 -16.28
CA ILE B 46 -43.29 6.02 -17.15
C ILE B 46 -43.98 5.67 -18.46
N ASP B 47 -45.18 6.23 -18.67
CA ASP B 47 -46.00 5.88 -19.81
C ASP B 47 -45.26 5.99 -21.13
N HIS B 48 -45.05 7.22 -21.61
CA HIS B 48 -44.45 7.44 -22.92
C HIS B 48 -42.97 7.78 -22.84
N LEU B 49 -42.31 7.45 -21.73
CA LEU B 49 -40.97 7.91 -21.46
C LEU B 49 -39.96 6.77 -21.35
N ILE B 50 -40.26 5.63 -21.95
CA ILE B 50 -39.44 4.43 -21.83
C ILE B 50 -39.10 3.92 -23.24
N PRO B 51 -37.85 4.00 -23.67
CA PRO B 51 -37.49 3.57 -25.03
C PRO B 51 -37.68 2.07 -25.23
N SER B 52 -37.65 1.67 -26.51
CA SER B 52 -37.99 0.31 -26.91
C SER B 52 -36.78 -0.64 -26.91
N ASN B 53 -35.60 -0.18 -26.50
CA ASN B 53 -34.49 -1.08 -26.27
C ASN B 53 -34.69 -1.85 -24.97
N ILE B 54 -35.53 -1.34 -24.08
CA ILE B 54 -35.72 -1.90 -22.75
C ILE B 54 -36.78 -2.98 -22.80
N LYS B 55 -36.44 -4.17 -22.29
CA LYS B 55 -37.37 -5.29 -22.28
C LYS B 55 -37.80 -5.71 -20.89
N VAL B 56 -37.16 -5.19 -19.83
CA VAL B 56 -37.41 -5.62 -18.47
C VAL B 56 -37.49 -4.39 -17.58
N ILE B 57 -38.55 -4.29 -16.78
CA ILE B 57 -38.71 -3.20 -15.82
C ILE B 57 -38.97 -3.83 -14.45
N LYS B 58 -37.98 -3.74 -13.57
CA LYS B 58 -38.01 -4.30 -12.22
C LYS B 58 -38.17 -3.15 -11.22
N PHE B 59 -39.22 -3.23 -10.40
CA PHE B 59 -39.54 -2.13 -9.50
C PHE B 59 -39.02 -2.32 -8.08
N GLY B 60 -38.82 -3.55 -7.63
CA GLY B 60 -38.35 -3.77 -6.28
C GLY B 60 -39.50 -3.75 -5.29
N TRP B 61 -39.55 -4.75 -4.40
CA TRP B 61 -40.80 -5.06 -3.73
C TRP B 61 -41.30 -3.92 -2.85
N THR B 62 -40.44 -3.00 -2.44
CA THR B 62 -40.84 -1.90 -1.56
C THR B 62 -41.12 -0.60 -2.31
N SER B 63 -41.16 -0.63 -3.64
CA SER B 63 -41.38 0.58 -4.42
C SER B 63 -42.67 1.29 -4.02
N GLU B 64 -42.61 2.62 -4.00
CA GLU B 64 -43.78 3.44 -3.70
C GLU B 64 -44.53 3.86 -4.96
N PHE B 65 -44.25 3.22 -6.09
CA PHE B 65 -44.87 3.58 -7.36
C PHE B 65 -46.33 3.17 -7.39
N ASN B 66 -47.21 4.15 -7.69
CA ASN B 66 -48.60 3.86 -8.01
C ASN B 66 -49.10 4.92 -9.00
N LYS B 67 -48.63 4.83 -10.23
CA LYS B 67 -49.11 5.61 -11.34
C LYS B 67 -49.87 4.69 -12.29
N ASP B 68 -50.90 5.24 -12.94
CA ASP B 68 -51.57 4.51 -14.00
C ASP B 68 -50.59 4.25 -15.14
N VAL B 69 -50.55 3.02 -15.63
CA VAL B 69 -49.59 2.60 -16.65
C VAL B 69 -50.35 1.92 -17.76
N ASN B 70 -50.50 2.60 -18.90
CA ASN B 70 -51.28 2.08 -20.01
C ASN B 70 -50.55 2.10 -21.34
N PHE B 71 -49.32 2.61 -21.39
CA PHE B 71 -48.60 2.77 -22.64
C PHE B 71 -47.17 2.27 -22.50
N LEU B 72 -47.03 1.02 -22.10
CA LEU B 72 -45.72 0.38 -22.05
C LEU B 72 -45.17 0.23 -23.46
N THR B 73 -43.86 0.02 -23.52
CA THR B 73 -43.12 -0.03 -24.77
C THR B 73 -43.77 -0.83 -25.89
N GLU B 74 -44.22 -2.06 -25.60
CA GLU B 74 -44.72 -3.04 -26.58
C GLU B 74 -43.52 -3.80 -27.15
N SER B 75 -42.34 -3.58 -26.59
CA SER B 75 -41.19 -4.47 -26.72
C SER B 75 -40.82 -5.04 -25.36
N LEU B 76 -41.51 -4.60 -24.31
CA LEU B 76 -41.37 -5.18 -22.98
C LEU B 76 -41.73 -6.66 -23.02
N THR B 77 -40.91 -7.47 -22.37
CA THR B 77 -41.20 -8.88 -22.16
C THR B 77 -41.38 -9.22 -20.69
N GLU B 78 -40.94 -8.35 -19.79
CA GLU B 78 -41.00 -8.59 -18.36
C GLU B 78 -41.26 -7.29 -17.64
N ILE B 79 -42.15 -7.34 -16.65
CA ILE B 79 -42.35 -6.21 -15.74
C ILE B 79 -42.85 -6.74 -14.40
N TYR B 80 -42.26 -6.25 -13.31
CA TYR B 80 -42.56 -6.71 -11.96
C TYR B 80 -42.90 -5.48 -11.12
N TYR B 81 -44.11 -5.46 -10.56
CA TYR B 81 -44.57 -4.32 -9.77
C TYR B 81 -44.42 -4.62 -8.28
N GLY B 82 -44.55 -3.55 -7.48
CA GLY B 82 -44.22 -3.59 -6.08
C GLY B 82 -45.41 -3.51 -5.15
N ILE B 83 -45.16 -3.06 -3.92
CA ILE B 83 -46.11 -3.24 -2.83
C ILE B 83 -47.27 -2.26 -2.93
N TYR B 84 -47.06 -1.08 -3.49
CA TYR B 84 -48.06 -0.03 -3.51
C TYR B 84 -48.79 0.07 -4.86
N LYS B 85 -48.44 -0.77 -5.83
CA LYS B 85 -49.01 -0.63 -7.17
C LYS B 85 -50.38 -1.31 -7.24
N ASN B 86 -51.36 -0.57 -7.76
CA ASN B 86 -52.68 -1.09 -8.07
C ASN B 86 -52.82 -1.23 -9.58
N HIS B 87 -53.89 -1.89 -10.00
CA HIS B 87 -54.23 -1.97 -11.41
C HIS B 87 -55.73 -1.85 -11.59
N SER B 88 -56.13 -1.24 -12.70
CA SER B 88 -57.46 -1.44 -13.26
C SER B 88 -57.39 -2.54 -14.32
N LEU B 89 -58.53 -3.16 -14.60
CA LEU B 89 -58.57 -4.21 -15.63
C LEU B 89 -58.21 -3.63 -16.99
N GLU B 90 -58.64 -2.39 -17.24
CA GLU B 90 -58.20 -1.64 -18.41
C GLU B 90 -56.68 -1.66 -18.54
N GLU B 91 -55.98 -1.33 -17.45
CA GLU B 91 -54.53 -1.37 -17.46
C GLU B 91 -54.03 -2.73 -17.94
N LEU B 92 -54.61 -3.81 -17.41
CA LEU B 92 -54.11 -5.14 -17.75
C LEU B 92 -54.35 -5.47 -19.21
N GLN B 93 -55.52 -5.11 -19.74
CA GLN B 93 -55.75 -5.33 -21.17
C GLN B 93 -54.86 -4.44 -22.04
N ASN B 94 -54.39 -3.32 -21.50
CA ASN B 94 -53.46 -2.45 -22.20
C ASN B 94 -52.00 -2.86 -22.01
N LEU B 95 -51.75 -3.90 -21.23
CA LEU B 95 -50.40 -4.46 -21.20
C LEU B 95 -50.03 -4.90 -22.61
N PRO B 96 -48.76 -4.74 -23.02
CA PRO B 96 -48.39 -5.11 -24.39
C PRO B 96 -48.39 -6.63 -24.57
N LYS B 97 -48.80 -7.07 -25.76
CA LYS B 97 -48.88 -8.50 -26.02
C LYS B 97 -47.51 -9.17 -26.09
N SER B 98 -46.42 -8.39 -26.07
CA SER B 98 -45.10 -8.98 -26.04
C SER B 98 -44.73 -9.55 -24.68
N LEU B 99 -45.52 -9.27 -23.65
CA LEU B 99 -45.13 -9.61 -22.28
C LEU B 99 -45.02 -11.11 -22.09
N LEU B 100 -43.94 -11.55 -21.47
CA LEU B 100 -43.73 -12.95 -21.11
C LEU B 100 -43.75 -13.17 -19.60
N LYS B 101 -43.32 -12.19 -18.82
CA LYS B 101 -43.18 -12.31 -17.37
C LYS B 101 -43.82 -11.11 -16.71
N LEU B 102 -44.66 -11.37 -15.72
CA LEU B 102 -45.45 -10.32 -15.09
C LEU B 102 -45.62 -10.66 -13.62
N LYS B 103 -45.30 -9.71 -12.76
CA LYS B 103 -45.74 -9.74 -11.37
C LYS B 103 -46.69 -8.56 -11.18
N LEU B 104 -47.93 -8.85 -10.79
CA LEU B 104 -48.91 -7.80 -10.57
C LEU B 104 -48.59 -7.05 -9.28
N GLY B 105 -49.04 -5.80 -9.22
CA GLY B 105 -48.91 -5.03 -7.99
C GLY B 105 -49.65 -5.68 -6.84
N ASP B 106 -49.18 -5.41 -5.63
CA ASP B 106 -49.71 -6.10 -4.45
C ASP B 106 -51.06 -5.56 -4.01
N VAL B 107 -51.45 -4.36 -4.45
CA VAL B 107 -52.77 -3.84 -4.12
C VAL B 107 -53.85 -4.49 -4.99
N PHE B 108 -53.52 -4.86 -6.23
CA PHE B 108 -54.54 -5.33 -7.16
C PHE B 108 -55.35 -6.47 -6.56
N ASN B 109 -56.67 -6.37 -6.70
CA ASN B 109 -57.57 -7.37 -6.13
C ASN B 109 -58.92 -7.33 -6.82
N GLN B 110 -58.96 -7.51 -8.14
CA GLN B 110 -60.19 -7.55 -8.90
C GLN B 110 -60.23 -8.79 -9.77
N GLU B 111 -61.44 -9.29 -10.03
CA GLU B 111 -61.61 -10.49 -10.81
C GLU B 111 -61.16 -10.26 -12.24
N ILE B 112 -60.17 -11.01 -12.69
CA ILE B 112 -59.73 -10.99 -14.07
C ILE B 112 -60.59 -11.96 -14.86
N VAL B 113 -61.18 -11.49 -15.95
CA VAL B 113 -62.01 -12.34 -16.79
C VAL B 113 -61.22 -12.72 -18.05
N GLU B 114 -61.87 -13.47 -18.94
CA GLU B 114 -61.23 -13.98 -20.14
C GLU B 114 -60.71 -12.85 -21.02
N ASN B 115 -59.59 -13.13 -21.69
CA ASN B 115 -59.02 -12.21 -22.69
C ASN B 115 -58.64 -10.87 -22.07
N VAL B 116 -58.01 -10.91 -20.90
CA VAL B 116 -57.46 -9.73 -20.25
C VAL B 116 -55.94 -9.79 -20.18
N LEU B 117 -55.40 -10.83 -19.52
CA LEU B 117 -53.96 -10.99 -19.44
C LEU B 117 -53.38 -11.26 -20.83
N PRO B 118 -52.15 -10.80 -21.07
CA PRO B 118 -51.50 -11.09 -22.37
C PRO B 118 -51.52 -12.59 -22.67
N GLY B 119 -51.89 -12.92 -23.91
CA GLY B 119 -52.06 -14.31 -24.27
C GLY B 119 -50.78 -15.11 -24.28
N GLY B 120 -49.66 -14.46 -24.61
CA GLY B 120 -48.37 -15.11 -24.69
C GLY B 120 -47.60 -15.20 -23.40
N LEU B 121 -48.18 -14.74 -22.30
CA LEU B 121 -47.49 -14.76 -21.02
C LEU B 121 -47.09 -16.17 -20.62
N THR B 122 -45.90 -16.29 -20.03
CA THR B 122 -45.43 -17.57 -19.52
C THR B 122 -45.21 -17.59 -18.01
N HIS B 123 -44.96 -16.44 -17.39
CA HIS B 123 -44.63 -16.36 -15.97
C HIS B 123 -45.58 -15.36 -15.33
N LEU B 124 -46.44 -15.84 -14.44
CA LEU B 124 -47.41 -14.98 -13.75
C LEU B 124 -47.25 -15.11 -12.25
N THR B 125 -47.15 -13.97 -11.57
CA THR B 125 -47.12 -13.92 -10.11
C THR B 125 -48.16 -12.91 -9.66
N PHE B 126 -49.07 -13.35 -8.80
CA PHE B 126 -50.09 -12.45 -8.28
C PHE B 126 -49.54 -11.66 -7.10
N GLY B 127 -50.10 -10.47 -6.90
CA GLY B 127 -49.69 -9.65 -5.79
C GLY B 127 -50.22 -10.19 -4.48
N GLU B 128 -49.71 -9.59 -3.39
CA GLU B 128 -50.03 -10.06 -2.05
C GLU B 128 -51.53 -10.13 -1.81
N GLU B 129 -52.26 -9.09 -2.21
CA GLU B 129 -53.65 -8.94 -1.81
C GLU B 129 -54.65 -9.62 -2.75
N PHE B 130 -54.21 -10.11 -3.91
CA PHE B 130 -55.14 -10.71 -4.85
C PHE B 130 -55.82 -11.92 -4.23
N ASN B 131 -57.15 -11.97 -4.34
CA ASN B 131 -57.94 -13.08 -3.81
C ASN B 131 -59.30 -13.10 -4.51
N GLN B 132 -59.29 -13.21 -5.84
CA GLN B 132 -60.50 -13.23 -6.65
C GLN B 132 -60.56 -14.54 -7.43
N LYS B 133 -61.79 -14.91 -7.81
CA LYS B 133 -62.02 -16.19 -8.46
C LYS B 133 -61.43 -16.21 -9.86
N ILE B 134 -61.00 -17.40 -10.29
CA ILE B 134 -60.41 -17.61 -11.61
C ILE B 134 -61.17 -18.76 -12.28
N VAL B 135 -61.72 -18.51 -13.46
CA VAL B 135 -62.48 -19.53 -14.18
C VAL B 135 -61.66 -20.03 -15.37
N GLU B 136 -62.32 -20.61 -16.38
CA GLU B 136 -61.67 -21.59 -17.25
C GLU B 136 -60.57 -20.95 -18.10
N ASN B 137 -60.95 -20.07 -19.02
CA ASN B 137 -59.99 -19.50 -19.98
C ASN B 137 -59.52 -18.11 -19.58
N VAL B 138 -59.15 -17.94 -18.31
CA VAL B 138 -58.63 -16.67 -17.83
C VAL B 138 -57.12 -16.63 -17.89
N LEU B 139 -56.45 -17.68 -17.40
CA LEU B 139 -55.00 -17.70 -17.43
C LEU B 139 -54.49 -17.93 -18.85
N PRO B 140 -53.44 -17.23 -19.27
CA PRO B 140 -52.90 -17.46 -20.61
C PRO B 140 -52.65 -18.93 -20.88
N GLY B 141 -52.97 -19.35 -22.10
CA GLY B 141 -52.97 -20.77 -22.42
C GLY B 141 -51.61 -21.43 -22.40
N GLY B 142 -50.54 -20.65 -22.54
CA GLY B 142 -49.20 -21.20 -22.52
C GLY B 142 -48.40 -20.82 -21.29
N LEU B 143 -49.10 -20.49 -20.21
CA LEU B 143 -48.43 -20.17 -18.96
C LEU B 143 -47.67 -21.38 -18.45
N THR B 144 -46.45 -21.15 -17.97
CA THR B 144 -45.62 -22.21 -17.39
C THR B 144 -45.42 -22.07 -15.89
N HIS B 145 -45.29 -20.84 -15.38
CA HIS B 145 -45.01 -20.57 -13.98
C HIS B 145 -46.13 -19.74 -13.39
N LEU B 146 -46.76 -20.24 -12.33
CA LEU B 146 -47.84 -19.51 -11.64
C LEU B 146 -47.56 -19.50 -10.15
N THR B 147 -47.50 -18.30 -9.58
CA THR B 147 -47.25 -18.10 -8.15
C THR B 147 -48.35 -17.22 -7.59
N PHE B 148 -49.01 -17.68 -6.53
CA PHE B 148 -50.01 -16.89 -5.86
C PHE B 148 -49.39 -16.10 -4.71
N GLY B 149 -50.05 -15.00 -4.35
CA GLY B 149 -49.65 -14.17 -3.24
C GLY B 149 -50.21 -14.68 -1.92
N GLU B 150 -50.03 -13.87 -0.87
CA GLU B 150 -50.35 -14.32 0.47
C GLU B 150 -51.84 -14.64 0.62
N GLU B 151 -52.69 -13.79 0.05
CA GLU B 151 -54.11 -13.78 0.40
C GLU B 151 -54.98 -14.69 -0.47
N PHE B 152 -54.45 -15.23 -1.56
CA PHE B 152 -55.30 -15.99 -2.47
C PHE B 152 -55.86 -17.25 -1.79
N ASN B 153 -57.18 -17.37 -1.79
CA ASN B 153 -57.83 -18.57 -1.26
C ASN B 153 -59.13 -18.81 -2.01
N GLN B 154 -59.04 -19.08 -3.30
CA GLN B 154 -60.21 -19.38 -4.12
C GLN B 154 -60.06 -20.77 -4.73
N LYS B 155 -61.19 -21.39 -5.02
CA LYS B 155 -61.22 -22.76 -5.54
C LYS B 155 -60.55 -22.84 -6.90
N ILE B 156 -59.94 -24.00 -7.17
CA ILE B 156 -59.34 -24.30 -8.46
C ILE B 156 -60.08 -25.50 -9.03
N VAL B 157 -60.78 -25.31 -10.14
CA VAL B 157 -61.53 -26.42 -10.75
C VAL B 157 -60.87 -26.79 -12.09
N GLU B 158 -61.48 -27.75 -12.79
CA GLU B 158 -60.86 -28.30 -13.98
C GLU B 158 -60.72 -27.24 -15.07
N ASN B 159 -59.63 -27.34 -15.83
CA ASN B 159 -59.39 -26.54 -17.02
C ASN B 159 -59.22 -25.06 -16.74
N VAL B 160 -58.94 -24.69 -15.50
CA VAL B 160 -58.54 -23.31 -15.21
C VAL B 160 -57.03 -23.17 -15.29
N LEU B 161 -56.30 -24.19 -14.83
CA LEU B 161 -54.85 -24.19 -14.96
C LEU B 161 -54.48 -24.62 -16.38
N PRO B 162 -53.70 -23.84 -17.10
CA PRO B 162 -53.33 -24.24 -18.47
C PRO B 162 -52.60 -25.58 -18.48
N ASN B 163 -52.83 -26.35 -19.54
CA ASN B 163 -52.18 -27.65 -19.67
C ASN B 163 -50.69 -27.56 -19.96
N SER B 164 -50.11 -26.36 -19.87
CA SER B 164 -48.68 -26.16 -20.08
C SER B 164 -47.94 -25.85 -18.79
N LEU B 165 -48.62 -25.75 -17.65
CA LEU B 165 -48.00 -25.30 -16.42
C LEU B 165 -47.01 -26.34 -15.89
N THR B 166 -45.82 -25.88 -15.52
CA THR B 166 -44.82 -26.74 -14.91
C THR B 166 -44.57 -26.44 -13.44
N HIS B 167 -44.79 -25.19 -13.02
CA HIS B 167 -44.46 -24.74 -11.68
C HIS B 167 -45.68 -24.06 -11.08
N LEU B 168 -46.14 -24.55 -9.93
CA LEU B 168 -47.29 -23.99 -9.24
C LEU B 168 -46.95 -23.82 -7.77
N SER B 169 -47.10 -22.60 -7.25
CA SER B 169 -46.79 -22.28 -5.88
C SER B 169 -47.95 -21.49 -5.27
N PHE B 170 -48.53 -22.04 -4.22
CA PHE B 170 -49.58 -21.35 -3.48
C PHE B 170 -48.98 -20.54 -2.35
N GLY B 171 -49.70 -19.48 -1.95
CA GLY B 171 -49.27 -18.61 -0.88
C GLY B 171 -49.81 -19.05 0.47
N ASP B 172 -49.70 -18.15 1.44
CA ASP B 172 -49.95 -18.52 2.82
C ASP B 172 -51.40 -18.98 3.02
N CYS B 173 -52.36 -18.29 2.39
CA CYS B 173 -53.75 -18.46 2.75
C CYS B 173 -54.49 -19.52 1.93
N PHE B 174 -53.95 -19.97 0.80
CA PHE B 174 -54.68 -20.94 0.01
C PHE B 174 -54.97 -22.19 0.84
N ASN B 175 -56.25 -22.57 0.90
CA ASN B 175 -56.66 -23.77 1.62
C ASN B 175 -57.97 -24.30 1.07
N GLN B 176 -57.94 -24.74 -0.19
CA GLN B 176 -59.09 -25.36 -0.85
C GLN B 176 -58.70 -26.76 -1.33
N LYS B 177 -59.70 -27.64 -1.42
CA LYS B 177 -59.44 -28.99 -1.88
C LYS B 177 -58.88 -29.00 -3.30
N ILE B 178 -58.00 -29.96 -3.57
CA ILE B 178 -57.48 -30.21 -4.91
C ILE B 178 -57.95 -31.60 -5.32
N THR B 179 -58.79 -31.67 -6.35
CA THR B 179 -59.40 -32.92 -6.76
C THR B 179 -58.83 -33.43 -8.10
N GLU B 180 -59.45 -34.49 -8.61
CA GLU B 180 -58.96 -35.16 -9.80
C GLU B 180 -59.03 -34.27 -11.03
N ASN B 181 -57.99 -34.34 -11.85
CA ASN B 181 -57.91 -33.64 -13.13
C ASN B 181 -57.85 -32.13 -13.00
N VAL B 182 -57.46 -31.63 -11.83
CA VAL B 182 -57.27 -30.19 -11.66
C VAL B 182 -55.82 -29.79 -11.94
N LEU B 183 -54.86 -30.56 -11.42
CA LEU B 183 -53.45 -30.29 -11.66
C LEU B 183 -53.07 -30.81 -13.04
N PRO B 184 -52.45 -29.99 -13.89
CA PRO B 184 -52.13 -30.45 -15.25
C PRO B 184 -51.10 -31.58 -15.24
N ASN B 185 -51.18 -32.43 -16.27
CA ASN B 185 -50.21 -33.50 -16.43
C ASN B 185 -48.83 -32.99 -16.79
N SER B 186 -48.67 -31.69 -17.02
CA SER B 186 -47.37 -31.11 -17.31
C SER B 186 -46.67 -30.60 -16.05
N LEU B 187 -47.35 -30.63 -14.90
CA LEU B 187 -46.82 -30.01 -13.69
C LEU B 187 -45.63 -30.79 -13.14
N THR B 188 -44.59 -30.04 -12.76
CA THR B 188 -43.37 -30.63 -12.22
C THR B 188 -42.99 -30.11 -10.83
N TYR B 189 -43.29 -28.85 -10.52
CA TYR B 189 -43.03 -28.28 -9.20
C TYR B 189 -44.37 -27.86 -8.60
N LEU B 190 -44.70 -28.42 -7.44
CA LEU B 190 -45.90 -28.05 -6.70
C LEU B 190 -45.49 -27.67 -5.29
N GLU B 191 -45.85 -26.45 -4.88
CA GLU B 191 -45.58 -25.99 -3.52
C GLU B 191 -46.87 -25.48 -2.90
N PHE B 192 -47.29 -26.09 -1.80
CA PHE B 192 -48.38 -25.58 -1.00
C PHE B 192 -47.84 -24.63 0.05
N GLY B 193 -48.69 -23.70 0.49
CA GLY B 193 -48.32 -22.67 1.42
C GLY B 193 -48.73 -22.95 2.85
N ARG B 194 -48.63 -21.91 3.67
CA ARG B 194 -48.83 -22.03 5.11
C ARG B 194 -50.11 -22.77 5.46
N ASN B 195 -51.25 -22.33 4.93
CA ASN B 195 -52.53 -22.76 5.47
C ASN B 195 -53.13 -23.99 4.78
N PHE B 196 -52.50 -24.52 3.73
CA PHE B 196 -53.09 -25.65 3.03
C PHE B 196 -53.12 -26.88 3.94
N ASN B 197 -54.31 -27.37 4.25
CA ASN B 197 -54.47 -28.55 5.08
C ASN B 197 -55.70 -29.32 4.62
N GLN B 198 -55.62 -29.86 3.40
CA GLN B 198 -56.72 -30.57 2.78
C GLN B 198 -56.26 -31.96 2.36
N LYS B 199 -57.17 -32.93 2.46
CA LYS B 199 -56.84 -34.30 2.08
C LYS B 199 -56.42 -34.35 0.61
N ILE B 200 -55.46 -35.22 0.32
CA ILE B 200 -55.03 -35.47 -1.05
C ILE B 200 -55.21 -36.96 -1.33
N THR B 201 -56.06 -37.27 -2.32
CA THR B 201 -56.41 -38.64 -2.64
C THR B 201 -55.71 -39.09 -3.91
N GLU B 202 -56.03 -40.31 -4.35
CA GLU B 202 -55.39 -40.90 -5.52
C GLU B 202 -55.75 -40.15 -6.78
N ASN B 203 -54.86 -40.24 -7.77
CA ASN B 203 -55.07 -39.68 -9.10
C ASN B 203 -55.30 -38.17 -9.07
N VAL B 204 -54.81 -37.50 -8.05
CA VAL B 204 -54.85 -36.04 -7.97
C VAL B 204 -53.51 -35.43 -8.37
N LEU B 205 -52.42 -35.99 -7.87
CA LEU B 205 -51.08 -35.53 -8.22
C LEU B 205 -50.69 -36.14 -9.57
N PRO B 206 -50.25 -35.33 -10.52
CA PRO B 206 -49.99 -35.87 -11.86
C PRO B 206 -48.75 -36.75 -11.89
N ASN B 207 -48.68 -37.57 -12.93
CA ASN B 207 -47.60 -38.55 -13.09
C ASN B 207 -46.28 -37.92 -13.53
N SER B 208 -46.22 -36.60 -13.63
CA SER B 208 -45.03 -35.89 -14.10
C SER B 208 -44.38 -35.07 -13.00
N LEU B 209 -44.95 -35.07 -11.80
CA LEU B 209 -44.47 -34.23 -10.70
C LEU B 209 -43.15 -34.74 -10.13
N THR B 210 -42.21 -33.84 -9.95
CA THR B 210 -40.90 -34.19 -9.39
C THR B 210 -40.66 -33.61 -8.00
N HIS B 211 -41.22 -32.44 -7.70
CA HIS B 211 -40.94 -31.73 -6.45
C HIS B 211 -42.25 -31.36 -5.77
N LEU B 212 -42.43 -31.80 -4.53
CA LEU B 212 -43.63 -31.51 -3.76
C LEU B 212 -43.27 -30.96 -2.39
N THR B 213 -43.75 -29.76 -2.09
CA THR B 213 -43.47 -29.10 -0.81
C THR B 213 -44.78 -28.70 -0.12
N PHE B 214 -44.93 -29.13 1.13
CA PHE B 214 -46.05 -28.72 1.97
C PHE B 214 -45.64 -27.59 2.91
N GLY B 215 -46.64 -26.97 3.51
CA GLY B 215 -46.42 -25.85 4.39
C GLY B 215 -46.80 -26.09 5.84
N TRP B 216 -46.83 -24.99 6.61
CA TRP B 216 -46.94 -25.04 8.06
C TRP B 216 -48.00 -26.02 8.56
N TYR B 217 -49.24 -25.86 8.11
CA TYR B 217 -50.37 -26.51 8.73
C TYR B 217 -50.74 -27.86 8.11
N PHE B 218 -50.11 -28.27 7.02
CA PHE B 218 -50.49 -29.53 6.40
C PHE B 218 -50.24 -30.70 7.35
N ASN B 219 -51.30 -31.48 7.60
CA ASN B 219 -51.23 -32.64 8.49
C ASN B 219 -52.30 -33.65 8.11
N GLN B 220 -52.24 -34.15 6.89
CA GLN B 220 -53.14 -35.18 6.41
C GLN B 220 -52.35 -36.43 6.03
N GLN B 221 -53.01 -37.57 6.14
CA GLN B 221 -52.39 -38.86 5.81
C GLN B 221 -52.01 -38.88 4.33
N ILE B 222 -50.91 -39.57 4.03
CA ILE B 222 -50.54 -39.88 2.65
C ILE B 222 -50.62 -41.39 2.50
N THR B 223 -51.60 -41.86 1.75
CA THR B 223 -51.86 -43.29 1.58
C THR B 223 -51.26 -43.79 0.27
N GLU B 224 -51.38 -45.11 0.07
CA GLU B 224 -50.85 -45.76 -1.12
C GLU B 224 -51.36 -45.11 -2.40
N ASN B 225 -50.47 -45.07 -3.40
CA ASN B 225 -50.80 -44.66 -4.77
C ASN B 225 -51.28 -43.21 -4.84
N VAL B 226 -50.91 -42.39 -3.86
CA VAL B 226 -51.17 -40.97 -3.93
C VAL B 226 -49.98 -40.20 -4.49
N LEU B 227 -48.76 -40.58 -4.11
CA LEU B 227 -47.56 -39.89 -4.59
C LEU B 227 -47.11 -40.51 -5.90
N PRO B 228 -46.90 -39.70 -6.94
CA PRO B 228 -46.59 -40.28 -8.26
C PRO B 228 -45.18 -40.86 -8.30
N ASN B 229 -45.01 -41.82 -9.23
CA ASN B 229 -43.75 -42.52 -9.40
C ASN B 229 -42.66 -41.64 -10.00
N SER B 230 -42.95 -40.37 -10.27
CA SER B 230 -41.96 -39.43 -10.78
C SER B 230 -41.32 -38.59 -9.68
N LEU B 231 -41.88 -38.60 -8.47
CA LEU B 231 -41.39 -37.74 -7.41
C LEU B 231 -39.94 -38.06 -7.06
N THR B 232 -39.11 -37.01 -7.01
CA THR B 232 -37.76 -37.11 -6.49
C THR B 232 -37.56 -36.32 -5.21
N TYR B 233 -38.35 -35.27 -4.98
CA TYR B 233 -38.16 -34.36 -3.85
C TYR B 233 -39.47 -34.26 -3.07
N LEU B 234 -39.41 -34.53 -1.78
CA LEU B 234 -40.57 -34.43 -0.91
C LEU B 234 -40.18 -33.74 0.38
N GLU B 235 -40.81 -32.59 0.64
CA GLU B 235 -40.55 -31.81 1.85
C GLU B 235 -41.86 -31.54 2.56
N PHE B 236 -41.98 -32.05 3.78
CA PHE B 236 -43.13 -31.77 4.62
C PHE B 236 -42.93 -30.48 5.40
N GLY B 237 -44.03 -29.96 5.93
CA GLY B 237 -44.02 -28.75 6.71
C GLY B 237 -44.05 -29.01 8.21
N ARG B 238 -44.19 -27.92 8.96
CA ARG B 238 -44.08 -27.99 10.41
C ARG B 238 -44.96 -29.07 11.03
N ASN B 239 -46.25 -29.05 10.71
CA ASN B 239 -47.22 -29.80 11.51
C ASN B 239 -47.44 -31.23 11.03
N PHE B 240 -46.90 -31.62 9.89
CA PHE B 240 -47.16 -32.97 9.40
C PHE B 240 -46.63 -33.99 10.40
N ASN B 241 -47.51 -34.88 10.86
CA ASN B 241 -47.16 -35.89 11.85
C ASN B 241 -48.09 -37.09 11.67
N GLN B 242 -48.04 -37.69 10.48
CA GLN B 242 -48.85 -38.86 10.17
C GLN B 242 -47.96 -40.06 9.88
N GLN B 243 -48.49 -41.25 10.16
CA GLN B 243 -47.74 -42.48 9.93
C GLN B 243 -47.52 -42.68 8.43
N ILE B 244 -46.31 -43.10 8.06
CA ILE B 244 -45.99 -43.44 6.68
C ILE B 244 -45.69 -44.93 6.62
N THR B 245 -46.60 -45.67 5.99
CA THR B 245 -46.51 -47.12 5.90
C THR B 245 -45.87 -47.53 4.57
N GLU B 246 -45.89 -48.83 4.29
CA GLU B 246 -45.26 -49.35 3.09
C GLU B 246 -45.95 -48.83 1.83
N ASN B 247 -45.15 -48.61 0.79
CA ASN B 247 -45.63 -48.38 -0.57
C ASN B 247 -46.41 -47.08 -0.72
N VAL B 248 -46.09 -46.08 0.09
CA VAL B 248 -46.65 -44.74 -0.11
C VAL B 248 -45.61 -43.80 -0.71
N LEU B 249 -44.35 -43.95 -0.30
CA LEU B 249 -43.26 -43.20 -0.93
C LEU B 249 -42.84 -43.88 -2.22
N PRO B 250 -42.81 -43.18 -3.34
CA PRO B 250 -42.48 -43.83 -4.62
C PRO B 250 -41.00 -44.23 -4.67
N ASN B 251 -40.72 -45.19 -5.55
CA ASN B 251 -39.37 -45.74 -5.66
C ASN B 251 -38.41 -44.80 -6.38
N SER B 252 -38.81 -43.57 -6.65
CA SER B 252 -37.97 -42.59 -7.32
C SER B 252 -37.44 -41.53 -6.37
N LEU B 253 -37.85 -41.54 -5.11
CA LEU B 253 -37.52 -40.46 -4.19
C LEU B 253 -36.02 -40.44 -3.89
N THR B 254 -35.41 -39.27 -4.02
CA THR B 254 -34.02 -39.06 -3.66
C THR B 254 -33.84 -38.12 -2.48
N TYR B 255 -34.75 -37.17 -2.30
N TYR B 255 -34.75 -37.17 -2.30
CA TYR B 255 -34.69 -36.21 -1.20
CA TYR B 255 -34.68 -36.22 -1.20
C TYR B 255 -35.97 -36.29 -0.38
C TYR B 255 -35.97 -36.31 -0.38
N LEU B 256 -35.82 -36.42 0.93
CA LEU B 256 -36.96 -36.47 1.84
C LEU B 256 -36.65 -35.65 3.07
N GLU B 257 -37.46 -34.64 3.34
CA GLU B 257 -37.28 -33.79 4.51
C GLU B 257 -38.59 -33.73 5.30
N PHE B 258 -38.50 -34.03 6.59
CA PHE B 258 -39.62 -33.87 7.50
C PHE B 258 -39.54 -32.50 8.17
N GLY B 259 -40.70 -32.05 8.66
CA GLY B 259 -40.80 -30.81 9.39
C GLY B 259 -40.73 -31.01 10.90
N ARG B 260 -41.04 -29.94 11.62
CA ARG B 260 -40.85 -29.91 13.06
C ARG B 260 -41.50 -31.10 13.75
N ASN B 261 -42.77 -31.34 13.48
CA ASN B 261 -43.60 -32.16 14.36
C ASN B 261 -43.62 -33.64 14.01
N PHE B 262 -43.07 -34.04 12.87
CA PHE B 262 -43.12 -35.45 12.52
C PHE B 262 -42.37 -36.27 13.56
N ASN B 263 -43.06 -37.23 14.17
CA ASN B 263 -42.49 -38.06 15.23
C ASN B 263 -43.19 -39.42 15.25
N GLN B 264 -43.18 -40.10 14.10
CA GLN B 264 -43.81 -41.39 13.94
C GLN B 264 -42.75 -42.47 13.75
N GLN B 265 -43.08 -43.70 14.17
CA GLN B 265 -42.17 -44.82 13.97
C GLN B 265 -41.99 -45.08 12.48
N ILE B 266 -40.78 -45.47 12.09
CA ILE B 266 -40.48 -45.84 10.71
C ILE B 266 -40.08 -47.31 10.70
N THR B 267 -40.88 -48.13 10.04
CA THR B 267 -40.62 -49.56 9.93
C THR B 267 -39.93 -49.86 8.61
N GLU B 268 -39.78 -51.14 8.28
CA GLU B 268 -39.03 -51.56 7.12
C GLU B 268 -39.85 -51.41 5.83
N ASN B 269 -39.12 -51.26 4.72
CA ASN B 269 -39.72 -51.21 3.39
C ASN B 269 -40.65 -50.02 3.20
N VAL B 270 -40.44 -48.96 3.98
CA VAL B 270 -41.18 -47.71 3.80
C VAL B 270 -40.32 -46.66 3.12
N LEU B 271 -39.05 -46.55 3.52
CA LEU B 271 -38.11 -45.61 2.92
C LEU B 271 -37.55 -46.25 1.65
N PRO B 272 -37.89 -45.73 0.48
CA PRO B 272 -37.40 -46.36 -0.76
C PRO B 272 -35.88 -46.31 -0.85
N ASN B 273 -35.30 -47.38 -1.40
CA ASN B 273 -33.86 -47.50 -1.49
C ASN B 273 -33.24 -46.42 -2.38
N SER B 274 -34.04 -45.67 -3.13
CA SER B 274 -33.50 -44.62 -3.99
C SER B 274 -33.08 -43.37 -3.20
N LEU B 275 -33.53 -43.23 -1.95
CA LEU B 275 -33.26 -42.02 -1.20
C LEU B 275 -31.77 -41.84 -0.94
N THR B 276 -31.26 -40.65 -1.25
CA THR B 276 -29.89 -40.28 -0.92
C THR B 276 -29.80 -39.31 0.25
N HIS B 277 -30.79 -38.43 0.40
CA HIS B 277 -30.80 -37.43 1.46
C HIS B 277 -32.07 -37.59 2.29
N ILE B 278 -31.90 -37.76 3.59
CA ILE B 278 -33.01 -37.76 4.54
C ILE B 278 -32.70 -36.73 5.61
N THR B 279 -33.64 -35.83 5.87
CA THR B 279 -33.53 -34.88 6.96
C THR B 279 -34.75 -35.01 7.87
N PHE B 280 -34.51 -35.14 9.17
CA PHE B 280 -35.57 -35.18 10.17
C PHE B 280 -35.75 -33.80 10.79
N GLY B 281 -36.95 -33.57 11.30
CA GLY B 281 -37.27 -32.33 11.98
C GLY B 281 -36.98 -32.38 13.47
N ASN B 282 -37.34 -31.27 14.12
CA ASN B 282 -36.94 -31.07 15.52
C ASN B 282 -37.43 -32.20 16.41
N ASN B 283 -38.67 -32.66 16.21
CA ASN B 283 -39.31 -33.51 17.21
C ASN B 283 -39.12 -35.01 16.95
N PHE B 284 -38.60 -35.41 15.79
CA PHE B 284 -38.47 -36.83 15.52
C PHE B 284 -37.57 -37.47 16.57
N ASN B 285 -38.06 -38.52 17.20
CA ASN B 285 -37.33 -39.19 18.27
C ASN B 285 -37.79 -40.65 18.38
N GLN B 286 -37.85 -41.34 17.25
CA GLN B 286 -38.22 -42.74 17.21
C GLN B 286 -37.00 -43.58 16.87
N ILE B 287 -36.94 -44.79 17.44
CA ILE B 287 -35.81 -45.68 17.20
C ILE B 287 -35.77 -46.07 15.73
N ILE B 288 -34.55 -46.08 15.17
CA ILE B 288 -34.29 -46.57 13.82
C ILE B 288 -33.58 -47.92 13.97
N THR B 289 -34.18 -48.97 13.42
CA THR B 289 -33.63 -50.31 13.59
C THR B 289 -32.95 -50.80 12.31
N GLU B 290 -32.82 -52.11 12.17
CA GLU B 290 -31.72 -52.69 11.38
C GLU B 290 -31.89 -52.42 9.89
N ASN B 291 -33.00 -52.87 9.30
CA ASN B 291 -33.15 -52.79 7.85
C ASN B 291 -34.16 -51.72 7.46
N VAL B 292 -34.04 -50.53 8.05
CA VAL B 292 -34.97 -49.45 7.84
C VAL B 292 -34.43 -48.40 6.87
N LEU B 293 -33.18 -47.99 7.06
CA LEU B 293 -32.62 -46.93 6.25
C LEU B 293 -32.29 -47.43 4.83
N PRO B 294 -32.53 -46.63 3.81
CA PRO B 294 -32.26 -47.07 2.44
C PRO B 294 -30.78 -47.32 2.21
N ASN B 295 -30.49 -48.17 1.22
CA ASN B 295 -29.11 -48.55 0.94
C ASN B 295 -28.38 -47.59 0.01
N SER B 296 -29.08 -46.60 -0.55
CA SER B 296 -28.44 -45.55 -1.32
C SER B 296 -28.10 -44.32 -0.48
N LEU B 297 -28.59 -44.25 0.75
CA LEU B 297 -28.48 -43.05 1.55
C LEU B 297 -27.04 -42.57 1.67
N THR B 298 -26.82 -41.31 1.33
CA THR B 298 -25.53 -40.67 1.52
C THR B 298 -25.53 -39.59 2.59
N HIS B 299 -26.64 -38.87 2.78
CA HIS B 299 -26.70 -37.76 3.72
C HIS B 299 -27.84 -38.00 4.69
N LEU B 300 -27.54 -37.95 5.99
CA LEU B 300 -28.52 -38.19 7.04
C LEU B 300 -28.37 -37.12 8.11
N THR B 301 -29.45 -36.35 8.33
CA THR B 301 -29.45 -35.28 9.32
C THR B 301 -30.61 -35.50 10.28
N PHE B 302 -30.30 -35.64 11.57
CA PHE B 302 -31.32 -35.75 12.60
C PHE B 302 -31.68 -34.36 13.15
N GLY B 303 -32.86 -34.28 13.74
CA GLY B 303 -33.31 -33.08 14.42
C GLY B 303 -32.83 -33.02 15.85
N ASN B 304 -33.17 -31.91 16.51
CA ASN B 304 -32.60 -31.60 17.82
C ASN B 304 -33.03 -32.57 18.90
N ASN B 305 -34.22 -33.17 18.80
CA ASN B 305 -34.73 -34.04 19.85
C ASN B 305 -34.32 -35.50 19.68
N PHE B 306 -33.82 -35.89 18.51
CA PHE B 306 -33.47 -37.29 18.30
C PHE B 306 -32.41 -37.73 19.30
N ASN B 307 -32.68 -38.82 20.01
CA ASN B 307 -31.75 -39.34 21.00
C ASN B 307 -32.00 -40.82 21.28
N GLN B 308 -32.16 -41.59 20.22
CA GLN B 308 -32.36 -43.04 20.30
C GLN B 308 -31.08 -43.74 19.88
N ILE B 309 -30.78 -44.85 20.55
CA ILE B 309 -29.52 -45.54 20.33
C ILE B 309 -29.45 -46.05 18.89
N ILE B 310 -28.23 -46.03 18.34
CA ILE B 310 -27.96 -46.55 17.00
C ILE B 310 -26.97 -47.69 17.15
N THR B 311 -27.38 -48.90 16.77
CA THR B 311 -26.59 -50.10 16.94
C THR B 311 -25.99 -50.57 15.61
N GLU B 312 -25.43 -51.78 15.62
CA GLU B 312 -24.76 -52.35 14.47
C GLU B 312 -25.74 -52.54 13.31
N ASN B 313 -25.25 -52.32 12.10
CA ASN B 313 -26.00 -52.59 10.87
C ASN B 313 -27.32 -51.83 10.81
N VAL B 314 -27.31 -50.62 11.34
CA VAL B 314 -28.42 -49.69 11.16
C VAL B 314 -28.09 -48.62 10.14
N LEU B 315 -26.92 -48.01 10.24
CA LEU B 315 -26.45 -47.05 9.26
C LEU B 315 -25.92 -47.79 8.04
N PRO B 316 -26.39 -47.48 6.84
CA PRO B 316 -25.92 -48.21 5.66
C PRO B 316 -24.49 -47.81 5.31
N ASN B 317 -23.84 -48.70 4.54
CA ASN B 317 -22.45 -48.48 4.16
C ASN B 317 -22.30 -47.48 3.02
N SER B 318 -23.41 -46.94 2.50
CA SER B 318 -23.36 -45.87 1.52
C SER B 318 -23.23 -44.49 2.16
N LEU B 319 -23.47 -44.39 3.46
CA LEU B 319 -23.60 -43.10 4.12
C LEU B 319 -22.27 -42.36 4.14
N THR B 320 -22.28 -41.11 3.69
CA THR B 320 -21.10 -40.26 3.72
C THR B 320 -21.20 -39.10 4.70
N HIS B 321 -22.39 -38.58 4.94
CA HIS B 321 -22.59 -37.42 5.80
C HIS B 321 -23.62 -37.76 6.86
N LEU B 322 -23.23 -37.61 8.13
CA LEU B 322 -24.10 -37.85 9.28
C LEU B 322 -24.04 -36.63 10.19
N THR B 323 -25.19 -36.08 10.54
CA THR B 323 -25.25 -34.89 11.39
C THR B 323 -26.28 -35.12 12.49
N PHE B 324 -25.83 -34.99 13.73
CA PHE B 324 -26.70 -35.15 14.89
C PHE B 324 -27.20 -33.79 15.36
N GLY B 325 -28.33 -33.81 16.07
CA GLY B 325 -28.90 -32.62 16.65
C GLY B 325 -28.49 -32.43 18.10
N ASP B 326 -29.15 -31.46 18.74
CA ASP B 326 -28.74 -31.04 20.08
C ASP B 326 -28.71 -32.20 21.07
N ASP B 327 -29.75 -33.04 21.08
CA ASP B 327 -29.97 -33.93 22.21
C ASP B 327 -29.21 -35.25 22.12
N PHE B 328 -28.66 -35.60 20.96
CA PHE B 328 -28.12 -36.95 20.81
C PHE B 328 -26.97 -37.18 21.78
N ASN B 329 -27.06 -38.26 22.54
CA ASN B 329 -26.04 -38.58 23.53
C ASN B 329 -26.06 -40.08 23.85
N GLN B 330 -26.14 -40.90 22.80
CA GLN B 330 -26.15 -42.35 22.98
C GLN B 330 -24.75 -42.92 22.71
N ILE B 331 -24.45 -44.03 23.38
CA ILE B 331 -23.18 -44.71 23.18
C ILE B 331 -23.06 -45.19 21.75
N ILE B 332 -21.84 -45.08 21.20
CA ILE B 332 -21.51 -45.57 19.87
C ILE B 332 -20.38 -46.58 20.02
N THR B 333 -20.65 -47.84 19.71
CA THR B 333 -19.67 -48.90 19.82
C THR B 333 -19.02 -49.15 18.46
N GLU B 334 -18.42 -50.32 18.27
CA GLU B 334 -17.41 -50.50 17.24
C GLU B 334 -17.98 -50.39 15.83
N ASN B 335 -18.86 -51.32 15.46
CA ASN B 335 -19.29 -51.45 14.07
C ASN B 335 -20.62 -50.76 13.81
N VAL B 336 -20.74 -49.51 14.22
CA VAL B 336 -21.95 -48.72 14.03
C VAL B 336 -21.78 -47.72 12.89
N LEU B 337 -20.71 -46.94 12.93
CA LEU B 337 -20.46 -45.94 11.89
C LEU B 337 -19.98 -46.65 10.62
N PRO B 338 -20.66 -46.47 9.49
CA PRO B 338 -20.29 -47.24 8.29
C PRO B 338 -18.95 -46.84 7.71
N ASN B 339 -18.43 -47.72 6.85
CA ASN B 339 -17.08 -47.61 6.32
C ASN B 339 -16.92 -46.55 5.23
N SER B 340 -17.99 -45.90 4.82
CA SER B 340 -17.95 -44.83 3.84
C SER B 340 -17.95 -43.43 4.45
N LEU B 341 -18.22 -43.32 5.74
CA LEU B 341 -18.52 -42.02 6.33
C LEU B 341 -17.32 -41.08 6.27
N THR B 342 -17.54 -39.90 5.72
CA THR B 342 -16.51 -38.86 5.64
C THR B 342 -16.80 -37.65 6.54
N HIS B 343 -18.06 -37.35 6.83
CA HIS B 343 -18.43 -36.19 7.62
C HIS B 343 -19.32 -36.61 8.78
N LEU B 344 -18.89 -36.27 9.99
CA LEU B 344 -19.63 -36.56 11.22
C LEU B 344 -19.71 -35.29 12.06
N THR B 345 -20.92 -34.90 12.43
CA THR B 345 -21.15 -33.71 13.24
C THR B 345 -22.03 -34.06 14.42
N PHE B 346 -21.56 -33.75 15.62
CA PHE B 346 -22.33 -33.95 16.84
C PHE B 346 -22.99 -32.66 17.28
N GLY B 347 -23.99 -32.80 18.15
CA GLY B 347 -24.70 -31.67 18.71
C GLY B 347 -24.25 -31.34 20.13
N ASP B 348 -25.05 -30.50 20.78
CA ASP B 348 -24.65 -29.92 22.06
C ASP B 348 -24.42 -30.98 23.12
N ASP B 349 -25.31 -31.97 23.20
CA ASP B 349 -25.32 -32.86 24.34
C ASP B 349 -24.35 -34.03 24.22
N PHE B 350 -23.92 -34.38 23.01
CA PHE B 350 -23.15 -35.60 22.86
C PHE B 350 -21.91 -35.57 23.75
N ASN B 351 -21.76 -36.59 24.60
CA ASN B 351 -20.63 -36.65 25.51
C ASN B 351 -20.41 -38.09 26.00
N GLN B 352 -20.29 -39.03 25.06
CA GLN B 352 -19.95 -40.41 25.37
C GLN B 352 -18.52 -40.68 24.89
N ILE B 353 -17.80 -41.51 25.65
CA ILE B 353 -16.44 -41.84 25.25
C ILE B 353 -16.46 -42.52 23.88
N ILE B 354 -15.40 -42.27 23.11
CA ILE B 354 -15.22 -42.87 21.79
C ILE B 354 -13.89 -43.62 21.80
N THR B 355 -13.96 -44.93 21.61
CA THR B 355 -12.80 -45.80 21.78
C THR B 355 -12.17 -46.11 20.43
N GLU B 356 -11.37 -47.17 20.37
CA GLU B 356 -10.37 -47.34 19.33
C GLU B 356 -10.92 -47.40 17.91
N ASN B 357 -11.69 -48.44 17.61
CA ASN B 357 -12.14 -48.64 16.23
C ASN B 357 -13.62 -48.32 16.10
N VAL B 358 -14.01 -47.18 16.63
CA VAL B 358 -15.37 -46.68 16.47
C VAL B 358 -15.48 -45.78 15.25
N LEU B 359 -14.58 -44.82 15.14
CA LEU B 359 -14.56 -43.90 14.01
C LEU B 359 -14.02 -44.61 12.78
N PRO B 360 -14.75 -44.65 11.67
CA PRO B 360 -14.27 -45.40 10.50
C PRO B 360 -13.06 -44.72 9.87
N ASN B 361 -12.29 -45.51 9.15
CA ASN B 361 -11.04 -45.05 8.57
C ASN B 361 -11.25 -44.21 7.30
N SER B 362 -12.49 -43.92 6.95
CA SER B 362 -12.78 -43.01 5.84
C SER B 362 -13.08 -41.58 6.29
N LEU B 363 -13.19 -41.36 7.61
CA LEU B 363 -13.62 -40.07 8.11
C LEU B 363 -12.59 -38.99 7.81
N THR B 364 -13.04 -37.90 7.20
CA THR B 364 -12.20 -36.73 6.96
C THR B 364 -12.55 -35.55 7.83
N HIS B 365 -13.80 -35.47 8.30
CA HIS B 365 -14.28 -34.30 9.01
C HIS B 365 -15.03 -34.72 10.28
N LEU B 366 -14.55 -34.26 11.43
CA LEU B 366 -15.17 -34.57 12.71
C LEU B 366 -15.39 -33.27 13.47
N THR B 367 -16.65 -32.92 13.72
CA THR B 367 -17.01 -31.72 14.45
C THR B 367 -17.80 -32.11 15.69
N PHE B 368 -17.30 -31.72 16.85
CA PHE B 368 -17.97 -31.95 18.12
C PHE B 368 -18.83 -30.75 18.51
N GLY B 369 -19.76 -31.00 19.45
CA GLY B 369 -20.59 -29.96 20.01
C GLY B 369 -20.09 -29.50 21.37
N ASP B 370 -20.96 -28.73 22.05
CA ASP B 370 -20.60 -28.10 23.31
C ASP B 370 -19.98 -29.06 24.31
N ASP B 371 -20.64 -30.21 24.55
CA ASP B 371 -20.39 -30.95 25.77
C ASP B 371 -19.31 -32.00 25.67
N PHE B 372 -18.92 -32.42 24.47
CA PHE B 372 -17.95 -33.50 24.37
C PHE B 372 -16.70 -33.19 25.20
N ASN B 373 -16.32 -34.14 26.05
CA ASN B 373 -15.18 -33.93 26.95
C ASN B 373 -14.69 -35.27 27.48
N GLN B 374 -14.30 -36.17 26.58
CA GLN B 374 -13.76 -37.48 26.91
C GLN B 374 -12.31 -37.57 26.47
N ILE B 375 -11.53 -38.42 27.15
CA ILE B 375 -10.14 -38.59 26.79
C ILE B 375 -10.04 -39.20 25.38
N ILE B 376 -9.02 -38.79 24.64
CA ILE B 376 -8.72 -39.36 23.34
C ILE B 376 -7.31 -39.91 23.35
N THR B 377 -7.19 -41.24 23.20
CA THR B 377 -5.90 -41.90 23.23
C THR B 377 -5.42 -42.19 21.80
N GLU B 378 -4.38 -43.02 21.70
CA GLU B 378 -3.80 -43.38 20.40
C GLU B 378 -4.74 -44.30 19.63
N ASN B 379 -4.72 -44.14 18.30
CA ASN B 379 -5.47 -44.98 17.38
C ASN B 379 -6.98 -44.83 17.52
N VAL B 380 -7.45 -43.70 18.06
CA VAL B 380 -8.87 -43.42 18.17
C VAL B 380 -9.30 -42.63 16.95
N LEU B 381 -8.66 -41.48 16.74
CA LEU B 381 -8.92 -40.66 15.56
C LEU B 381 -8.34 -41.36 14.34
N PRO B 382 -9.11 -41.53 13.27
CA PRO B 382 -8.57 -42.26 12.11
C PRO B 382 -7.57 -41.42 11.34
N ASN B 383 -6.72 -42.11 10.59
CA ASN B 383 -5.61 -41.45 9.90
C ASN B 383 -6.04 -40.80 8.60
N SER B 384 -7.32 -40.83 8.26
CA SER B 384 -7.86 -40.09 7.12
C SER B 384 -8.37 -38.70 7.50
N LEU B 385 -8.40 -38.39 8.79
CA LEU B 385 -9.05 -37.17 9.27
C LEU B 385 -8.22 -35.94 8.90
N VAL B 386 -8.89 -34.96 8.28
CA VAL B 386 -8.26 -33.70 7.95
C VAL B 386 -8.78 -32.55 8.79
N HIS B 387 -10.01 -32.64 9.31
CA HIS B 387 -10.71 -31.50 9.91
C HIS B 387 -11.31 -31.92 11.23
N LEU B 388 -10.84 -31.30 12.31
CA LEU B 388 -11.26 -31.65 13.66
C LEU B 388 -11.62 -30.37 14.41
N SER B 389 -12.87 -30.30 14.86
CA SER B 389 -13.37 -29.15 15.62
C SER B 389 -13.86 -29.64 16.97
N PHE B 390 -13.31 -29.10 18.03
CA PHE B 390 -13.80 -29.37 19.37
C PHE B 390 -14.71 -28.23 19.81
N GLY B 391 -15.67 -28.57 20.67
CA GLY B 391 -16.60 -27.61 21.22
C GLY B 391 -16.05 -26.96 22.48
N CYS B 392 -16.91 -26.23 23.17
CA CYS B 392 -16.41 -25.35 24.22
C CYS B 392 -15.85 -26.12 25.41
N GLU B 393 -16.42 -27.27 25.73
CA GLU B 393 -16.12 -27.92 27.01
C GLU B 393 -15.06 -29.01 26.92
N PHE B 394 -14.59 -29.36 25.73
CA PHE B 394 -13.48 -30.31 25.62
C PHE B 394 -12.23 -29.74 26.28
N ASN B 395 -11.64 -30.52 27.18
CA ASN B 395 -10.44 -30.08 27.91
C ASN B 395 -9.64 -31.28 28.39
N GLN B 396 -9.31 -32.18 27.48
CA GLN B 396 -8.52 -33.37 27.80
C GLN B 396 -7.13 -33.28 27.17
N GLU B 397 -6.18 -33.99 27.77
CA GLU B 397 -4.81 -33.99 27.28
C GLU B 397 -4.72 -34.60 25.89
N ILE B 398 -3.83 -34.04 25.07
CA ILE B 398 -3.57 -34.55 23.72
C ILE B 398 -2.12 -35.00 23.67
N ALA B 399 -1.90 -36.31 23.64
CA ALA B 399 -0.57 -36.88 23.70
C ALA B 399 0.02 -37.01 22.29
N GLU B 400 1.20 -37.62 22.20
CA GLU B 400 1.98 -37.61 20.98
C GLU B 400 1.26 -38.21 19.79
N LYS B 401 0.99 -39.52 19.84
CA LYS B 401 0.45 -40.23 18.68
C LYS B 401 -1.07 -40.19 18.62
N VAL B 402 -1.68 -39.09 19.06
CA VAL B 402 -3.13 -38.97 19.08
C VAL B 402 -3.65 -38.33 17.80
N LEU B 403 -3.11 -37.19 17.42
CA LEU B 403 -3.60 -36.46 16.25
C LEU B 403 -3.11 -37.13 14.97
N PRO B 404 -3.98 -37.30 13.98
CA PRO B 404 -3.57 -37.99 12.75
C PRO B 404 -2.55 -37.19 11.98
N ASN B 405 -1.67 -37.90 11.28
CA ASN B 405 -0.68 -37.26 10.42
C ASN B 405 -1.35 -36.46 9.31
N SER B 406 -2.58 -36.83 8.93
CA SER B 406 -3.31 -36.18 7.86
C SER B 406 -3.97 -34.87 8.27
N LEU B 407 -3.93 -34.51 9.55
CA LEU B 407 -4.68 -33.36 10.03
C LEU B 407 -4.15 -32.06 9.45
N THR B 408 -5.05 -31.27 8.85
CA THR B 408 -4.73 -29.94 8.37
C THR B 408 -5.44 -28.82 9.12
N TYR B 409 -6.53 -29.11 9.81
CA TYR B 409 -7.34 -28.09 10.48
C TYR B 409 -7.69 -28.58 11.86
N LEU B 410 -7.20 -27.86 12.88
CA LEU B 410 -7.51 -28.15 14.27
C LEU B 410 -8.09 -26.90 14.92
N GLU B 411 -9.32 -27.03 15.43
CA GLU B 411 -9.98 -25.95 16.16
C GLU B 411 -10.22 -26.44 17.58
N LEU B 412 -9.59 -25.79 18.56
CA LEU B 412 -9.78 -26.09 19.96
C LEU B 412 -10.74 -25.07 20.59
N GLY B 413 -11.56 -25.54 21.53
CA GLY B 413 -12.70 -24.78 22.00
C GLY B 413 -12.43 -23.95 23.24
N HIS B 414 -13.53 -23.37 23.76
CA HIS B 414 -13.48 -22.39 24.84
C HIS B 414 -12.60 -22.85 25.99
N ASN B 415 -12.85 -24.07 26.48
CA ASN B 415 -12.27 -24.48 27.76
C ASN B 415 -10.94 -25.20 27.63
N PHE B 416 -10.48 -25.52 26.42
CA PHE B 416 -9.25 -26.28 26.30
C PHE B 416 -8.06 -25.50 26.85
N ASN B 417 -7.33 -26.10 27.80
CA ASN B 417 -6.16 -25.46 28.38
C ASN B 417 -5.18 -26.54 28.87
N GLN B 418 -4.85 -27.49 28.00
CA GLN B 418 -3.84 -28.49 28.29
C GLN B 418 -2.56 -28.17 27.55
N LYS B 419 -1.45 -28.73 28.01
CA LYS B 419 -0.16 -28.47 27.41
C LYS B 419 -0.03 -29.08 26.03
N ILE B 420 0.76 -28.42 25.18
CA ILE B 420 1.05 -28.88 23.83
C ILE B 420 2.57 -28.97 23.72
N ILE B 421 3.10 -30.18 23.56
CA ILE B 421 4.54 -30.39 23.51
C ILE B 421 4.95 -30.82 22.11
N GLU B 422 6.14 -31.41 21.99
CA GLU B 422 6.81 -31.52 20.70
C GLU B 422 6.03 -32.27 19.62
N ASN B 423 5.95 -33.59 19.74
CA ASN B 423 5.37 -34.41 18.67
C ASN B 423 3.87 -34.63 18.84
N VAL B 424 3.14 -33.60 19.24
CA VAL B 424 1.68 -33.69 19.30
C VAL B 424 1.02 -33.22 18.01
N LEU B 425 1.35 -32.02 17.56
CA LEU B 425 0.73 -31.48 16.35
C LEU B 425 1.38 -32.06 15.11
N PRO B 426 0.61 -32.60 14.17
CA PRO B 426 1.23 -33.27 13.01
C PRO B 426 1.84 -32.28 12.04
N ASN B 427 3.02 -32.62 11.54
CA ASN B 427 3.60 -31.91 10.41
C ASN B 427 2.66 -32.03 9.22
N GLY B 428 2.23 -30.90 8.69
CA GLY B 428 1.15 -30.83 7.72
C GLY B 428 -0.03 -30.01 8.17
N LEU B 429 -0.15 -29.74 9.47
CA LEU B 429 -1.22 -28.90 9.98
C LEU B 429 -1.10 -27.49 9.40
N VAL B 430 -2.21 -26.98 8.88
CA VAL B 430 -2.24 -25.68 8.22
C VAL B 430 -2.95 -24.62 9.08
N HIS B 431 -4.09 -24.97 9.65
N HIS B 431 -4.07 -24.99 9.69
CA HIS B 431 -4.88 -24.05 10.46
CA HIS B 431 -4.89 -24.06 10.47
C HIS B 431 -4.93 -24.55 11.90
C HIS B 431 -4.94 -24.55 11.90
N LEU B 432 -4.55 -23.68 12.84
CA LEU B 432 -4.59 -23.99 14.26
C LEU B 432 -5.23 -22.83 15.01
N SER B 433 -6.25 -23.13 15.82
CA SER B 433 -7.05 -22.12 16.49
C SER B 433 -7.26 -22.52 17.94
N PHE B 434 -6.80 -21.66 18.86
CA PHE B 434 -7.00 -21.85 20.29
C PHE B 434 -8.15 -21.00 20.79
N GLY B 435 -8.92 -21.57 21.73
CA GLY B 435 -10.07 -20.90 22.28
C GLY B 435 -9.74 -19.98 23.45
N CYS B 436 -10.78 -19.60 24.18
CA CYS B 436 -10.66 -18.61 25.25
C CYS B 436 -9.56 -18.96 26.25
N LYS B 437 -9.62 -20.17 26.80
CA LYS B 437 -8.90 -20.48 28.03
C LYS B 437 -7.45 -20.92 27.82
N PHE B 438 -7.04 -21.21 26.58
CA PHE B 438 -5.69 -21.73 26.38
C PHE B 438 -4.63 -20.71 26.77
N ASN B 439 -3.68 -21.14 27.60
CA ASN B 439 -2.62 -20.27 28.10
C ASN B 439 -1.45 -21.10 28.61
N GLN B 440 -0.92 -21.97 27.76
CA GLN B 440 0.25 -22.79 28.06
C GLN B 440 1.42 -22.36 27.19
N GLU B 441 2.63 -22.64 27.67
CA GLU B 441 3.83 -22.24 26.93
C GLU B 441 3.88 -22.93 25.59
N ILE B 442 4.38 -22.20 24.59
CA ILE B 442 4.65 -22.75 23.26
C ILE B 442 6.15 -22.61 23.04
N VAL B 443 6.89 -23.70 23.23
CA VAL B 443 8.33 -23.71 22.98
C VAL B 443 8.56 -24.08 21.52
N GLU B 444 9.83 -24.24 21.13
CA GLU B 444 10.13 -24.47 19.73
C GLU B 444 9.99 -25.95 19.37
N ASN B 445 9.93 -26.20 18.07
CA ASN B 445 9.68 -27.53 17.51
C ASN B 445 8.34 -28.10 17.97
N VAL B 446 7.44 -27.24 18.41
CA VAL B 446 6.07 -27.64 18.74
C VAL B 446 5.12 -27.36 17.59
N LEU B 447 5.12 -26.13 17.10
CA LEU B 447 4.24 -25.77 15.99
C LEU B 447 4.87 -26.24 14.67
N PRO B 448 4.17 -27.05 13.89
CA PRO B 448 4.75 -27.52 12.63
C PRO B 448 4.98 -26.40 11.63
N ASP B 449 6.11 -26.46 10.93
CA ASP B 449 6.45 -25.42 9.97
C ASP B 449 5.44 -25.31 8.84
N SER B 450 4.60 -26.32 8.63
CA SER B 450 3.57 -26.25 7.61
C SER B 450 2.48 -25.24 7.94
N LEU B 451 2.29 -24.92 9.21
CA LEU B 451 1.17 -24.08 9.63
C LEU B 451 1.24 -22.70 9.00
N THR B 452 0.09 -22.23 8.50
CA THR B 452 -0.03 -20.87 7.97
C THR B 452 -0.93 -19.96 8.80
N HIS B 453 -1.98 -20.49 9.41
N HIS B 453 -1.98 -20.50 9.40
CA HIS B 453 -2.93 -19.69 10.17
CA HIS B 453 -2.95 -19.72 10.17
C HIS B 453 -2.89 -20.09 11.64
C HIS B 453 -2.85 -20.10 11.64
N LEU B 454 -2.68 -19.10 12.51
CA LEU B 454 -2.58 -19.33 13.94
C LEU B 454 -3.34 -18.22 14.64
N SER B 455 -4.24 -18.59 15.55
CA SER B 455 -5.01 -17.61 16.31
C SER B 455 -5.14 -18.05 17.76
N PHE B 456 -5.06 -17.10 18.67
CA PHE B 456 -5.19 -17.35 20.09
C PHE B 456 -6.43 -16.67 20.65
N GLY B 457 -6.91 -17.21 21.76
CA GLY B 457 -8.11 -16.72 22.42
C GLY B 457 -7.82 -15.70 23.50
N HIS B 458 -8.81 -15.49 24.37
CA HIS B 458 -8.76 -14.39 25.32
C HIS B 458 -7.55 -14.50 26.25
N CYS B 459 -7.20 -15.70 26.68
CA CYS B 459 -6.32 -15.87 27.83
C CYS B 459 -4.84 -16.03 27.49
N PHE B 460 -4.50 -16.45 26.28
CA PHE B 460 -3.10 -16.72 25.98
C PHE B 460 -2.22 -15.51 26.25
N ASN B 461 -1.19 -15.69 27.07
CA ASN B 461 -0.30 -14.60 27.45
C ASN B 461 1.08 -15.14 27.82
N GLN B 462 1.66 -15.97 26.95
CA GLN B 462 2.99 -16.53 27.16
C GLN B 462 3.99 -15.88 26.20
N LYS B 463 5.25 -15.86 26.63
CA LYS B 463 6.31 -15.30 25.79
C LYS B 463 6.46 -16.12 24.51
N ILE B 464 6.85 -15.45 23.44
CA ILE B 464 7.14 -16.08 22.16
C ILE B 464 8.57 -15.72 21.78
N THR B 465 9.46 -16.71 21.83
CA THR B 465 10.88 -16.51 21.55
C THR B 465 11.20 -16.95 20.13
N GLU B 466 12.50 -17.09 19.83
CA GLU B 466 12.94 -17.32 18.47
C GLU B 466 12.58 -18.74 18.00
N ASN B 467 12.46 -18.88 16.68
CA ASN B 467 12.20 -20.16 16.02
C ASN B 467 11.08 -20.94 16.68
N VAL B 468 10.15 -20.23 17.32
CA VAL B 468 8.94 -20.86 17.81
C VAL B 468 7.86 -20.86 16.74
N LEU B 469 7.64 -19.72 16.09
CA LEU B 469 6.58 -19.61 15.09
C LEU B 469 7.00 -20.28 13.79
N PRO B 470 6.09 -21.02 13.14
CA PRO B 470 6.48 -21.78 11.96
C PRO B 470 6.87 -20.92 10.76
N ASN B 471 7.64 -21.53 9.86
CA ASN B 471 8.20 -20.81 8.72
C ASN B 471 7.12 -20.35 7.76
N SER B 472 6.05 -21.12 7.61
CA SER B 472 5.02 -20.84 6.62
C SER B 472 3.94 -19.89 7.10
N LEU B 473 4.06 -19.37 8.31
CA LEU B 473 2.98 -18.58 8.90
C LEU B 473 2.73 -17.30 8.11
N THR B 474 1.49 -17.14 7.65
CA THR B 474 1.04 -15.90 7.02
C THR B 474 0.10 -15.09 7.88
N TYR B 475 -0.52 -15.69 8.89
CA TYR B 475 -1.61 -15.06 9.64
C TYR B 475 -1.39 -15.34 11.12
N LEU B 476 -1.30 -14.28 11.93
CA LEU B 476 -1.14 -14.41 13.36
C LEU B 476 -2.12 -13.47 14.06
N GLU B 477 -3.05 -14.04 14.82
CA GLU B 477 -4.00 -13.27 15.60
C GLU B 477 -3.80 -13.56 17.08
N LEU B 478 -3.48 -12.53 17.85
CA LEU B 478 -3.32 -12.64 19.30
C LEU B 478 -4.55 -12.08 20.00
N GLY B 479 -4.80 -12.58 21.21
CA GLY B 479 -6.07 -12.37 21.89
C GLY B 479 -6.02 -11.28 22.93
N HIS B 480 -7.12 -11.19 23.70
CA HIS B 480 -7.33 -10.08 24.62
C HIS B 480 -6.13 -9.88 25.54
N ASN B 481 -5.64 -10.94 26.15
CA ASN B 481 -4.69 -10.82 27.25
C ASN B 481 -3.23 -10.85 26.82
N PHE B 482 -2.93 -11.10 25.55
CA PHE B 482 -1.53 -11.19 25.16
C PHE B 482 -0.85 -9.85 25.36
N ASN B 483 0.23 -9.85 26.13
CA ASN B 483 0.99 -8.63 26.39
C ASN B 483 2.44 -8.99 26.72
N GLN B 484 3.11 -9.69 25.81
CA GLN B 484 4.50 -10.03 25.95
C GLN B 484 5.32 -9.32 24.88
N LYS B 485 6.56 -8.99 25.21
CA LYS B 485 7.44 -8.34 24.26
C LYS B 485 7.62 -9.20 23.01
N ILE B 486 7.58 -8.55 21.85
CA ILE B 486 7.91 -9.19 20.58
C ILE B 486 9.28 -8.71 20.18
N ILE B 487 10.24 -9.63 20.09
CA ILE B 487 11.65 -9.30 19.97
C ILE B 487 12.10 -9.65 18.55
N GLU B 488 13.33 -9.23 18.23
CA GLU B 488 13.95 -9.57 16.95
C GLU B 488 13.88 -11.08 16.69
N ASN B 489 13.54 -11.42 15.44
CA ASN B 489 13.62 -12.79 14.96
C ASN B 489 12.65 -13.74 15.66
N VAL B 490 11.44 -13.26 15.96
CA VAL B 490 10.36 -14.11 16.42
C VAL B 490 9.28 -14.26 15.35
N LEU B 491 8.89 -13.17 14.72
CA LEU B 491 7.89 -13.20 13.66
C LEU B 491 8.54 -13.74 12.38
N PRO B 492 7.96 -14.77 11.75
CA PRO B 492 8.61 -15.37 10.58
C PRO B 492 8.48 -14.48 9.35
N ASP B 493 9.24 -14.86 8.32
CA ASP B 493 9.52 -14.01 7.16
C ASP B 493 8.40 -14.00 6.13
N ARG B 494 7.40 -14.87 6.25
CA ARG B 494 6.27 -14.90 5.34
C ARG B 494 5.00 -14.34 5.97
N LEU B 495 5.11 -13.77 7.16
CA LEU B 495 3.95 -13.20 7.86
C LEU B 495 3.42 -11.98 7.12
N THR B 496 2.17 -12.04 6.69
CA THR B 496 1.51 -10.92 6.05
C THR B 496 0.47 -10.23 6.92
N TYR B 497 -0.12 -10.95 7.88
CA TYR B 497 -1.21 -10.42 8.70
C TYR B 497 -0.86 -10.62 10.17
N LEU B 498 -0.87 -9.54 10.93
CA LEU B 498 -0.60 -9.58 12.36
C LEU B 498 -1.62 -8.70 13.06
N GLU B 499 -2.42 -9.31 13.93
CA GLU B 499 -3.41 -8.58 14.72
C GLU B 499 -3.07 -8.70 16.20
N LEU B 500 -2.86 -7.58 16.85
CA LEU B 500 -2.65 -7.56 18.28
C LEU B 500 -3.97 -7.35 19.02
N GLY B 501 -4.05 -7.89 20.23
CA GLY B 501 -5.28 -7.92 20.98
C GLY B 501 -5.39 -6.76 21.97
N HIS B 502 -6.42 -6.85 22.81
CA HIS B 502 -6.78 -5.73 23.68
C HIS B 502 -5.60 -5.24 24.49
N ASP B 503 -4.90 -6.15 25.17
CA ASP B 503 -3.94 -5.75 26.19
C ASP B 503 -2.54 -5.42 25.67
N PHE B 504 -2.20 -5.81 24.44
CA PHE B 504 -0.83 -5.62 23.99
C PHE B 504 -0.45 -4.14 24.03
N ASN B 505 0.65 -3.85 24.73
CA ASN B 505 1.11 -2.47 24.87
C ASN B 505 2.62 -2.47 25.14
N GLN B 506 3.38 -3.11 24.25
CA GLN B 506 4.83 -3.19 24.37
C GLN B 506 5.48 -2.42 23.23
N LYS B 507 6.70 -1.92 23.47
CA LYS B 507 7.44 -1.22 22.43
C LYS B 507 7.76 -2.18 21.28
N ILE B 508 7.72 -1.65 20.07
CA ILE B 508 8.12 -2.38 18.88
C ILE B 508 9.36 -1.69 18.34
N MET B 509 10.50 -2.36 18.41
CA MET B 509 11.76 -1.81 17.96
C MET B 509 12.07 -2.30 16.55
N GLU B 510 13.30 -2.07 16.12
CA GLU B 510 13.66 -2.26 14.72
C GLU B 510 13.84 -3.75 14.41
N ASN B 511 13.69 -4.08 13.13
CA ASN B 511 13.85 -5.44 12.64
C ASN B 511 13.09 -6.43 13.50
N VAL B 512 11.84 -6.11 13.77
CA VAL B 512 10.91 -7.00 14.45
C VAL B 512 9.76 -7.41 13.53
N LEU B 513 9.17 -6.44 12.84
CA LEU B 513 8.06 -6.71 11.93
C LEU B 513 8.61 -7.05 10.56
N PRO B 514 8.33 -8.24 10.03
CA PRO B 514 9.03 -8.68 8.82
C PRO B 514 8.62 -7.87 7.59
N ASN B 515 9.54 -7.81 6.62
CA ASN B 515 9.30 -7.08 5.37
C ASN B 515 8.32 -7.81 4.45
N SER B 516 7.61 -8.81 4.96
CA SER B 516 6.52 -9.44 4.25
C SER B 516 5.16 -8.97 4.75
N LEU B 517 5.13 -8.23 5.85
CA LEU B 517 3.89 -7.85 6.50
C LEU B 517 3.18 -6.76 5.71
N THR B 518 1.93 -7.03 5.34
CA THR B 518 1.11 -6.05 4.65
C THR B 518 0.05 -5.44 5.55
N HIS B 519 -0.48 -6.20 6.51
CA HIS B 519 -1.60 -5.77 7.34
C HIS B 519 -1.19 -5.81 8.80
N LEU B 520 -1.35 -4.68 9.50
CA LEU B 520 -1.06 -4.58 10.92
C LEU B 520 -2.26 -3.93 11.61
N ILE B 521 -2.73 -4.56 12.69
CA ILE B 521 -3.87 -4.09 13.45
C ILE B 521 -3.49 -4.05 14.92
N PHE B 522 -3.50 -2.86 15.50
CA PHE B 522 -3.25 -2.70 16.93
C PHE B 522 -4.55 -2.80 17.70
N GLY B 523 -4.48 -3.39 18.89
CA GLY B 523 -5.63 -3.50 19.76
C GLY B 523 -5.87 -2.26 20.58
N THR B 524 -6.84 -2.37 21.50
CA THR B 524 -7.31 -1.24 22.29
C THR B 524 -6.17 -0.50 22.97
N SER B 525 -5.25 -1.23 23.61
CA SER B 525 -4.37 -0.61 24.59
C SER B 525 -3.07 -0.08 24.01
N PHE B 526 -2.68 -0.47 22.81
CA PHE B 526 -1.38 -0.07 22.31
C PHE B 526 -1.25 1.44 22.26
N ASN B 527 -0.22 1.98 22.93
CA ASN B 527 0.03 3.42 22.92
C ASN B 527 1.52 3.69 23.11
N GLN B 528 2.36 3.06 22.30
CA GLN B 528 3.80 3.28 22.34
C GLN B 528 4.23 4.04 21.09
N ASN B 529 5.16 4.98 21.28
CA ASN B 529 5.61 5.81 20.17
C ASN B 529 6.31 4.95 19.12
N LEU B 530 6.02 5.22 17.85
CA LEU B 530 6.63 4.52 16.73
C LEU B 530 7.72 5.40 16.12
N THR B 531 8.92 4.83 16.00
CA THR B 531 10.06 5.56 15.47
C THR B 531 10.42 5.04 14.07
N GLU B 532 11.56 5.47 13.56
CA GLU B 532 11.91 5.26 12.17
C GLU B 532 12.32 3.81 11.91
N ASN B 533 12.04 3.34 10.69
CA ASN B 533 12.39 2.00 10.24
C ASN B 533 11.90 0.92 11.21
N VAL B 534 10.76 1.17 11.83
CA VAL B 534 10.07 0.16 12.62
C VAL B 534 8.99 -0.53 11.79
N LEU B 535 8.16 0.26 11.12
CA LEU B 535 7.10 -0.29 10.26
C LEU B 535 7.69 -0.71 8.93
N PRO B 536 7.48 -1.95 8.50
CA PRO B 536 8.21 -2.45 7.33
C PRO B 536 7.71 -1.85 6.03
N ASN B 537 8.59 -1.89 5.02
CA ASN B 537 8.33 -1.26 3.73
C ASN B 537 7.39 -2.08 2.85
N SER B 538 6.87 -3.19 3.36
CA SER B 538 5.85 -3.95 2.65
C SER B 538 4.45 -3.63 3.13
N LEU B 539 4.31 -2.82 4.18
CA LEU B 539 3.05 -2.64 4.86
C LEU B 539 2.13 -1.71 4.08
N THR B 540 0.93 -2.19 3.78
CA THR B 540 -0.07 -1.40 3.06
C THR B 540 -1.24 -0.97 3.94
N HIS B 541 -1.53 -1.71 5.01
CA HIS B 541 -2.71 -1.47 5.83
C HIS B 541 -2.29 -1.35 7.28
N LEU B 542 -2.62 -0.22 7.91
CA LEU B 542 -2.30 0.02 9.32
C LEU B 542 -3.54 0.54 10.03
N THR B 543 -3.95 -0.18 11.08
CA THR B 543 -5.12 0.19 11.86
C THR B 543 -4.70 0.36 13.31
N PHE B 544 -4.93 1.54 13.86
CA PHE B 544 -4.64 1.81 15.26
C PHE B 544 -5.87 1.53 16.12
N GLY B 545 -5.60 1.16 17.36
CA GLY B 545 -6.66 0.84 18.31
C GLY B 545 -7.16 2.05 19.06
N THR B 546 -7.95 1.77 20.09
CA THR B 546 -8.61 2.82 20.86
C THR B 546 -7.60 3.86 21.37
N CYS B 547 -6.53 3.42 22.02
CA CYS B 547 -5.74 4.30 22.86
C CYS B 547 -4.57 4.98 22.16
N PHE B 548 -4.16 4.54 20.97
CA PHE B 548 -2.94 5.08 20.38
C PHE B 548 -3.06 6.58 20.22
N ASN B 549 -2.21 7.32 20.93
CA ASN B 549 -2.20 8.77 20.84
C ASN B 549 -0.77 9.31 20.98
N GLN B 550 0.12 8.85 20.11
CA GLN B 550 1.49 9.32 20.04
C GLN B 550 1.70 10.14 18.77
N LYS B 551 2.61 11.10 18.83
CA LYS B 551 2.89 11.88 17.63
C LYS B 551 3.68 11.05 16.62
N ILE B 552 3.32 11.19 15.35
CA ILE B 552 4.01 10.55 14.25
C ILE B 552 4.81 11.62 13.51
N ILE B 553 6.11 11.41 13.42
CA ILE B 553 7.00 12.35 12.72
C ILE B 553 7.40 11.75 11.38
N GLU B 554 8.30 12.43 10.67
CA GLU B 554 8.68 12.03 9.32
C GLU B 554 9.38 10.67 9.32
N ASN B 555 9.19 9.95 8.21
CA ASN B 555 9.90 8.70 7.95
C ASN B 555 9.58 7.63 8.99
N VAL B 556 8.38 7.69 9.54
CA VAL B 556 7.85 6.64 10.40
C VAL B 556 6.87 5.76 9.65
N LEU B 557 5.91 6.37 8.96
CA LEU B 557 4.94 5.64 8.14
C LEU B 557 5.61 5.20 6.84
N PRO B 558 5.53 3.92 6.48
CA PRO B 558 6.31 3.44 5.33
C PRO B 558 5.74 3.93 4.01
N ASN B 559 6.61 3.91 3.00
CA ASN B 559 6.27 4.43 1.68
C ASN B 559 5.41 3.48 0.86
N SER B 560 5.06 2.33 1.41
CA SER B 560 4.14 1.40 0.77
C SER B 560 2.71 1.57 1.27
N LEU B 561 2.49 2.35 2.31
CA LEU B 561 1.22 2.37 3.00
C LEU B 561 0.12 3.01 2.15
N THR B 562 -1.00 2.31 2.04
CA THR B 562 -2.17 2.79 1.31
C THR B 562 -3.37 3.07 2.19
N HIS B 563 -3.55 2.33 3.29
CA HIS B 563 -4.73 2.43 4.13
C HIS B 563 -4.31 2.70 5.56
N LEU B 564 -4.70 3.86 6.09
CA LEU B 564 -4.37 4.26 7.45
C LEU B 564 -5.63 4.61 8.20
N GLU B 565 -5.84 3.98 9.35
CA GLU B 565 -7.01 4.24 10.18
C GLU B 565 -6.54 4.54 11.60
N PHE B 566 -6.74 5.78 12.03
CA PHE B 566 -6.50 6.14 13.43
C PHE B 566 -7.70 5.76 14.28
N GLY B 567 -7.42 5.50 15.56
CA GLY B 567 -8.45 5.07 16.48
C GLY B 567 -9.09 6.22 17.22
N PRO B 568 -10.04 5.89 18.09
CA PRO B 568 -10.78 6.94 18.83
C PRO B 568 -9.94 8.06 19.41
N LYS B 569 -8.88 7.75 20.15
CA LYS B 569 -8.23 8.77 20.96
C LYS B 569 -7.08 9.50 20.26
N PHE B 570 -6.71 9.11 19.04
CA PHE B 570 -5.59 9.77 18.40
C PHE B 570 -5.93 11.22 18.09
N ASN B 571 -5.13 12.15 18.60
CA ASN B 571 -5.39 13.57 18.40
C ASN B 571 -4.07 14.34 18.45
N GLN B 572 -3.17 14.05 17.52
CA GLN B 572 -1.87 14.70 17.42
C GLN B 572 -1.78 15.47 16.11
N LYS B 573 -1.03 16.58 16.14
CA LYS B 573 -0.80 17.33 14.92
C LYS B 573 -0.07 16.50 13.88
N ILE B 574 -0.47 16.68 12.63
CA ILE B 574 0.17 16.05 11.48
C ILE B 574 0.70 17.17 10.58
N THR B 575 2.00 17.16 10.34
CA THR B 575 2.69 18.21 9.59
C THR B 575 3.13 17.67 8.23
N GLU B 576 3.92 18.46 7.52
CA GLU B 576 4.36 18.07 6.18
C GLU B 576 5.18 16.79 6.22
N ASN B 577 5.04 16.00 5.15
CA ASN B 577 5.95 14.89 4.82
C ASN B 577 5.96 13.79 5.87
N VAL B 578 4.90 13.66 6.66
CA VAL B 578 4.76 12.53 7.57
C VAL B 578 3.81 11.49 6.99
N LEU B 579 2.72 11.93 6.38
CA LEU B 579 1.82 11.04 5.66
C LEU B 579 2.49 10.61 4.36
N PRO B 580 2.60 9.30 4.09
CA PRO B 580 3.29 8.87 2.87
C PRO B 580 2.50 9.18 1.60
N ASN B 581 3.23 9.39 0.51
CA ASN B 581 2.59 9.73 -0.76
C ASN B 581 1.82 8.56 -1.35
N SER B 582 2.10 7.33 -0.93
CA SER B 582 1.38 6.16 -1.42
C SER B 582 -0.05 6.11 -0.90
N LEU B 583 -0.37 6.84 0.17
CA LEU B 583 -1.64 6.68 0.85
C LEU B 583 -2.81 6.98 -0.08
N THR B 584 -3.81 6.10 -0.03
CA THR B 584 -5.05 6.30 -0.80
C THR B 584 -6.28 6.41 0.07
N HIS B 585 -6.30 5.77 1.25
CA HIS B 585 -7.44 5.79 2.15
C HIS B 585 -6.97 6.21 3.54
N LEU B 586 -7.55 7.30 4.05
CA LEU B 586 -7.19 7.81 5.37
C LEU B 586 -8.47 8.01 6.18
N THR B 587 -8.49 7.47 7.39
CA THR B 587 -9.63 7.58 8.29
C THR B 587 -9.15 8.04 9.65
N PHE B 588 -9.69 9.17 10.12
CA PHE B 588 -9.44 9.62 11.47
C PHE B 588 -10.48 9.08 12.44
N GLY B 589 -10.07 8.91 13.69
CA GLY B 589 -10.93 8.41 14.74
C GLY B 589 -11.76 9.51 15.39
N THR B 590 -12.45 9.11 16.46
CA THR B 590 -13.47 9.97 17.06
C THR B 590 -12.93 11.34 17.45
N SER B 591 -11.75 11.39 18.06
CA SER B 591 -11.32 12.58 18.76
C SER B 591 -10.33 13.45 18.00
N PHE B 592 -9.92 13.06 16.79
CA PHE B 592 -8.99 13.90 16.05
C PHE B 592 -9.62 15.24 15.72
N ASN B 593 -8.97 16.33 16.13
CA ASN B 593 -9.49 17.67 15.90
C ASN B 593 -8.33 18.66 15.81
N GLN B 594 -7.43 18.46 14.85
CA GLN B 594 -6.27 19.30 14.65
C GLN B 594 -6.38 20.01 13.30
N LYS B 595 -5.80 21.21 13.22
CA LYS B 595 -5.82 21.96 11.98
C LYS B 595 -4.91 21.29 10.95
N ILE B 596 -5.38 21.26 9.70
CA ILE B 596 -4.65 20.64 8.59
C ILE B 596 -4.26 21.73 7.60
N THR B 597 -2.96 21.93 7.42
CA THR B 597 -2.41 22.93 6.53
C THR B 597 -2.03 22.31 5.18
N GLU B 598 -1.42 23.11 4.32
CA GLU B 598 -1.11 22.66 2.96
C GLU B 598 0.03 21.66 2.95
N ASN B 599 0.01 20.79 1.93
CA ASN B 599 1.08 19.83 1.68
C ASN B 599 1.19 18.80 2.81
N VAL B 600 0.07 18.54 3.48
CA VAL B 600 0.01 17.55 4.55
C VAL B 600 -0.69 16.28 4.08
N LEU B 601 -1.85 16.43 3.46
CA LEU B 601 -2.57 15.29 2.93
C LEU B 601 -1.97 14.88 1.60
N PRO B 602 -1.53 13.63 1.43
CA PRO B 602 -0.98 13.21 0.14
C PRO B 602 -1.96 13.49 -1.00
N ASN B 603 -1.46 14.11 -2.06
CA ASN B 603 -2.34 14.52 -3.16
C ASN B 603 -2.99 13.32 -3.86
N GLY B 604 -2.36 12.15 -3.81
CA GLY B 604 -2.93 10.97 -4.43
C GLY B 604 -4.02 10.28 -3.64
N LEU B 605 -4.36 10.84 -2.47
CA LEU B 605 -5.40 10.29 -1.63
C LEU B 605 -6.75 10.37 -2.35
N THR B 606 -7.50 9.28 -2.32
CA THR B 606 -8.84 9.25 -2.90
C THR B 606 -9.95 9.24 -1.87
N TYR B 607 -9.72 8.65 -0.70
CA TYR B 607 -10.75 8.54 0.33
C TYR B 607 -10.26 9.18 1.62
N LEU B 608 -10.99 10.19 2.10
CA LEU B 608 -10.68 10.89 3.33
C LEU B 608 -11.92 10.91 4.19
N THR B 609 -11.80 10.43 5.43
CA THR B 609 -12.91 10.41 6.37
C THR B 609 -12.46 11.02 7.68
N PHE B 610 -13.09 12.13 8.07
CA PHE B 610 -12.91 12.70 9.38
C PHE B 610 -13.91 12.10 10.37
N GLY B 611 -13.52 12.08 11.62
CA GLY B 611 -14.30 11.50 12.69
C GLY B 611 -15.24 12.48 13.35
N LEU B 612 -15.72 12.09 14.53
CA LEU B 612 -16.83 12.79 15.16
C LEU B 612 -16.48 14.24 15.48
N ARG B 613 -15.32 14.46 16.08
CA ARG B 613 -15.03 15.75 16.71
C ARG B 613 -14.29 16.73 15.80
N PHE B 614 -13.90 16.33 14.59
CA PHE B 614 -13.15 17.24 13.74
C PHE B 614 -14.02 18.43 13.33
N ASN B 615 -13.49 19.63 13.48
CA ASN B 615 -14.26 20.84 13.24
C ASN B 615 -13.30 22.01 13.05
N GLN B 616 -12.38 21.87 12.10
CA GLN B 616 -11.41 22.90 11.76
C GLN B 616 -11.65 23.36 10.33
N LYS B 617 -11.39 24.65 10.08
CA LYS B 617 -11.63 25.20 8.75
C LYS B 617 -10.74 24.51 7.72
N ILE B 618 -11.27 24.36 6.51
CA ILE B 618 -10.55 23.78 5.39
C ILE B 618 -10.24 24.92 4.42
N THR B 619 -8.95 25.19 4.20
CA THR B 619 -8.54 26.25 3.31
C THR B 619 -8.04 25.67 1.98
N GLU B 620 -7.65 26.56 1.07
CA GLU B 620 -7.30 26.16 -0.28
C GLU B 620 -6.03 25.33 -0.31
N ASN B 621 -5.95 24.45 -1.31
CA ASN B 621 -4.78 23.61 -1.55
C ASN B 621 -4.44 22.74 -0.36
N VAL B 622 -5.43 22.43 0.47
CA VAL B 622 -5.27 21.50 1.57
C VAL B 622 -5.76 20.12 1.20
N LEU B 623 -6.93 20.03 0.55
CA LEU B 623 -7.49 18.73 0.22
C LEU B 623 -6.75 18.11 -0.97
N PRO B 624 -6.59 16.79 -0.98
CA PRO B 624 -5.82 16.15 -2.06
C PRO B 624 -6.44 16.39 -3.42
N CYS B 625 -5.56 16.57 -4.42
CA CYS B 625 -6.01 16.83 -5.78
C CYS B 625 -6.63 15.62 -6.46
N SER B 626 -6.48 14.42 -5.89
CA SER B 626 -7.09 13.22 -6.45
C SER B 626 -8.33 12.78 -5.69
N LEU B 627 -8.72 13.49 -4.65
CA LEU B 627 -9.74 12.99 -3.73
C LEU B 627 -11.10 12.88 -4.40
N THR B 628 -11.78 11.76 -4.16
CA THR B 628 -13.09 11.50 -4.72
C THR B 628 -14.20 11.36 -3.69
N HIS B 629 -13.88 11.00 -2.44
CA HIS B 629 -14.90 10.72 -1.43
C HIS B 629 -14.46 11.35 -0.12
N LEU B 630 -15.19 12.38 0.30
CA LEU B 630 -14.87 13.15 1.50
C LEU B 630 -16.02 13.02 2.48
N THR B 631 -15.70 12.54 3.68
CA THR B 631 -16.70 12.30 4.71
C THR B 631 -16.33 13.08 5.96
N PHE B 632 -17.27 13.89 6.44
CA PHE B 632 -17.11 14.63 7.68
C PHE B 632 -17.97 14.02 8.78
N GLY B 633 -17.66 14.40 10.01
CA GLY B 633 -18.30 13.84 11.18
C GLY B 633 -19.46 14.68 11.70
N TRP B 634 -19.98 14.24 12.84
CA TRP B 634 -21.14 14.87 13.46
C TRP B 634 -20.89 16.35 13.71
N TYR B 635 -19.76 16.69 14.32
CA TYR B 635 -19.53 18.03 14.84
C TYR B 635 -18.92 18.99 13.83
N PHE B 636 -18.67 18.57 12.58
CA PHE B 636 -18.06 19.47 11.62
C PHE B 636 -19.06 20.55 11.20
N ASN B 637 -18.67 21.81 11.36
CA ASN B 637 -19.57 22.96 11.24
C ASN B 637 -18.81 24.15 10.67
N GLN B 638 -18.28 24.00 9.46
CA GLN B 638 -17.49 25.03 8.82
C GLN B 638 -17.95 25.25 7.39
N GLU B 639 -17.85 26.49 6.92
CA GLU B 639 -18.24 26.82 5.56
C GLU B 639 -17.27 26.21 4.56
N LEU B 640 -17.82 25.44 3.61
CA LEU B 640 -17.06 24.96 2.46
C LEU B 640 -17.35 25.85 1.25
N THR B 641 -16.30 26.15 0.49
CA THR B 641 -16.40 26.87 -0.77
C THR B 641 -15.95 25.96 -1.92
N GLU B 642 -16.37 26.31 -3.15
CA GLU B 642 -16.03 25.47 -4.28
C GLU B 642 -14.53 25.51 -4.61
N ASN B 643 -13.86 26.63 -4.35
CA ASN B 643 -12.44 26.73 -4.65
C ASN B 643 -11.58 25.96 -3.66
N VAL B 644 -12.18 25.33 -2.66
CA VAL B 644 -11.46 24.59 -1.62
C VAL B 644 -11.57 23.10 -1.92
N LEU B 645 -12.66 22.70 -2.57
CA LEU B 645 -12.89 21.29 -2.88
C LEU B 645 -12.19 20.94 -4.20
N PRO B 646 -11.48 19.82 -4.27
CA PRO B 646 -10.84 19.45 -5.54
C PRO B 646 -11.84 19.04 -6.61
N ASP B 647 -11.46 19.29 -7.87
CA ASP B 647 -12.35 19.03 -8.98
C ASP B 647 -12.69 17.55 -9.13
N THR B 648 -11.86 16.65 -8.61
CA THR B 648 -12.10 15.22 -8.72
C THR B 648 -13.24 14.74 -7.84
N LEU B 649 -13.70 15.56 -6.88
CA LEU B 649 -14.63 15.09 -5.87
C LEU B 649 -15.89 14.51 -6.51
N LYS B 650 -16.33 13.37 -5.99
CA LYS B 650 -17.56 12.75 -6.45
C LYS B 650 -18.66 12.75 -5.39
N VAL B 651 -18.32 12.50 -4.13
CA VAL B 651 -19.31 12.35 -3.07
C VAL B 651 -18.83 13.06 -1.82
N LEU B 652 -19.69 13.93 -1.27
CA LEU B 652 -19.47 14.60 0.00
C LEU B 652 -20.48 14.10 1.01
N LYS B 653 -20.01 13.57 2.14
CA LYS B 653 -20.88 13.08 3.20
C LYS B 653 -20.89 14.10 4.33
N ILE B 654 -22.10 14.49 4.75
CA ILE B 654 -22.32 15.64 5.60
C ILE B 654 -23.42 15.33 6.62
N TYR B 655 -23.31 15.94 7.79
CA TYR B 655 -24.38 15.87 8.79
C TYR B 655 -25.51 16.81 8.36
N TYR B 656 -26.72 16.27 8.21
CA TYR B 656 -27.84 17.09 7.78
C TYR B 656 -27.98 18.33 8.65
N GLY B 657 -27.88 18.16 9.97
CA GLY B 657 -28.17 19.26 10.88
C GLY B 657 -27.41 20.53 10.59
N ASN B 658 -26.23 20.41 10.00
CA ASN B 658 -25.37 21.57 9.76
C ASN B 658 -25.29 21.97 8.30
N LYS B 659 -26.07 21.35 7.41
CA LYS B 659 -25.90 21.57 5.98
C LYS B 659 -25.96 23.06 5.64
N ASP B 660 -26.95 23.77 6.19
CA ASP B 660 -27.14 25.17 5.85
C ASP B 660 -25.91 26.00 6.15
N ILE B 661 -25.10 25.58 7.12
CA ILE B 661 -23.88 26.29 7.45
C ILE B 661 -22.73 25.84 6.55
N ILE B 662 -22.68 24.55 6.23
CA ILE B 662 -21.56 24.04 5.45
C ILE B 662 -21.70 24.42 3.99
N LEU B 663 -22.94 24.45 3.49
CA LEU B 663 -23.23 24.71 2.09
C LEU B 663 -23.72 26.13 1.85
N LYS B 664 -23.52 27.03 2.83
CA LYS B 664 -23.90 28.42 2.67
C LYS B 664 -23.44 28.97 1.34
N ASN B 665 -22.17 28.78 1.00
CA ASN B 665 -21.54 29.38 -0.16
C ASN B 665 -21.36 28.41 -1.32
N ILE B 666 -22.33 27.52 -1.53
CA ILE B 666 -22.23 26.50 -2.58
C ILE B 666 -23.60 26.35 -3.23
N ASP B 667 -23.68 26.68 -4.51
CA ASP B 667 -24.91 26.47 -5.29
C ASP B 667 -25.09 24.97 -5.50
N THR B 668 -25.97 24.36 -4.70
CA THR B 668 -26.24 22.93 -4.84
C THR B 668 -26.72 22.57 -6.23
N SER B 669 -27.15 23.55 -7.03
CA SER B 669 -27.69 23.31 -8.35
C SER B 669 -26.65 23.42 -9.45
N LYS B 670 -25.37 23.56 -9.11
CA LYS B 670 -24.33 23.71 -10.10
C LYS B 670 -23.09 22.86 -9.80
N ILE B 671 -23.14 22.01 -8.78
CA ILE B 671 -21.96 21.21 -8.44
C ILE B 671 -21.92 19.95 -9.31
N LYS B 672 -20.73 19.39 -9.45
CA LYS B 672 -20.54 18.15 -10.19
C LYS B 672 -20.54 16.92 -9.29
N PHE B 673 -20.51 17.10 -7.98
CA PHE B 673 -20.45 15.99 -7.05
C PHE B 673 -21.80 15.82 -6.35
N LYS B 674 -21.92 14.69 -5.66
CA LYS B 674 -23.15 14.28 -4.99
C LYS B 674 -22.97 14.42 -3.48
N ILE B 675 -24.00 14.90 -2.81
CA ILE B 675 -23.96 15.15 -1.38
C ILE B 675 -24.79 14.09 -0.67
N GLU B 676 -24.16 13.37 0.25
CA GLU B 676 -24.82 12.37 1.08
C GLU B 676 -24.96 12.91 2.49
N TYR B 677 -26.17 12.86 3.03
CA TYR B 677 -26.46 13.32 4.37
C TYR B 677 -26.64 12.14 5.32
N PHE B 678 -26.32 12.38 6.60
CA PHE B 678 -26.65 11.44 7.66
C PHE B 678 -27.32 12.21 8.81
N ASN B 679 -28.08 11.48 9.62
CA ASN B 679 -28.81 12.04 10.75
C ASN B 679 -28.27 11.48 12.07
N LYS B 680 -28.76 12.04 13.18
CA LYS B 680 -28.52 11.46 14.49
C LYS B 680 -29.69 10.57 14.91
C1 GOL C . 25.69 -25.78 -20.43
O1 GOL C . 27.06 -25.91 -20.66
C2 GOL C . 25.34 -24.30 -20.64
O2 GOL C . 26.47 -23.49 -20.62
C3 GOL C . 24.61 -24.25 -21.99
O3 GOL C . 24.64 -22.90 -22.40
H11 GOL C . 25.44 -26.05 -19.54
H12 GOL C . 25.16 -26.33 -21.03
HO1 GOL C . 27.39 -25.12 -20.63
H2 GOL C . 24.76 -23.99 -19.93
H31 GOL C . 23.72 -24.60 -21.88
H32 GOL C . 25.05 -24.85 -22.61
C1 GOL D . 6.26 -19.12 -2.55
O1 GOL D . 6.66 -18.30 -3.63
C2 GOL D . 6.56 -20.58 -2.92
O2 GOL D . 5.89 -21.46 -2.04
C3 GOL D . 6.08 -20.78 -4.35
O3 GOL D . 6.47 -22.09 -4.69
H11 GOL D . 5.32 -19.03 -2.35
H12 GOL D . 6.73 -18.90 -1.73
HO1 GOL D . 6.54 -17.49 -3.38
H2 GOL D . 7.52 -20.74 -2.85
HO2 GOL D . 6.01 -22.25 -2.33
H31 GOL D . 6.49 -20.10 -4.91
H32 GOL D . 5.13 -20.63 -4.39
C1 GOL E . 9.99 33.07 9.87
O1 GOL E . 9.12 33.37 10.91
C2 GOL E . 11.15 34.10 9.92
O2 GOL E . 11.78 34.09 11.14
C3 GOL E . 12.06 33.67 8.76
O3 GOL E . 12.98 34.70 8.57
H11 GOL E . 9.57 33.11 8.99
H12 GOL E . 10.35 32.17 9.94
HO1 GOL E . 9.59 33.68 11.54
H2 GOL E . 10.82 35.00 9.80
HO2 GOL E . 12.41 34.67 11.11
H31 GOL E . 11.52 33.48 7.98
H32 GOL E . 12.48 32.82 8.98
HO3 GOL E . 13.51 34.69 9.24
C1 GOL F . 15.82 14.39 -24.19
O1 GOL F . 16.07 14.74 -25.55
C2 GOL F . 15.86 12.89 -24.13
O2 GOL F . 14.70 12.33 -24.74
C3 GOL F . 15.99 12.44 -22.69
O3 GOL F . 16.49 13.49 -21.91
H11 GOL F . 14.96 14.70 -23.88
H12 GOL F . 16.48 14.76 -23.59
HO1 GOL F . 15.66 15.47 -25.70
H2 GOL F . 16.64 12.59 -24.63
HO2 GOL F . 14.85 11.51 -24.89
H31 GOL F . 16.55 11.65 -22.66
H32 GOL F . 15.12 12.14 -22.38
HO3 GOL F . 17.35 13.43 -21.95
C1 GOL G . -52.74 -6.91 4.79
O1 GOL G . -52.47 -5.61 4.30
C2 GOL G . -51.56 -7.80 4.34
O2 GOL G . -50.81 -8.25 5.42
C3 GOL G . -52.23 -8.94 3.58
O3 GOL G . -51.21 -9.71 2.98
H11 GOL G . -53.57 -7.27 4.45
H12 GOL G . -52.81 -6.94 5.75
HO1 GOL G . -53.13 -5.13 4.55
H2 GOL G . -50.95 -7.31 3.77
HO2 GOL G . -50.01 -8.35 5.16
H31 GOL G . -52.86 -8.57 2.93
H32 GOL G . -52.79 -9.46 4.19
HO3 GOL G . -50.47 -9.39 3.26
#